data_2KLU
#
_entry.id   2KLU
#
_entity_poly.entity_id   1
_entity_poly.type   'polypeptide(L)'
_entity_poly.pdbx_seq_one_letter_code
;GPLVPRGSMALIVLGGVAGLLLFIGLGIFFSVRSRHRRRQAERMSQIKRLLSEKKTSQSPHRFQKTHSPI
;
_entity_poly.pdbx_strand_id   A
#
# COMPACT_ATOMS: atom_id res chain seq x y z
N GLY A 1 -0.18 -11.33 -34.28
CA GLY A 1 -0.89 -10.10 -34.58
C GLY A 1 -0.30 -9.40 -35.81
N PRO A 2 -1.11 -8.49 -36.40
CA PRO A 2 -0.68 -7.74 -37.57
C PRO A 2 0.33 -6.65 -37.18
N LEU A 3 0.81 -5.95 -38.20
CA LEU A 3 1.77 -4.87 -37.98
C LEU A 3 1.01 -3.57 -37.70
N VAL A 4 -0.31 -3.66 -37.76
CA VAL A 4 -1.15 -2.50 -37.51
C VAL A 4 -1.95 -2.73 -36.22
N PRO A 5 -2.34 -1.58 -35.58
CA PRO A 5 -3.10 -1.64 -34.36
C PRO A 5 -4.56 -2.04 -34.63
N ARG A 6 -4.90 -3.24 -34.22
CA ARG A 6 -6.25 -3.75 -34.41
C ARG A 6 -7.20 -3.13 -33.38
N GLY A 7 -8.31 -2.61 -33.89
CA GLY A 7 -9.31 -1.98 -33.03
C GLY A 7 -10.14 -3.05 -32.31
N SER A 8 -11.15 -2.57 -31.60
CA SER A 8 -12.03 -3.45 -30.86
C SER A 8 -11.24 -4.24 -29.82
N MET A 9 -11.95 -4.69 -28.80
CA MET A 9 -11.33 -5.46 -27.74
C MET A 9 -10.56 -4.55 -26.78
N ALA A 10 -9.65 -3.76 -27.36
CA ALA A 10 -8.85 -2.84 -26.58
C ALA A 10 -9.68 -1.61 -26.24
N LEU A 11 -10.69 -1.37 -27.07
CA LEU A 11 -11.57 -0.23 -26.86
C LEU A 11 -12.30 -0.38 -25.53
N ILE A 12 -12.87 -1.56 -25.34
CA ILE A 12 -13.60 -1.85 -24.11
C ILE A 12 -12.63 -1.86 -22.93
N VAL A 13 -11.50 -2.52 -23.15
CA VAL A 13 -10.48 -2.61 -22.11
C VAL A 13 -9.97 -1.21 -21.77
N LEU A 14 -9.53 -0.50 -22.81
CA LEU A 14 -9.02 0.84 -22.63
C LEU A 14 -9.98 1.64 -21.75
N GLY A 15 -11.25 1.57 -22.11
CA GLY A 15 -12.28 2.28 -21.35
C GLY A 15 -12.30 1.82 -19.90
N GLY A 16 -12.09 0.53 -19.70
CA GLY A 16 -12.08 -0.04 -18.36
C GLY A 16 -10.76 0.22 -17.66
N VAL A 17 -9.78 0.66 -18.45
CA VAL A 17 -8.46 0.96 -17.92
C VAL A 17 -8.35 2.46 -17.65
N ALA A 18 -8.88 3.24 -18.58
CA ALA A 18 -8.85 4.69 -18.45
C ALA A 18 -9.15 5.07 -17.00
N GLY A 19 -10.37 4.77 -16.58
CA GLY A 19 -10.79 5.08 -15.23
C GLY A 19 -9.76 4.59 -14.21
N LEU A 20 -9.45 3.31 -14.29
CA LEU A 20 -8.48 2.71 -13.39
C LEU A 20 -7.20 3.54 -13.38
N LEU A 21 -6.71 3.81 -14.59
CA LEU A 21 -5.50 4.60 -14.75
C LEU A 21 -5.63 5.89 -13.93
N LEU A 22 -6.84 6.43 -13.93
CA LEU A 22 -7.11 7.66 -13.21
C LEU A 22 -6.81 7.46 -11.73
N PHE A 23 -7.72 6.74 -11.08
CA PHE A 23 -7.57 6.45 -9.65
C PHE A 23 -6.15 5.99 -9.34
N ILE A 24 -5.56 5.27 -10.29
CA ILE A 24 -4.21 4.76 -10.12
C ILE A 24 -3.23 5.93 -10.06
N GLY A 25 -3.18 6.68 -11.15
CA GLY A 25 -2.29 7.83 -11.23
C GLY A 25 -2.64 8.86 -10.16
N LEU A 26 -3.90 8.83 -9.74
CA LEU A 26 -4.37 9.76 -8.73
C LEU A 26 -3.98 9.23 -7.34
N GLY A 27 -4.05 7.91 -7.20
CA GLY A 27 -3.71 7.27 -5.94
C GLY A 27 -2.24 7.47 -5.60
N ILE A 28 -1.41 7.38 -6.64
CA ILE A 28 0.03 7.54 -6.47
C ILE A 28 0.35 9.04 -6.31
N PHE A 29 0.01 9.79 -7.34
CA PHE A 29 0.26 11.22 -7.32
C PHE A 29 -0.07 11.82 -5.95
N PHE A 30 -1.21 11.41 -5.41
CA PHE A 30 -1.64 11.89 -4.12
C PHE A 30 -0.65 11.49 -3.02
N SER A 31 -0.21 10.24 -3.10
CA SER A 31 0.74 9.72 -2.12
C SER A 31 2.16 10.11 -2.51
N VAL A 32 2.33 11.40 -2.75
CA VAL A 32 3.64 11.93 -3.13
C VAL A 32 3.83 13.31 -2.50
N ARG A 33 3.02 14.24 -2.97
CA ARG A 33 3.09 15.61 -2.47
C ARG A 33 3.22 15.61 -0.95
N SER A 34 2.25 14.97 -0.29
CA SER A 34 2.25 14.89 1.15
C SER A 34 2.24 13.43 1.59
N ARG A 35 2.48 13.22 2.89
CA ARG A 35 2.49 11.89 3.45
C ARG A 35 1.07 11.33 3.52
N HIS A 36 0.24 12.02 4.28
CA HIS A 36 -1.15 11.61 4.45
C HIS A 36 -1.84 12.55 5.44
N ARG A 37 -1.90 13.82 5.08
CA ARG A 37 -2.53 14.81 5.93
C ARG A 37 -3.98 15.04 5.49
N ARG A 38 -4.87 14.25 6.07
CA ARG A 38 -6.28 14.36 5.74
C ARG A 38 -7.06 14.96 6.93
N ARG A 39 -7.12 16.29 6.93
CA ARG A 39 -7.82 17.00 7.98
C ARG A 39 -7.07 16.87 9.31
N GLN A 40 -7.20 15.69 9.90
CA GLN A 40 -6.55 15.42 11.17
C GLN A 40 -6.01 13.98 11.20
N ALA A 41 -4.95 13.77 10.44
CA ALA A 41 -4.33 12.45 10.37
C ALA A 41 -2.81 12.58 10.47
N GLU A 42 -2.23 13.01 9.37
CA GLU A 42 -0.78 13.19 9.32
C GLU A 42 -0.07 11.98 9.92
N ARG A 43 0.24 12.09 11.20
CA ARG A 43 0.92 11.02 11.92
C ARG A 43 0.58 11.07 13.41
N MET A 44 -0.69 11.32 13.68
CA MET A 44 -1.15 11.40 15.06
C MET A 44 -2.19 10.31 15.36
N SER A 45 -2.15 9.82 16.59
CA SER A 45 -3.07 8.79 17.01
C SER A 45 -2.51 7.40 16.62
N GLN A 46 -2.09 7.30 15.37
CA GLN A 46 -1.54 6.05 14.87
C GLN A 46 -0.09 5.89 15.34
N ILE A 47 0.62 7.00 15.38
CA ILE A 47 2.01 6.98 15.81
C ILE A 47 2.06 7.10 17.34
N LYS A 48 1.11 7.85 17.88
CA LYS A 48 1.04 8.03 19.31
C LYS A 48 1.20 6.68 20.02
N ARG A 49 0.26 5.79 19.72
CA ARG A 49 0.28 4.47 20.31
C ARG A 49 1.56 3.72 19.91
N LEU A 50 1.81 3.70 18.62
CA LEU A 50 2.99 3.04 18.10
C LEU A 50 4.18 3.30 19.01
N LEU A 51 4.34 4.57 19.35
CA LEU A 51 5.42 4.98 20.23
C LEU A 51 5.03 4.72 21.68
N SER A 52 3.79 5.06 22.00
CA SER A 52 3.28 4.86 23.35
C SER A 52 3.81 3.54 23.91
N GLU A 53 4.02 2.59 23.02
CA GLU A 53 4.51 1.28 23.41
C GLU A 53 5.79 0.95 22.65
N LYS A 54 6.89 0.97 23.37
CA LYS A 54 8.19 0.67 22.77
C LYS A 54 8.09 -0.62 21.95
N LYS A 55 7.71 -1.68 22.64
CA LYS A 55 7.56 -2.98 21.99
C LYS A 55 6.09 -3.22 21.68
N THR A 56 5.85 -4.02 20.65
CA THR A 56 4.50 -4.34 20.23
C THR A 56 3.75 -5.05 21.36
N SER A 57 2.48 -5.34 21.10
CA SER A 57 1.65 -6.01 22.08
C SER A 57 2.20 -7.42 22.36
N GLN A 58 2.73 -7.60 23.56
CA GLN A 58 3.28 -8.88 23.94
C GLN A 58 2.40 -10.02 23.41
N SER A 59 3.06 -11.12 23.08
CA SER A 59 2.36 -12.29 22.56
C SER A 59 3.28 -13.50 22.59
N PRO A 60 2.64 -14.70 22.58
CA PRO A 60 3.39 -15.96 22.60
C PRO A 60 4.02 -16.24 21.23
N HIS A 61 5.32 -15.96 21.15
CA HIS A 61 6.04 -16.18 19.91
C HIS A 61 7.05 -17.31 20.10
N ARG A 62 8.01 -17.06 20.99
CA ARG A 62 9.04 -18.04 21.28
C ARG A 62 9.82 -18.38 20.00
N PHE A 63 11.10 -18.05 20.02
CA PHE A 63 11.95 -18.32 18.89
C PHE A 63 12.55 -19.73 18.96
N GLN A 64 11.86 -20.67 18.35
CA GLN A 64 12.31 -22.05 18.34
C GLN A 64 12.86 -22.43 19.72
N LYS A 65 13.63 -23.51 19.72
CA LYS A 65 14.23 -23.99 20.96
C LYS A 65 15.61 -23.38 21.13
N THR A 66 16.57 -23.93 20.40
CA THR A 66 17.93 -23.46 20.45
C THR A 66 18.38 -23.28 21.91
N HIS A 67 18.74 -24.40 22.52
CA HIS A 67 19.18 -24.38 23.90
C HIS A 67 19.78 -25.74 24.26
N SER A 68 21.10 -25.81 24.19
CA SER A 68 21.81 -27.05 24.52
C SER A 68 23.12 -26.72 25.24
N PRO A 69 23.54 -27.68 26.10
CA PRO A 69 24.78 -27.52 26.85
C PRO A 69 25.99 -27.72 25.96
N ILE A 70 25.95 -28.79 25.18
CA ILE A 70 27.04 -29.12 24.28
C ILE A 70 26.85 -28.35 22.96
N GLY A 1 -8.62 -11.22 -23.44
CA GLY A 1 -8.16 -10.37 -22.36
C GLY A 1 -9.13 -10.41 -21.18
N PRO A 2 -8.87 -11.39 -20.26
CA PRO A 2 -9.71 -11.54 -19.08
C PRO A 2 -9.42 -10.45 -18.05
N LEU A 3 -10.35 -10.29 -17.12
CA LEU A 3 -10.21 -9.29 -16.08
C LEU A 3 -9.60 -9.94 -14.83
N VAL A 4 -9.37 -11.24 -14.94
CA VAL A 4 -8.79 -12.00 -13.83
C VAL A 4 -7.39 -12.49 -14.24
N PRO A 5 -6.55 -12.72 -13.20
CA PRO A 5 -5.19 -13.20 -13.43
C PRO A 5 -5.19 -14.67 -13.82
N ARG A 6 -4.15 -15.06 -14.56
CA ARG A 6 -4.01 -16.44 -15.01
C ARG A 6 -2.63 -16.97 -14.66
N GLY A 7 -1.62 -16.19 -14.99
CA GLY A 7 -0.24 -16.57 -14.72
C GLY A 7 0.73 -15.51 -15.23
N SER A 8 1.80 -15.99 -15.85
CA SER A 8 2.81 -15.09 -16.38
C SER A 8 2.15 -13.99 -17.22
N MET A 9 2.99 -13.09 -17.71
CA MET A 9 2.50 -11.99 -18.52
C MET A 9 1.90 -10.88 -17.66
N ALA A 10 0.99 -11.29 -16.79
CA ALA A 10 0.33 -10.34 -15.90
C ALA A 10 1.25 -10.04 -14.71
N LEU A 11 2.08 -11.03 -14.37
CA LEU A 11 3.00 -10.89 -13.27
C LEU A 11 3.90 -9.67 -13.52
N ILE A 12 4.35 -9.56 -14.76
CA ILE A 12 5.21 -8.44 -15.14
C ILE A 12 4.40 -7.15 -15.17
N VAL A 13 3.21 -7.26 -15.75
CA VAL A 13 2.33 -6.11 -15.85
C VAL A 13 1.98 -5.61 -14.44
N LEU A 14 1.42 -6.51 -13.66
CA LEU A 14 1.04 -6.18 -12.29
C LEU A 14 2.24 -5.56 -11.57
N GLY A 15 3.34 -6.30 -11.61
CA GLY A 15 4.57 -5.84 -10.97
C GLY A 15 4.98 -4.47 -11.49
N GLY A 16 4.72 -4.26 -12.77
CA GLY A 16 5.07 -3.00 -13.41
C GLY A 16 4.01 -1.93 -13.13
N VAL A 17 2.86 -2.40 -12.64
CA VAL A 17 1.76 -1.50 -12.32
C VAL A 17 1.80 -1.16 -10.83
N ALA A 18 2.06 -2.18 -10.03
CA ALA A 18 2.12 -2.00 -8.59
C ALA A 18 2.82 -0.69 -8.27
N GLY A 19 4.10 -0.62 -8.63
CA GLY A 19 4.88 0.57 -8.39
C GLY A 19 4.18 1.82 -8.92
N LEU A 20 3.70 1.71 -10.14
CA LEU A 20 2.99 2.82 -10.78
C LEU A 20 1.80 3.22 -9.90
N LEU A 21 1.08 2.20 -9.44
CA LEU A 21 -0.08 2.44 -8.59
C LEU A 21 0.35 3.23 -7.35
N LEU A 22 1.54 2.93 -6.88
CA LEU A 22 2.07 3.60 -5.71
C LEU A 22 2.04 5.11 -5.94
N PHE A 23 2.65 5.52 -7.03
CA PHE A 23 2.69 6.94 -7.38
C PHE A 23 1.29 7.50 -7.58
N ILE A 24 0.43 6.67 -8.16
CA ILE A 24 -0.94 7.08 -8.43
C ILE A 24 -1.64 7.35 -7.09
N GLY A 25 -1.42 6.46 -6.14
CA GLY A 25 -2.02 6.60 -4.82
C GLY A 25 -1.33 7.71 -4.02
N LEU A 26 -0.02 7.80 -4.21
CA LEU A 26 0.77 8.80 -3.50
C LEU A 26 0.39 10.19 -4.02
N GLY A 27 0.16 10.26 -5.33
CA GLY A 27 -0.21 11.50 -5.95
C GLY A 27 -1.47 12.10 -5.31
N ILE A 28 -2.45 11.24 -5.11
CA ILE A 28 -3.70 11.67 -4.51
C ILE A 28 -3.48 11.94 -3.02
N PHE A 29 -3.01 10.92 -2.32
CA PHE A 29 -2.75 11.05 -0.90
C PHE A 29 -2.03 12.36 -0.59
N PHE A 30 -0.89 12.55 -1.25
CA PHE A 30 -0.11 13.75 -1.04
C PHE A 30 -1.01 14.99 -0.97
N SER A 31 -1.90 15.10 -1.95
CA SER A 31 -2.81 16.22 -2.00
C SER A 31 -3.74 16.21 -0.78
N VAL A 32 -4.19 15.01 -0.45
CA VAL A 32 -5.08 14.84 0.69
C VAL A 32 -4.38 15.33 1.96
N ARG A 33 -3.31 14.64 2.32
CA ARG A 33 -2.54 15.00 3.50
C ARG A 33 -2.09 16.46 3.42
N SER A 34 -1.80 16.88 2.20
CA SER A 34 -1.36 18.26 1.98
C SER A 34 -2.16 19.21 2.87
N ARG A 35 -1.43 19.90 3.74
CA ARG A 35 -2.05 20.85 4.65
C ARG A 35 -2.96 20.11 5.63
N HIS A 36 -2.90 20.55 6.88
CA HIS A 36 -3.71 19.94 7.93
C HIS A 36 -5.15 20.46 7.81
N ARG A 37 -6.07 19.65 8.33
CA ARG A 37 -7.48 20.00 8.29
C ARG A 37 -7.97 20.08 6.85
N ARG A 38 -7.52 19.11 6.06
CA ARG A 38 -7.91 19.06 4.66
C ARG A 38 -9.26 18.36 4.50
N ARG A 39 -9.36 17.18 5.09
CA ARG A 39 -10.59 16.40 5.02
C ARG A 39 -10.53 15.24 6.02
N GLN A 40 -11.49 15.25 6.94
CA GLN A 40 -11.57 14.21 7.96
C GLN A 40 -10.16 13.84 8.44
N ALA A 41 -9.52 14.80 9.08
CA ALA A 41 -8.18 14.58 9.60
C ALA A 41 -7.90 15.60 10.70
N GLU A 42 -7.81 16.85 10.31
CA GLU A 42 -7.54 17.93 11.26
C GLU A 42 -6.38 17.54 12.18
N ARG A 43 -6.73 16.98 13.33
CA ARG A 43 -5.73 16.57 14.29
C ARG A 43 -5.36 15.10 14.09
N MET A 44 -6.39 14.30 13.85
CA MET A 44 -6.19 12.88 13.63
C MET A 44 -4.91 12.62 12.83
N SER A 45 -4.61 13.55 11.94
CA SER A 45 -3.42 13.44 11.11
C SER A 45 -2.20 13.18 11.98
N GLN A 46 -1.88 14.15 12.82
CA GLN A 46 -0.75 14.04 13.71
C GLN A 46 -0.82 12.74 14.52
N ILE A 47 -2.01 12.49 15.05
CA ILE A 47 -2.24 11.29 15.84
C ILE A 47 -1.74 10.07 15.06
N LYS A 48 -2.17 9.99 13.82
CA LYS A 48 -1.78 8.88 12.96
C LYS A 48 -0.30 8.56 13.19
N ARG A 49 0.51 9.61 13.23
CA ARG A 49 1.93 9.46 13.44
C ARG A 49 2.24 9.38 14.93
N LEU A 50 1.71 10.35 15.67
CA LEU A 50 1.93 10.41 17.11
C LEU A 50 1.83 8.99 17.68
N LEU A 51 0.76 8.30 17.30
CA LEU A 51 0.54 6.95 17.77
C LEU A 51 1.41 5.99 16.97
N SER A 52 1.07 5.85 15.69
CA SER A 52 1.82 4.96 14.81
C SER A 52 1.62 3.51 15.24
N GLU A 53 2.19 3.19 16.40
CA GLU A 53 2.08 1.84 16.93
C GLU A 53 1.32 1.85 18.26
N LYS A 54 0.58 0.78 18.49
CA LYS A 54 -0.20 0.65 19.71
C LYS A 54 0.71 0.17 20.84
N LYS A 55 1.24 -1.02 20.67
CA LYS A 55 2.14 -1.60 21.66
C LYS A 55 2.89 -2.77 21.04
N THR A 56 3.88 -3.25 21.78
CA THR A 56 4.69 -4.37 21.31
C THR A 56 3.93 -5.69 21.50
N SER A 57 3.78 -6.40 20.39
CA SER A 57 3.08 -7.68 20.41
C SER A 57 3.06 -8.28 19.00
N GLN A 58 2.69 -9.56 18.94
CA GLN A 58 2.62 -10.26 17.68
C GLN A 58 2.06 -9.34 16.59
N SER A 59 2.82 -9.22 15.51
CA SER A 59 2.41 -8.38 14.40
C SER A 59 2.08 -9.25 13.18
N PRO A 60 1.33 -8.63 12.23
CA PRO A 60 0.95 -9.35 11.02
C PRO A 60 2.13 -9.47 10.06
N HIS A 61 2.11 -10.54 9.27
CA HIS A 61 3.17 -10.78 8.31
C HIS A 61 2.75 -11.91 7.36
N ARG A 62 3.26 -11.83 6.14
CA ARG A 62 2.95 -12.83 5.14
C ARG A 62 3.84 -12.66 3.92
N PHE A 63 3.82 -13.66 3.05
CA PHE A 63 4.62 -13.63 1.83
C PHE A 63 6.09 -13.39 2.17
N GLN A 64 6.86 -14.47 2.16
CA GLN A 64 8.28 -14.38 2.45
C GLN A 64 8.93 -15.76 2.34
N LYS A 65 8.90 -16.30 1.13
CA LYS A 65 9.47 -17.61 0.87
C LYS A 65 9.43 -17.89 -0.63
N THR A 66 10.04 -19.01 -1.00
CA THR A 66 10.08 -19.41 -2.40
C THR A 66 9.98 -20.93 -2.52
N HIS A 67 9.56 -21.37 -3.69
CA HIS A 67 9.41 -22.80 -3.96
C HIS A 67 9.80 -23.10 -5.40
N SER A 68 9.81 -24.38 -5.73
CA SER A 68 10.15 -24.81 -7.07
C SER A 68 9.59 -26.21 -7.33
N PRO A 69 9.28 -26.47 -8.64
CA PRO A 69 8.73 -27.76 -9.03
C PRO A 69 9.82 -28.83 -9.04
N ILE A 70 10.87 -28.57 -9.80
CA ILE A 70 11.98 -29.51 -9.90
C ILE A 70 13.09 -29.07 -8.95
N GLY A 1 0.32 -0.41 -45.84
CA GLY A 1 -0.60 -0.12 -44.74
C GLY A 1 -1.50 1.07 -45.09
N PRO A 2 -2.62 1.19 -44.33
CA PRO A 2 -3.56 2.27 -44.55
C PRO A 2 -3.01 3.59 -44.00
N LEU A 3 -3.70 4.67 -44.34
CA LEU A 3 -3.29 5.98 -43.90
C LEU A 3 -3.80 6.21 -42.47
N VAL A 4 -4.50 5.21 -41.96
CA VAL A 4 -5.04 5.29 -40.61
C VAL A 4 -4.56 4.08 -39.81
N PRO A 5 -4.13 4.36 -38.55
CA PRO A 5 -3.65 3.31 -37.68
C PRO A 5 -4.80 2.48 -37.13
N ARG A 6 -4.61 1.17 -37.12
CA ARG A 6 -5.62 0.26 -36.62
C ARG A 6 -5.49 0.10 -35.11
N GLY A 7 -6.61 -0.29 -34.49
CA GLY A 7 -6.63 -0.49 -33.06
C GLY A 7 -7.87 -1.29 -32.63
N SER A 8 -7.64 -2.24 -31.74
CA SER A 8 -8.72 -3.08 -31.25
C SER A 8 -8.16 -4.13 -30.29
N MET A 9 -9.07 -4.76 -29.57
CA MET A 9 -8.69 -5.79 -28.61
C MET A 9 -8.19 -5.17 -27.31
N ALA A 10 -7.24 -4.24 -27.45
CA ALA A 10 -6.67 -3.57 -26.30
C ALA A 10 -7.64 -2.46 -25.85
N LEU A 11 -8.37 -1.92 -26.80
CA LEU A 11 -9.32 -0.87 -26.52
C LEU A 11 -10.28 -1.32 -25.41
N ILE A 12 -10.63 -2.60 -25.48
CA ILE A 12 -11.53 -3.17 -24.50
C ILE A 12 -10.76 -3.48 -23.22
N VAL A 13 -9.56 -4.02 -23.40
CA VAL A 13 -8.72 -4.36 -22.28
C VAL A 13 -8.40 -3.10 -21.48
N LEU A 14 -7.91 -2.10 -22.17
CA LEU A 14 -7.57 -0.82 -21.54
C LEU A 14 -8.73 -0.37 -20.67
N GLY A 15 -9.90 -0.25 -21.31
CA GLY A 15 -11.10 0.17 -20.60
C GLY A 15 -11.35 -0.69 -19.36
N GLY A 16 -11.01 -1.97 -19.50
CA GLY A 16 -11.20 -2.91 -18.41
C GLY A 16 -10.06 -2.80 -17.40
N VAL A 17 -8.98 -2.16 -17.83
CA VAL A 17 -7.82 -1.98 -16.97
C VAL A 17 -7.91 -0.63 -16.27
N ALA A 18 -8.29 0.38 -17.04
CA ALA A 18 -8.42 1.73 -16.51
C ALA A 18 -9.06 1.66 -15.13
N GLY A 19 -10.28 1.14 -15.10
CA GLY A 19 -11.01 1.01 -13.86
C GLY A 19 -10.19 0.28 -12.80
N LEU A 20 -9.75 -0.91 -13.17
CA LEU A 20 -8.95 -1.72 -12.28
C LEU A 20 -7.79 -0.89 -11.73
N LEU A 21 -7.12 -0.20 -12.65
CA LEU A 21 -5.99 0.64 -12.28
C LEU A 21 -6.43 1.62 -11.19
N LEU A 22 -7.64 2.13 -11.33
CA LEU A 22 -8.18 3.07 -10.37
C LEU A 22 -8.08 2.47 -8.97
N PHE A 23 -8.71 1.32 -8.80
CA PHE A 23 -8.69 0.64 -7.52
C PHE A 23 -7.26 0.34 -7.07
N ILE A 24 -6.44 -0.07 -8.03
CA ILE A 24 -5.05 -0.38 -7.74
C ILE A 24 -4.36 0.86 -7.17
N GLY A 25 -4.54 1.97 -7.87
CA GLY A 25 -3.94 3.23 -7.44
C GLY A 25 -4.59 3.73 -6.15
N LEU A 26 -5.89 3.51 -6.05
CA LEU A 26 -6.63 3.93 -4.88
C LEU A 26 -6.19 3.09 -3.67
N GLY A 27 -5.97 1.81 -3.94
CA GLY A 27 -5.56 0.89 -2.89
C GLY A 27 -4.24 1.35 -2.26
N ILE A 28 -3.30 1.71 -3.12
CA ILE A 28 -2.00 2.17 -2.67
C ILE A 28 -2.13 3.57 -2.08
N PHE A 29 -2.59 4.49 -2.92
CA PHE A 29 -2.77 5.87 -2.51
C PHE A 29 -3.34 5.94 -1.09
N PHE A 30 -4.55 5.39 -0.94
CA PHE A 30 -5.21 5.40 0.36
C PHE A 30 -4.25 5.00 1.47
N SER A 31 -3.32 4.11 1.13
CA SER A 31 -2.33 3.64 2.09
C SER A 31 -1.42 4.80 2.50
N VAL A 32 -0.87 5.46 1.48
CA VAL A 32 0.03 6.58 1.72
C VAL A 32 -0.68 7.63 2.59
N ARG A 33 -1.77 8.14 2.04
CA ARG A 33 -2.55 9.15 2.75
C ARG A 33 -3.17 8.54 4.01
N SER A 34 -2.35 8.38 5.03
CA SER A 34 -2.79 7.82 6.28
C SER A 34 -2.45 8.77 7.43
N ARG A 35 -3.27 9.79 7.58
CA ARG A 35 -3.07 10.78 8.63
C ARG A 35 -1.63 11.30 8.59
N HIS A 36 -1.48 12.48 7.99
CA HIS A 36 -0.17 13.10 7.88
C HIS A 36 -0.16 14.42 8.66
N ARG A 37 0.76 14.50 9.62
CA ARG A 37 0.88 15.69 10.43
C ARG A 37 -0.51 16.23 10.80
N ARG A 38 -1.06 15.66 11.87
CA ARG A 38 -2.37 16.07 12.33
C ARG A 38 -2.52 15.77 13.83
N ARG A 39 -2.23 16.78 14.64
CA ARG A 39 -2.33 16.64 16.08
C ARG A 39 -1.22 15.72 16.59
N GLN A 40 -1.32 14.46 16.21
CA GLN A 40 -0.33 13.47 16.64
C GLN A 40 -0.02 12.50 15.49
N ALA A 41 0.87 12.95 14.61
CA ALA A 41 1.27 12.14 13.47
C ALA A 41 2.38 12.85 12.71
N GLU A 42 3.54 12.89 13.34
CA GLU A 42 4.70 13.54 12.73
C GLU A 42 5.93 12.64 12.84
N ARG A 43 6.33 12.38 14.08
CA ARG A 43 7.48 11.54 14.33
C ARG A 43 7.09 10.06 14.27
N MET A 44 5.89 9.79 14.77
CA MET A 44 5.38 8.42 14.78
C MET A 44 5.64 7.72 13.45
N SER A 45 5.31 8.43 12.38
CA SER A 45 5.50 7.88 11.04
C SER A 45 6.85 7.15 10.97
N GLN A 46 7.89 7.85 11.37
CA GLN A 46 9.23 7.27 11.35
C GLN A 46 9.28 6.03 12.25
N ILE A 47 8.95 6.25 13.52
CA ILE A 47 8.96 5.17 14.48
C ILE A 47 8.38 3.91 13.84
N LYS A 48 7.18 4.08 13.28
CA LYS A 48 6.50 2.96 12.63
C LYS A 48 7.52 2.14 11.85
N ARG A 49 8.36 2.83 11.10
CA ARG A 49 9.38 2.18 10.30
C ARG A 49 10.62 1.88 11.15
N LEU A 50 11.07 2.91 11.86
CA LEU A 50 12.23 2.77 12.71
C LEU A 50 12.15 1.43 13.46
N LEU A 51 11.02 1.22 14.11
CA LEU A 51 10.82 0.00 14.87
C LEU A 51 10.48 -1.14 13.90
N SER A 52 9.33 -1.00 13.26
CA SER A 52 8.89 -2.02 12.30
C SER A 52 8.76 -3.37 13.00
N GLU A 53 7.52 -3.86 13.05
CA GLU A 53 7.25 -5.14 13.68
C GLU A 53 6.88 -6.18 12.62
N LYS A 54 6.55 -5.69 11.44
CA LYS A 54 6.17 -6.56 10.35
C LYS A 54 5.07 -7.52 10.81
N LYS A 55 4.57 -8.30 9.87
CA LYS A 55 3.52 -9.26 10.17
C LYS A 55 2.30 -8.51 10.70
N THR A 56 1.15 -9.16 10.58
CA THR A 56 -0.10 -8.57 11.03
C THR A 56 -0.24 -8.73 12.55
N SER A 57 -0.74 -7.68 13.18
CA SER A 57 -0.93 -7.69 14.63
C SER A 57 -1.69 -8.95 15.04
N GLN A 58 -1.16 -9.61 16.06
CA GLN A 58 -1.78 -10.83 16.56
C GLN A 58 -1.38 -11.06 18.01
N SER A 59 -2.35 -11.50 18.80
CA SER A 59 -2.12 -11.77 20.20
C SER A 59 -0.74 -12.41 20.39
N PRO A 60 0.25 -11.56 20.79
CA PRO A 60 1.60 -12.03 21.00
C PRO A 60 1.71 -12.81 22.31
N HIS A 61 1.09 -12.26 23.34
CA HIS A 61 1.11 -12.90 24.64
C HIS A 61 2.52 -13.41 24.96
N ARG A 62 3.30 -12.55 25.60
CA ARG A 62 4.67 -12.90 25.95
C ARG A 62 5.26 -11.84 26.88
N PHE A 63 5.97 -12.33 27.89
CA PHE A 63 6.60 -11.44 28.86
C PHE A 63 7.84 -10.77 28.27
N GLN A 64 7.89 -9.45 28.41
CA GLN A 64 9.02 -8.69 27.91
C GLN A 64 9.09 -8.81 26.38
N LYS A 65 9.82 -7.88 25.78
CA LYS A 65 9.98 -7.86 24.33
C LYS A 65 10.98 -8.94 23.93
N THR A 66 10.65 -10.18 24.28
CA THR A 66 11.51 -11.30 23.96
C THR A 66 12.86 -11.17 24.67
N HIS A 67 13.34 -12.30 25.17
CA HIS A 67 14.63 -12.31 25.87
C HIS A 67 15.29 -13.68 25.69
N SER A 68 16.55 -13.64 25.29
CA SER A 68 17.30 -14.87 25.08
C SER A 68 16.95 -15.89 26.16
N PRO A 69 17.20 -17.18 25.84
CA PRO A 69 16.92 -18.26 26.76
C PRO A 69 17.96 -18.31 27.89
N ILE A 70 19.22 -18.39 27.48
CA ILE A 70 20.32 -18.44 28.43
C ILE A 70 21.55 -17.81 27.81
N GLY A 1 -6.66 -20.92 -25.35
CA GLY A 1 -5.35 -21.53 -25.13
C GLY A 1 -4.79 -21.13 -23.76
N PRO A 2 -4.36 -19.85 -23.68
CA PRO A 2 -3.79 -19.32 -22.44
C PRO A 2 -4.89 -19.07 -21.40
N LEU A 3 -4.46 -18.87 -20.17
CA LEU A 3 -5.39 -18.63 -19.08
C LEU A 3 -5.82 -17.16 -19.12
N VAL A 4 -5.25 -16.43 -20.05
CA VAL A 4 -5.57 -15.01 -20.21
C VAL A 4 -6.30 -14.80 -21.53
N PRO A 5 -7.10 -13.71 -21.58
CA PRO A 5 -7.85 -13.38 -22.78
C PRO A 5 -6.94 -12.81 -23.86
N ARG A 6 -7.15 -13.29 -25.08
CA ARG A 6 -6.35 -12.83 -26.21
C ARG A 6 -4.87 -12.86 -25.85
N GLY A 7 -4.05 -12.41 -26.80
CA GLY A 7 -2.61 -12.37 -26.60
C GLY A 7 -2.16 -11.00 -26.09
N SER A 8 -1.47 -11.02 -24.96
CA SER A 8 -0.98 -9.79 -24.36
C SER A 8 -2.13 -8.80 -24.20
N MET A 9 -2.92 -9.02 -23.15
CA MET A 9 -4.04 -8.15 -22.87
C MET A 9 -4.11 -7.80 -21.39
N ALA A 10 -3.92 -8.82 -20.56
CA ALA A 10 -3.94 -8.62 -19.12
C ALA A 10 -2.58 -8.13 -18.64
N LEU A 11 -1.54 -8.64 -19.28
CA LEU A 11 -0.18 -8.26 -18.93
C LEU A 11 -0.05 -6.75 -18.98
N ILE A 12 -0.64 -6.16 -20.02
CA ILE A 12 -0.60 -4.72 -20.19
C ILE A 12 -1.39 -4.05 -19.05
N VAL A 13 -2.56 -4.63 -18.78
CA VAL A 13 -3.41 -4.10 -17.73
C VAL A 13 -2.59 -3.93 -16.45
N LEU A 14 -2.03 -5.03 -15.99
CA LEU A 14 -1.22 -5.02 -14.78
C LEU A 14 -0.29 -3.80 -14.82
N GLY A 15 0.55 -3.76 -15.83
CA GLY A 15 1.49 -2.66 -15.98
C GLY A 15 0.78 -1.31 -15.91
N GLY A 16 -0.40 -1.27 -16.51
CA GLY A 16 -1.19 -0.05 -16.52
C GLY A 16 -1.88 0.16 -15.18
N VAL A 17 -1.88 -0.89 -14.37
CA VAL A 17 -2.49 -0.84 -13.05
C VAL A 17 -1.44 -0.52 -12.00
N ALA A 18 -0.29 -1.17 -12.16
CA ALA A 18 0.82 -0.98 -11.23
C ALA A 18 0.92 0.51 -10.89
N GLY A 19 1.25 1.30 -11.89
CA GLY A 19 1.39 2.74 -11.70
C GLY A 19 0.18 3.31 -10.96
N LEU A 20 -0.99 3.04 -11.52
CA LEU A 20 -2.22 3.52 -10.91
C LEU A 20 -2.26 3.12 -9.44
N LEU A 21 -1.89 1.88 -9.19
CA LEU A 21 -1.88 1.35 -7.84
C LEU A 21 -0.89 2.16 -6.99
N LEU A 22 0.22 2.52 -7.62
CA LEU A 22 1.26 3.28 -6.95
C LEU A 22 0.62 4.54 -6.32
N PHE A 23 -0.09 5.27 -7.16
CA PHE A 23 -0.74 6.48 -6.71
C PHE A 23 -1.79 6.18 -5.64
N ILE A 24 -2.54 5.11 -5.88
CA ILE A 24 -3.57 4.69 -4.95
C ILE A 24 -2.95 4.45 -3.57
N GLY A 25 -1.83 3.77 -3.58
CA GLY A 25 -1.13 3.45 -2.35
C GLY A 25 -0.46 4.70 -1.76
N LEU A 26 0.05 5.53 -2.67
CA LEU A 26 0.72 6.76 -2.26
C LEU A 26 -0.32 7.72 -1.67
N GLY A 27 -1.48 7.76 -2.30
CA GLY A 27 -2.56 8.62 -1.86
C GLY A 27 -2.94 8.31 -0.41
N ILE A 28 -3.03 7.01 -0.13
CA ILE A 28 -3.39 6.56 1.21
C ILE A 28 -2.23 6.85 2.17
N PHE A 29 -1.12 6.18 1.91
CA PHE A 29 0.07 6.34 2.74
C PHE A 29 0.28 7.81 3.11
N PHE A 30 0.27 8.66 2.10
CA PHE A 30 0.46 10.09 2.31
C PHE A 30 -0.61 10.64 3.27
N SER A 31 -1.85 10.29 3.00
CA SER A 31 -2.95 10.73 3.83
C SER A 31 -2.77 10.22 5.26
N VAL A 32 -2.76 8.90 5.38
CA VAL A 32 -2.60 8.28 6.68
C VAL A 32 -1.46 8.98 7.45
N ARG A 33 -0.28 8.95 6.84
CA ARG A 33 0.88 9.57 7.45
C ARG A 33 0.62 11.06 7.68
N SER A 34 0.45 11.79 6.58
CA SER A 34 0.20 13.21 6.66
C SER A 34 1.37 13.91 7.36
N ARG A 35 1.57 15.17 6.98
CA ARG A 35 2.63 15.96 7.57
C ARG A 35 2.25 17.44 7.61
N HIS A 36 1.68 17.84 8.74
CA HIS A 36 1.26 19.22 8.92
C HIS A 36 0.91 19.46 10.39
N ARG A 37 1.89 19.98 11.12
CA ARG A 37 1.69 20.27 12.53
C ARG A 37 0.54 21.26 12.72
N ARG A 38 0.81 22.50 12.38
CA ARG A 38 -0.18 23.56 12.50
C ARG A 38 -0.84 23.49 13.88
N ARG A 39 -1.96 22.78 13.92
CA ARG A 39 -2.70 22.63 15.17
C ARG A 39 -2.52 21.22 15.72
N GLN A 40 -3.38 20.88 16.68
CA GLN A 40 -3.34 19.57 17.30
C GLN A 40 -3.03 18.49 16.25
N ALA A 41 -1.75 18.14 16.17
CA ALA A 41 -1.32 17.13 15.21
C ALA A 41 0.20 17.20 15.07
N GLU A 42 0.88 17.04 16.19
CA GLU A 42 2.33 17.07 16.21
C GLU A 42 2.89 15.79 16.81
N ARG A 43 2.52 15.55 18.05
CA ARG A 43 2.97 14.35 18.75
C ARG A 43 2.00 13.20 18.52
N MET A 44 0.73 13.53 18.49
CA MET A 44 -0.31 12.53 18.27
C MET A 44 -0.10 11.81 16.94
N SER A 45 0.20 12.59 15.91
CA SER A 45 0.43 12.03 14.59
C SER A 45 1.67 11.13 14.61
N GLN A 46 2.41 11.21 15.70
CA GLN A 46 3.60 10.41 15.86
C GLN A 46 3.43 9.40 16.99
N ILE A 47 2.28 9.49 17.65
CA ILE A 47 1.97 8.58 18.75
C ILE A 47 0.74 7.76 18.38
N LYS A 48 0.11 8.14 17.27
CA LYS A 48 -1.07 7.44 16.81
C LYS A 48 -0.72 5.98 16.52
N ARG A 49 0.52 5.77 16.11
CA ARG A 49 0.99 4.44 15.80
C ARG A 49 1.69 3.82 17.01
N LEU A 50 2.61 4.59 17.58
CA LEU A 50 3.36 4.13 18.74
C LEU A 50 2.41 3.38 19.69
N LEU A 51 1.14 3.79 19.66
CA LEU A 51 0.14 3.17 20.50
C LEU A 51 -0.67 2.17 19.66
N SER A 52 -1.35 2.71 18.66
CA SER A 52 -2.16 1.88 17.79
C SER A 52 -3.26 1.18 18.59
N GLU A 53 -4.50 1.51 18.27
CA GLU A 53 -5.63 0.93 18.95
C GLU A 53 -6.19 -0.25 18.15
N LYS A 54 -6.47 -1.33 18.87
CA LYS A 54 -7.00 -2.53 18.24
C LYS A 54 -8.12 -2.14 17.27
N LYS A 55 -7.94 -2.52 16.02
CA LYS A 55 -8.93 -2.23 14.99
C LYS A 55 -8.90 -3.33 13.93
N THR A 56 -9.80 -3.20 12.96
CA THR A 56 -9.89 -4.17 11.90
C THR A 56 -9.19 -3.65 10.65
N SER A 57 -8.69 -4.58 9.84
CA SER A 57 -8.01 -4.23 8.61
C SER A 57 -7.76 -5.49 7.77
N GLN A 58 -7.03 -6.43 8.36
CA GLN A 58 -6.72 -7.67 7.69
C GLN A 58 -5.91 -7.39 6.41
N SER A 59 -4.62 -7.68 6.49
CA SER A 59 -3.74 -7.47 5.35
C SER A 59 -2.46 -8.29 5.52
N PRO A 60 -1.88 -8.71 4.37
CA PRO A 60 -0.67 -9.51 4.38
C PRO A 60 0.55 -8.64 4.71
N HIS A 61 1.03 -8.78 5.92
CA HIS A 61 2.20 -8.01 6.37
C HIS A 61 3.29 -8.97 6.85
N ARG A 62 3.74 -9.81 5.94
CA ARG A 62 4.78 -10.77 6.25
C ARG A 62 5.57 -11.14 5.00
N PHE A 63 6.84 -11.43 5.20
CA PHE A 63 7.71 -11.79 4.09
C PHE A 63 7.32 -13.17 3.53
N GLN A 64 6.61 -13.14 2.42
CA GLN A 64 6.17 -14.35 1.76
C GLN A 64 7.01 -14.63 0.52
N LYS A 65 6.82 -15.82 -0.04
CA LYS A 65 7.56 -16.21 -1.22
C LYS A 65 9.04 -16.40 -0.86
N THR A 66 9.70 -15.28 -0.59
CA THR A 66 11.10 -15.31 -0.24
C THR A 66 11.89 -16.20 -1.21
N HIS A 67 12.35 -15.59 -2.29
CA HIS A 67 13.11 -16.31 -3.28
C HIS A 67 14.43 -15.59 -3.56
N SER A 68 15.41 -15.89 -2.71
CA SER A 68 16.72 -15.28 -2.85
C SER A 68 17.66 -15.83 -1.77
N PRO A 69 18.99 -15.71 -2.06
CA PRO A 69 20.01 -16.19 -1.14
C PRO A 69 20.14 -15.25 0.07
N ILE A 70 20.54 -14.02 -0.23
CA ILE A 70 20.71 -13.03 0.82
C ILE A 70 19.34 -12.53 1.27
N GLY A 1 -9.26 -4.60 -30.67
CA GLY A 1 -8.44 -5.39 -31.57
C GLY A 1 -9.03 -5.39 -32.98
N PRO A 2 -8.49 -4.48 -33.83
CA PRO A 2 -8.96 -4.37 -35.21
C PRO A 2 -8.44 -5.53 -36.06
N LEU A 3 -8.98 -5.62 -37.27
CA LEU A 3 -8.58 -6.69 -38.18
C LEU A 3 -7.22 -6.35 -38.79
N VAL A 4 -6.71 -5.18 -38.41
CA VAL A 4 -5.42 -4.72 -38.91
C VAL A 4 -4.42 -4.68 -37.76
N PRO A 5 -3.12 -4.78 -38.13
CA PRO A 5 -2.06 -4.75 -37.14
C PRO A 5 -1.84 -3.34 -36.61
N ARG A 6 -0.93 -3.23 -35.65
CA ARG A 6 -0.62 -1.94 -35.05
C ARG A 6 -1.88 -1.10 -34.91
N GLY A 7 -2.52 -1.24 -33.75
CA GLY A 7 -3.74 -0.50 -33.48
C GLY A 7 -3.54 0.47 -32.30
N SER A 8 -4.00 1.69 -32.50
CA SER A 8 -3.89 2.71 -31.47
C SER A 8 -5.24 2.94 -30.81
N MET A 9 -5.72 1.91 -30.11
CA MET A 9 -7.00 1.99 -29.43
C MET A 9 -6.92 1.35 -28.05
N ALA A 10 -6.30 0.18 -28.00
CA ALA A 10 -6.14 -0.54 -26.74
C ALA A 10 -4.91 0.00 -26.00
N LEU A 11 -3.87 0.29 -26.77
CA LEU A 11 -2.64 0.80 -26.20
C LEU A 11 -2.96 2.03 -25.34
N ILE A 12 -3.87 2.84 -25.85
CA ILE A 12 -4.26 4.06 -25.14
C ILE A 12 -4.98 3.67 -23.84
N VAL A 13 -5.92 2.75 -23.98
CA VAL A 13 -6.68 2.29 -22.82
C VAL A 13 -5.71 1.95 -21.68
N LEU A 14 -4.83 1.00 -21.95
CA LEU A 14 -3.85 0.58 -20.96
C LEU A 14 -3.30 1.82 -20.24
N GLY A 15 -2.70 2.69 -21.03
CA GLY A 15 -2.12 3.91 -20.49
C GLY A 15 -3.14 4.67 -19.63
N GLY A 16 -4.38 4.65 -20.10
CA GLY A 16 -5.45 5.33 -19.40
C GLY A 16 -5.92 4.50 -18.19
N VAL A 17 -5.48 3.26 -18.16
CA VAL A 17 -5.85 2.36 -17.07
C VAL A 17 -4.72 2.34 -16.04
N ALA A 18 -3.50 2.30 -16.54
CA ALA A 18 -2.34 2.28 -15.67
C ALA A 18 -2.57 3.22 -14.49
N GLY A 19 -2.67 4.50 -14.81
CA GLY A 19 -2.89 5.51 -13.78
C GLY A 19 -4.06 5.13 -12.87
N LEU A 20 -5.16 4.73 -13.51
CA LEU A 20 -6.34 4.33 -12.78
C LEU A 20 -6.00 3.18 -11.84
N LEU A 21 -5.24 2.23 -12.37
CA LEU A 21 -4.83 1.07 -11.59
C LEU A 21 -3.97 1.54 -10.41
N LEU A 22 -3.14 2.53 -10.68
CA LEU A 22 -2.26 3.07 -9.66
C LEU A 22 -3.09 3.45 -8.43
N PHE A 23 -4.12 4.23 -8.67
CA PHE A 23 -5.01 4.67 -7.60
C PHE A 23 -5.69 3.48 -6.93
N ILE A 24 -6.09 2.53 -7.76
CA ILE A 24 -6.76 1.33 -7.27
C ILE A 24 -5.80 0.56 -6.36
N GLY A 25 -4.53 0.57 -6.74
CA GLY A 25 -3.51 -0.12 -5.98
C GLY A 25 -3.07 0.71 -4.77
N LEU A 26 -3.15 2.02 -4.94
CA LEU A 26 -2.76 2.94 -3.88
C LEU A 26 -3.86 2.97 -2.81
N GLY A 27 -5.10 3.01 -3.27
CA GLY A 27 -6.23 3.05 -2.37
C GLY A 27 -6.23 1.83 -1.44
N ILE A 28 -5.91 0.68 -2.01
CA ILE A 28 -5.87 -0.55 -1.26
C ILE A 28 -4.62 -0.55 -0.38
N PHE A 29 -3.47 -0.52 -1.03
CA PHE A 29 -2.20 -0.52 -0.33
C PHE A 29 -2.26 0.41 0.89
N PHE A 30 -2.72 1.63 0.64
CA PHE A 30 -2.81 2.61 1.70
C PHE A 30 -3.69 2.10 2.86
N SER A 31 -4.83 1.54 2.47
CA SER A 31 -5.76 1.01 3.45
C SER A 31 -5.11 -0.14 4.23
N VAL A 32 -4.69 -1.14 3.48
CA VAL A 32 -4.05 -2.30 4.09
C VAL A 32 -3.09 -1.84 5.18
N ARG A 33 -2.10 -1.06 4.76
CA ARG A 33 -1.11 -0.55 5.69
C ARG A 33 -1.79 -0.10 6.99
N SER A 34 -2.69 0.86 6.86
CA SER A 34 -3.41 1.38 8.00
C SER A 34 -4.42 2.44 7.55
N ARG A 35 -5.36 2.73 8.44
CA ARG A 35 -6.38 3.72 8.15
C ARG A 35 -6.77 4.47 9.43
N HIS A 36 -7.32 3.73 10.37
CA HIS A 36 -7.74 4.31 11.63
C HIS A 36 -8.24 3.21 12.57
N ARG A 37 -8.59 3.62 13.78
CA ARG A 37 -9.08 2.68 14.77
C ARG A 37 -9.98 1.64 14.11
N ARG A 38 -9.39 0.48 13.84
CA ARG A 38 -10.12 -0.60 13.21
C ARG A 38 -9.28 -1.88 13.20
N ARG A 39 -8.00 -1.70 12.92
CA ARG A 39 -7.08 -2.82 12.87
C ARG A 39 -5.75 -2.45 13.53
N GLN A 40 -5.16 -1.37 13.04
CA GLN A 40 -3.89 -0.90 13.56
C GLN A 40 -3.59 0.52 13.07
N ALA A 41 -4.15 1.48 13.78
CA ALA A 41 -3.96 2.88 13.43
C ALA A 41 -4.45 3.77 14.57
N GLU A 42 -5.78 3.80 14.73
CA GLU A 42 -6.39 4.60 15.77
C GLU A 42 -6.10 6.08 15.54
N ARG A 43 -5.61 6.38 14.35
CA ARG A 43 -5.29 7.75 13.99
C ARG A 43 -3.90 8.12 14.49
N MET A 44 -3.04 7.12 14.57
CA MET A 44 -1.67 7.33 15.04
C MET A 44 -0.76 7.75 13.88
N SER A 45 -1.21 7.45 12.68
CA SER A 45 -0.45 7.79 11.48
C SER A 45 -0.38 9.30 11.32
N GLN A 46 -1.53 9.94 11.48
CA GLN A 46 -1.62 11.38 11.36
C GLN A 46 -0.97 12.07 12.56
N ILE A 47 -1.15 11.44 13.72
CA ILE A 47 -0.59 11.98 14.94
C ILE A 47 0.94 11.92 14.88
N LYS A 48 1.43 10.86 14.24
CA LYS A 48 2.86 10.67 14.10
C LYS A 48 3.52 12.01 13.79
N ARG A 49 3.23 12.53 12.62
CA ARG A 49 3.80 13.81 12.20
C ARG A 49 3.46 14.89 13.22
N LEU A 50 2.18 15.00 13.53
CA LEU A 50 1.73 15.99 14.49
C LEU A 50 2.73 16.07 15.65
N LEU A 51 3.10 14.90 16.15
CA LEU A 51 4.05 14.82 17.25
C LEU A 51 5.46 15.07 16.72
N SER A 52 5.94 14.12 15.92
CA SER A 52 7.27 14.23 15.34
C SER A 52 8.31 14.30 16.46
N GLU A 53 9.19 13.30 16.47
CA GLU A 53 10.23 13.23 17.47
C GLU A 53 11.29 12.20 17.06
N LYS A 54 12.47 12.36 17.63
CA LYS A 54 13.57 11.46 17.34
C LYS A 54 13.05 10.02 17.29
N LYS A 55 13.53 9.28 16.30
CA LYS A 55 13.11 7.89 16.15
C LYS A 55 13.79 7.03 17.21
N THR A 56 13.28 5.81 17.35
CA THR A 56 13.82 4.89 18.33
C THR A 56 14.65 3.81 17.64
N SER A 57 15.93 4.09 17.50
CA SER A 57 16.84 3.15 16.86
C SER A 57 17.30 2.09 17.87
N GLN A 58 16.72 0.91 17.73
CA GLN A 58 17.05 -0.19 18.62
C GLN A 58 17.05 -1.51 17.85
N SER A 59 15.92 -1.77 17.19
CA SER A 59 15.77 -2.99 16.41
C SER A 59 16.22 -4.20 17.24
N PRO A 60 15.25 -4.76 18.03
CA PRO A 60 15.53 -5.91 18.87
C PRO A 60 15.64 -7.18 18.03
N HIS A 61 16.33 -8.17 18.60
CA HIS A 61 16.51 -9.43 17.92
C HIS A 61 15.42 -10.42 18.36
N ARG A 62 15.42 -11.57 17.71
CA ARG A 62 14.43 -12.59 18.03
C ARG A 62 13.02 -12.07 17.77
N PHE A 63 12.30 -12.81 16.93
CA PHE A 63 10.94 -12.44 16.59
C PHE A 63 10.23 -13.57 15.84
N GLN A 64 10.88 -14.03 14.78
CA GLN A 64 10.33 -15.11 13.97
C GLN A 64 10.00 -16.32 14.85
N LYS A 65 9.26 -17.25 14.27
CA LYS A 65 8.87 -18.44 14.99
C LYS A 65 7.89 -18.08 16.11
N THR A 66 6.62 -18.09 15.75
CA THR A 66 5.58 -17.76 16.72
C THR A 66 4.71 -18.99 17.02
N HIS A 67 4.31 -19.10 18.28
CA HIS A 67 3.48 -20.21 18.71
C HIS A 67 4.26 -21.52 18.53
N SER A 68 4.09 -22.40 19.51
CA SER A 68 4.77 -23.68 19.48
C SER A 68 3.92 -24.71 18.72
N PRO A 69 4.63 -25.68 18.08
CA PRO A 69 3.95 -26.72 17.32
C PRO A 69 3.29 -27.74 18.25
N ILE A 70 4.12 -28.38 19.06
CA ILE A 70 3.64 -29.38 20.00
C ILE A 70 4.34 -29.18 21.34
N GLY A 1 11.60 -5.45 -17.60
CA GLY A 1 10.19 -5.54 -17.26
C GLY A 1 9.87 -6.87 -16.57
N PRO A 2 8.57 -7.24 -16.62
CA PRO A 2 8.12 -8.49 -16.02
C PRO A 2 8.54 -9.69 -16.86
N LEU A 3 8.21 -10.87 -16.36
CA LEU A 3 8.54 -12.11 -17.05
C LEU A 3 7.32 -12.59 -17.83
N VAL A 4 6.22 -11.89 -17.63
CA VAL A 4 4.98 -12.24 -18.30
C VAL A 4 5.05 -11.81 -19.76
N PRO A 5 4.26 -12.50 -20.62
CA PRO A 5 4.22 -12.20 -22.04
C PRO A 5 3.44 -10.91 -22.30
N ARG A 6 3.28 -10.61 -23.58
CA ARG A 6 2.56 -9.42 -23.98
C ARG A 6 1.11 -9.76 -24.34
N GLY A 7 0.24 -9.61 -23.35
CA GLY A 7 -1.17 -9.91 -23.55
C GLY A 7 -1.79 -10.51 -22.28
N SER A 8 -2.03 -11.82 -22.34
CA SER A 8 -2.61 -12.52 -21.22
C SER A 8 -1.70 -12.37 -19.99
N MET A 9 -2.20 -12.89 -18.87
CA MET A 9 -1.45 -12.83 -17.63
C MET A 9 -1.52 -11.42 -17.01
N ALA A 10 -1.13 -10.44 -17.82
CA ALA A 10 -1.16 -9.06 -17.37
C ALA A 10 -2.59 -8.52 -17.43
N LEU A 11 -3.39 -9.20 -18.24
CA LEU A 11 -4.79 -8.79 -18.40
C LEU A 11 -5.51 -8.97 -17.06
N ILE A 12 -5.25 -10.10 -16.43
CA ILE A 12 -5.88 -10.40 -15.15
C ILE A 12 -5.30 -9.47 -14.08
N VAL A 13 -3.98 -9.32 -14.11
CA VAL A 13 -3.30 -8.46 -13.16
C VAL A 13 -3.76 -7.03 -13.35
N LEU A 14 -3.70 -6.58 -14.60
CA LEU A 14 -4.11 -5.22 -14.92
C LEU A 14 -5.52 -4.97 -14.39
N GLY A 15 -6.35 -6.00 -14.52
CA GLY A 15 -7.73 -5.90 -14.07
C GLY A 15 -7.79 -5.80 -12.53
N GLY A 16 -6.87 -6.50 -11.88
CA GLY A 16 -6.81 -6.50 -10.44
C GLY A 16 -5.99 -5.30 -9.93
N VAL A 17 -5.38 -4.61 -10.87
CA VAL A 17 -4.57 -3.45 -10.53
C VAL A 17 -5.32 -2.17 -10.91
N ALA A 18 -6.04 -2.26 -12.02
CA ALA A 18 -6.82 -1.13 -12.51
C ALA A 18 -7.44 -0.40 -11.31
N GLY A 19 -7.84 -1.18 -10.32
CA GLY A 19 -8.46 -0.62 -9.14
C GLY A 19 -7.43 0.15 -8.30
N LEU A 20 -6.30 -0.48 -8.09
CA LEU A 20 -5.23 0.12 -7.30
C LEU A 20 -4.79 1.41 -7.99
N LEU A 21 -4.63 1.34 -9.30
CA LEU A 21 -4.22 2.49 -10.08
C LEU A 21 -5.21 3.64 -9.85
N LEU A 22 -6.46 3.26 -9.61
CA LEU A 22 -7.50 4.24 -9.39
C LEU A 22 -7.15 5.07 -8.14
N PHE A 23 -6.99 4.37 -7.03
CA PHE A 23 -6.65 5.02 -5.78
C PHE A 23 -5.32 5.75 -5.88
N ILE A 24 -4.39 5.13 -6.57
CA ILE A 24 -3.07 5.71 -6.76
C ILE A 24 -3.18 7.02 -7.53
N GLY A 25 -4.02 6.98 -8.55
CA GLY A 25 -4.24 8.16 -9.37
C GLY A 25 -5.10 9.19 -8.65
N LEU A 26 -5.93 8.69 -7.74
CA LEU A 26 -6.81 9.55 -6.96
C LEU A 26 -6.02 10.18 -5.82
N GLY A 27 -5.31 9.33 -5.10
CA GLY A 27 -4.51 9.79 -3.97
C GLY A 27 -3.60 10.94 -4.39
N ILE A 28 -3.34 11.02 -5.69
CA ILE A 28 -2.48 12.05 -6.23
C ILE A 28 -3.34 13.16 -6.83
N PHE A 29 -4.31 12.74 -7.64
CA PHE A 29 -5.21 13.68 -8.28
C PHE A 29 -5.99 14.50 -7.24
N PHE A 30 -6.35 13.82 -6.16
CA PHE A 30 -7.09 14.45 -5.08
C PHE A 30 -6.15 15.25 -4.16
N SER A 31 -4.88 14.91 -4.23
CA SER A 31 -3.88 15.57 -3.41
C SER A 31 -3.67 17.00 -3.91
N VAL A 32 -3.77 17.17 -5.22
CA VAL A 32 -3.60 18.48 -5.83
C VAL A 32 -4.77 19.37 -5.44
N ARG A 33 -5.87 18.73 -5.05
CA ARG A 33 -7.06 19.45 -4.65
C ARG A 33 -7.07 19.68 -3.14
N SER A 34 -8.27 19.79 -2.59
CA SER A 34 -8.43 20.01 -1.16
C SER A 34 -9.01 18.76 -0.51
N ARG A 35 -8.18 18.12 0.32
CA ARG A 35 -8.59 16.92 1.02
C ARG A 35 -7.46 16.40 1.89
N HIS A 36 -7.30 17.03 3.05
CA HIS A 36 -6.26 16.65 3.99
C HIS A 36 -6.67 17.06 5.40
N ARG A 37 -5.85 16.65 6.36
CA ARG A 37 -6.10 16.98 7.75
C ARG A 37 -7.39 16.29 8.23
N ARG A 38 -7.22 15.35 9.14
CA ARG A 38 -8.36 14.61 9.68
C ARG A 38 -8.65 15.06 11.11
N ARG A 39 -9.06 16.31 11.24
CA ARG A 39 -9.37 16.88 12.54
C ARG A 39 -8.13 16.85 13.44
N GLN A 40 -8.01 15.77 14.20
CA GLN A 40 -6.88 15.60 15.09
C GLN A 40 -6.06 14.37 14.71
N ALA A 41 -5.23 14.54 13.70
CA ALA A 41 -4.40 13.45 13.23
C ALA A 41 -3.46 13.96 12.13
N GLU A 42 -2.48 14.75 12.55
CA GLU A 42 -1.53 15.31 11.63
C GLU A 42 -0.13 15.32 12.24
N ARG A 43 -0.02 15.97 13.39
CA ARG A 43 1.26 16.05 14.08
C ARG A 43 1.46 14.81 14.97
N MET A 44 0.35 14.33 15.52
CA MET A 44 0.40 13.16 16.38
C MET A 44 1.15 12.01 15.71
N SER A 45 0.73 11.71 14.49
CA SER A 45 1.36 10.64 13.73
C SER A 45 2.88 10.67 13.93
N GLN A 46 3.47 11.79 13.55
CA GLN A 46 4.91 11.97 13.67
C GLN A 46 5.36 11.58 15.08
N ILE A 47 4.69 12.17 16.06
CA ILE A 47 5.01 11.89 17.46
C ILE A 47 5.09 10.37 17.66
N LYS A 48 4.14 9.68 17.07
CA LYS A 48 4.08 8.23 17.17
C LYS A 48 5.46 7.65 16.91
N ARG A 49 6.10 8.17 15.87
CA ARG A 49 7.43 7.71 15.49
C ARG A 49 8.49 8.47 16.27
N LEU A 50 8.36 9.79 16.26
CA LEU A 50 9.29 10.66 16.96
C LEU A 50 9.64 10.04 18.31
N LEU A 51 8.59 9.65 19.03
CA LEU A 51 8.77 9.03 20.33
C LEU A 51 9.13 7.56 20.17
N SER A 52 8.15 6.79 19.68
CA SER A 52 8.35 5.37 19.46
C SER A 52 8.64 4.67 20.79
N GLU A 53 7.74 3.78 21.15
CA GLU A 53 7.88 3.04 22.40
C GLU A 53 7.87 1.53 22.13
N LYS A 54 9.06 0.94 22.22
CA LYS A 54 9.20 -0.48 21.99
C LYS A 54 8.29 -1.25 22.94
N LYS A 55 7.13 -1.65 22.41
CA LYS A 55 6.16 -2.39 23.20
C LYS A 55 5.04 -2.88 22.28
N THR A 56 4.27 -3.83 22.80
CA THR A 56 3.17 -4.40 22.05
C THR A 56 3.56 -4.59 20.59
N SER A 57 4.80 -5.02 20.40
CA SER A 57 5.31 -5.25 19.06
C SER A 57 6.09 -6.57 19.01
N GLN A 58 5.42 -7.59 18.49
CA GLN A 58 6.03 -8.91 18.38
C GLN A 58 6.62 -9.10 16.98
N SER A 59 5.76 -9.01 15.99
CA SER A 59 6.20 -9.17 14.62
C SER A 59 5.00 -9.00 13.67
N PRO A 60 5.31 -8.54 12.43
CA PRO A 60 4.29 -8.33 11.42
C PRO A 60 3.80 -9.65 10.85
N HIS A 61 2.81 -9.56 9.98
CA HIS A 61 2.24 -10.74 9.34
C HIS A 61 1.82 -10.41 7.92
N ARG A 62 2.45 -11.09 6.98
CA ARG A 62 2.15 -10.89 5.56
C ARG A 62 2.96 -11.84 4.69
N PHE A 63 2.26 -12.82 4.12
CA PHE A 63 2.90 -13.80 3.27
C PHE A 63 1.86 -14.66 2.54
N GLN A 64 2.27 -15.17 1.39
CA GLN A 64 1.39 -16.00 0.59
C GLN A 64 2.21 -16.91 -0.33
N LYS A 65 1.50 -17.77 -1.05
CA LYS A 65 2.14 -18.69 -1.97
C LYS A 65 3.01 -19.66 -1.17
N THR A 66 2.95 -20.92 -1.58
CA THR A 66 3.73 -21.95 -0.92
C THR A 66 4.51 -22.78 -1.94
N HIS A 67 5.62 -23.34 -1.50
CA HIS A 67 6.46 -24.15 -2.36
C HIS A 67 7.64 -24.69 -1.57
N SER A 68 8.42 -25.55 -2.22
CA SER A 68 9.58 -26.14 -1.60
C SER A 68 9.16 -26.99 -0.39
N PRO A 69 9.26 -28.32 -0.56
CA PRO A 69 8.89 -29.24 0.50
C PRO A 69 9.95 -29.26 1.60
N ILE A 70 11.09 -28.65 1.29
CA ILE A 70 12.19 -28.59 2.24
C ILE A 70 12.66 -27.15 2.39
N GLY A 1 -15.06 0.65 -33.05
CA GLY A 1 -14.69 1.00 -34.41
C GLY A 1 -13.20 1.32 -34.52
N PRO A 2 -12.37 0.25 -34.31
CA PRO A 2 -10.93 0.39 -34.38
C PRO A 2 -10.46 0.53 -35.82
N LEU A 3 -9.24 1.02 -35.97
CA LEU A 3 -8.66 1.20 -37.29
C LEU A 3 -7.79 -0.01 -37.64
N VAL A 4 -7.70 -0.92 -36.67
CA VAL A 4 -6.91 -2.13 -36.86
C VAL A 4 -7.84 -3.35 -36.90
N PRO A 5 -7.35 -4.42 -37.57
CA PRO A 5 -8.13 -5.64 -37.68
C PRO A 5 -8.11 -6.43 -36.37
N ARG A 6 -8.75 -7.59 -36.40
CA ARG A 6 -8.82 -8.43 -35.22
C ARG A 6 -7.61 -9.37 -35.17
N GLY A 7 -7.45 -10.00 -34.01
CA GLY A 7 -6.34 -10.92 -33.82
C GLY A 7 -5.32 -10.36 -32.83
N SER A 8 -5.49 -10.72 -31.57
CA SER A 8 -4.59 -10.26 -30.53
C SER A 8 -4.22 -8.80 -30.77
N MET A 9 -5.11 -7.93 -30.33
CA MET A 9 -4.90 -6.49 -30.49
C MET A 9 -5.34 -5.73 -29.24
N ALA A 10 -6.50 -6.10 -28.73
CA ALA A 10 -7.04 -5.47 -27.54
C ALA A 10 -6.44 -6.12 -26.29
N LEU A 11 -6.26 -7.44 -26.38
CA LEU A 11 -5.70 -8.20 -25.27
C LEU A 11 -4.38 -7.56 -24.86
N ILE A 12 -3.61 -7.14 -25.85
CA ILE A 12 -2.33 -6.52 -25.60
C ILE A 12 -2.54 -5.16 -24.94
N VAL A 13 -3.50 -4.42 -25.48
CA VAL A 13 -3.81 -3.10 -24.95
C VAL A 13 -4.07 -3.20 -23.45
N LEU A 14 -5.04 -4.04 -23.10
CA LEU A 14 -5.38 -4.24 -21.71
C LEU A 14 -4.11 -4.34 -20.87
N GLY A 15 -3.31 -5.35 -21.19
CA GLY A 15 -2.06 -5.56 -20.48
C GLY A 15 -1.26 -4.25 -20.36
N GLY A 16 -1.15 -3.57 -21.48
CA GLY A 16 -0.42 -2.31 -21.52
C GLY A 16 -1.15 -1.23 -20.71
N VAL A 17 -2.42 -1.50 -20.44
CA VAL A 17 -3.24 -0.57 -19.69
C VAL A 17 -3.17 -0.93 -18.19
N ALA A 18 -3.29 -2.23 -17.93
CA ALA A 18 -3.24 -2.71 -16.57
C ALA A 18 -2.18 -1.94 -15.78
N GLY A 19 -0.97 -1.99 -16.30
CA GLY A 19 0.15 -1.30 -15.67
C GLY A 19 -0.16 0.19 -15.50
N LEU A 20 -0.55 0.81 -16.59
CA LEU A 20 -0.89 2.23 -16.56
C LEU A 20 -1.95 2.48 -15.50
N LEU A 21 -2.95 1.63 -15.49
CA LEU A 21 -4.03 1.75 -14.52
C LEU A 21 -3.45 1.72 -13.11
N LEU A 22 -2.42 0.91 -12.93
CA LEU A 22 -1.77 0.79 -11.64
C LEU A 22 -1.37 2.18 -11.15
N PHE A 23 -0.52 2.83 -11.94
CA PHE A 23 -0.04 4.16 -11.60
C PHE A 23 -1.21 5.14 -11.45
N ILE A 24 -2.19 4.97 -12.32
CA ILE A 24 -3.37 5.83 -12.28
C ILE A 24 -4.09 5.66 -10.95
N GLY A 25 -4.35 4.41 -10.60
CA GLY A 25 -5.03 4.10 -9.35
C GLY A 25 -4.17 4.48 -8.15
N LEU A 26 -2.86 4.38 -8.35
CA LEU A 26 -1.92 4.72 -7.30
C LEU A 26 -1.86 6.24 -7.14
N GLY A 27 -1.94 6.92 -8.27
CA GLY A 27 -1.89 8.38 -8.26
C GLY A 27 -3.03 8.96 -7.45
N ILE A 28 -4.16 8.25 -7.46
CA ILE A 28 -5.33 8.69 -6.73
C ILE A 28 -5.26 8.15 -5.30
N PHE A 29 -5.17 6.82 -5.21
CA PHE A 29 -5.11 6.17 -3.92
C PHE A 29 -4.16 6.91 -2.97
N PHE A 30 -2.92 7.06 -3.42
CA PHE A 30 -1.92 7.74 -2.62
C PHE A 30 -2.46 9.07 -2.08
N SER A 31 -3.25 9.74 -2.92
CA SER A 31 -3.83 11.01 -2.55
C SER A 31 -4.92 10.80 -1.49
N VAL A 32 -5.51 9.61 -1.52
CA VAL A 32 -6.56 9.27 -0.58
C VAL A 32 -5.93 8.97 0.79
N ARG A 33 -4.66 8.61 0.75
CA ARG A 33 -3.93 8.29 1.96
C ARG A 33 -2.75 9.25 2.15
N SER A 34 -2.88 10.10 3.16
CA SER A 34 -1.85 11.07 3.46
C SER A 34 -0.49 10.37 3.57
N ARG A 35 0.56 11.18 3.50
CA ARG A 35 1.92 10.65 3.60
C ARG A 35 2.38 10.63 5.05
N HIS A 36 3.40 9.83 5.31
CA HIS A 36 3.94 9.72 6.65
C HIS A 36 3.13 8.70 7.45
N ARG A 37 3.60 7.46 7.43
CA ARG A 37 2.93 6.39 8.15
C ARG A 37 3.55 5.04 7.80
N ARG A 38 4.82 4.90 8.18
CA ARG A 38 5.54 3.67 7.91
C ARG A 38 5.10 2.57 8.89
N ARG A 39 5.48 2.75 10.14
CA ARG A 39 5.12 1.79 11.17
C ARG A 39 4.89 2.50 12.50
N GLN A 40 5.95 3.10 13.01
CA GLN A 40 5.89 3.82 14.27
C GLN A 40 6.71 5.10 14.21
N ALA A 41 6.06 6.16 13.73
CA ALA A 41 6.73 7.45 13.61
C ALA A 41 5.72 8.49 13.14
N GLU A 42 4.63 8.60 13.88
CA GLU A 42 3.58 9.55 13.55
C GLU A 42 3.12 10.30 14.80
N ARG A 43 2.76 9.52 15.81
CA ARG A 43 2.29 10.09 17.07
C ARG A 43 2.73 9.21 18.24
N MET A 44 3.69 8.34 17.97
CA MET A 44 4.20 7.44 18.98
C MET A 44 4.41 8.18 20.31
N SER A 45 5.13 9.29 20.24
CA SER A 45 5.40 10.08 21.43
C SER A 45 4.13 10.20 22.28
N GLN A 46 3.00 10.31 21.60
CA GLN A 46 1.72 10.42 22.28
C GLN A 46 1.19 9.03 22.63
N ILE A 47 1.31 8.12 21.67
CA ILE A 47 0.84 6.77 21.88
C ILE A 47 1.66 6.10 22.98
N LYS A 48 2.76 6.77 23.33
CA LYS A 48 3.64 6.25 24.37
C LYS A 48 2.95 6.39 25.73
N ARG A 49 2.63 7.63 26.07
CA ARG A 49 1.97 7.90 27.34
C ARG A 49 0.53 7.39 27.32
N LEU A 50 -0.13 7.61 26.18
CA LEU A 50 -1.50 7.17 26.02
C LEU A 50 -1.66 5.78 26.64
N LEU A 51 -0.72 4.91 26.34
CA LEU A 51 -0.74 3.55 26.85
C LEU A 51 -0.21 3.55 28.29
N SER A 52 0.85 4.32 28.50
CA SER A 52 1.46 4.40 29.81
C SER A 52 0.38 4.61 30.87
N GLU A 53 -0.74 5.16 30.44
CA GLU A 53 -1.85 5.42 31.33
C GLU A 53 -2.96 4.39 31.12
N LYS A 54 -2.97 3.82 29.93
CA LYS A 54 -3.96 2.82 29.58
C LYS A 54 -3.52 1.46 30.12
N LYS A 55 -4.49 0.64 30.47
CA LYS A 55 -4.22 -0.69 30.99
C LYS A 55 -3.50 -1.52 29.92
N THR A 56 -3.82 -1.20 28.68
CA THR A 56 -3.21 -1.91 27.55
C THR A 56 -2.10 -1.06 26.93
N SER A 57 -1.12 -1.75 26.37
CA SER A 57 0.00 -1.08 25.73
C SER A 57 0.61 -1.99 24.65
N GLN A 58 1.15 -3.10 25.10
CA GLN A 58 1.76 -4.05 24.18
C GLN A 58 2.75 -3.34 23.27
N SER A 59 4.02 -3.46 23.62
CA SER A 59 5.08 -2.83 22.83
C SER A 59 5.50 -3.75 21.69
N PRO A 60 5.92 -3.11 20.56
CA PRO A 60 6.35 -3.87 19.39
C PRO A 60 7.75 -4.46 19.62
N HIS A 61 8.40 -3.97 20.66
CA HIS A 61 9.74 -4.44 20.98
C HIS A 61 9.82 -5.95 20.77
N ARG A 62 10.81 -6.37 20.00
CA ARG A 62 11.01 -7.78 19.72
C ARG A 62 9.71 -8.39 19.18
N PHE A 63 9.67 -8.59 17.87
CA PHE A 63 8.51 -9.17 17.23
C PHE A 63 8.71 -9.27 15.71
N GLN A 64 9.13 -10.45 15.29
CA GLN A 64 9.36 -10.69 13.88
C GLN A 64 8.89 -12.10 13.49
N LYS A 65 9.77 -13.06 13.75
CA LYS A 65 9.46 -14.45 13.44
C LYS A 65 8.79 -14.52 12.06
N THR A 66 9.60 -14.28 11.04
CA THR A 66 9.09 -14.32 9.67
C THR A 66 9.99 -15.21 8.80
N HIS A 67 9.34 -16.08 8.04
CA HIS A 67 10.06 -16.99 7.17
C HIS A 67 9.63 -16.76 5.72
N SER A 68 10.33 -17.42 4.81
CA SER A 68 10.03 -17.29 3.40
C SER A 68 10.24 -18.65 2.70
N PRO A 69 9.61 -18.76 1.50
CA PRO A 69 9.73 -19.99 0.72
C PRO A 69 11.10 -20.08 0.05
N ILE A 70 11.44 -19.04 -0.69
CA ILE A 70 12.72 -19.00 -1.39
C ILE A 70 13.75 -18.28 -0.51
N GLY A 1 -2.16 1.25 -37.10
CA GLY A 1 -1.71 1.24 -35.72
C GLY A 1 -1.31 -0.17 -35.27
N PRO A 2 -2.36 -0.99 -34.96
CA PRO A 2 -2.14 -2.36 -34.53
C PRO A 2 -1.74 -3.25 -35.71
N LEU A 3 -1.18 -4.40 -35.38
CA LEU A 3 -0.75 -5.35 -36.39
C LEU A 3 -1.98 -6.10 -36.93
N VAL A 4 -3.13 -5.78 -36.35
CA VAL A 4 -4.37 -6.40 -36.76
C VAL A 4 -5.28 -5.35 -37.41
N PRO A 5 -6.21 -5.86 -38.26
CA PRO A 5 -7.15 -4.97 -38.95
C PRO A 5 -8.22 -4.46 -38.00
N ARG A 6 -9.10 -3.63 -38.54
CA ARG A 6 -10.18 -3.07 -37.75
C ARG A 6 -10.75 -4.12 -36.79
N GLY A 7 -10.70 -3.80 -35.51
CA GLY A 7 -11.21 -4.69 -34.50
C GLY A 7 -10.42 -4.55 -33.19
N SER A 8 -9.36 -5.34 -33.07
CA SER A 8 -8.53 -5.29 -31.89
C SER A 8 -7.67 -4.03 -31.88
N MET A 9 -8.21 -2.98 -31.28
CA MET A 9 -7.52 -1.71 -31.21
C MET A 9 -7.89 -0.95 -29.93
N ALA A 10 -9.18 -0.94 -29.65
CA ALA A 10 -9.68 -0.27 -28.47
C ALA A 10 -9.52 -1.17 -27.25
N LEU A 11 -9.77 -2.46 -27.47
CA LEU A 11 -9.65 -3.43 -26.40
C LEU A 11 -8.31 -3.25 -25.70
N ILE A 12 -7.30 -2.91 -26.50
CA ILE A 12 -5.96 -2.71 -25.97
C ILE A 12 -5.89 -1.35 -25.27
N VAL A 13 -6.52 -0.37 -25.91
CA VAL A 13 -6.53 0.99 -25.38
C VAL A 13 -7.10 0.96 -23.96
N LEU A 14 -8.31 0.41 -23.86
CA LEU A 14 -8.98 0.32 -22.57
C LEU A 14 -7.97 -0.14 -21.50
N GLY A 15 -7.48 -1.36 -21.70
CA GLY A 15 -6.52 -1.93 -20.77
C GLY A 15 -5.35 -0.96 -20.53
N GLY A 16 -5.04 -0.19 -21.56
CA GLY A 16 -3.96 0.77 -21.47
C GLY A 16 -4.43 2.08 -20.82
N VAL A 17 -5.75 2.22 -20.76
CA VAL A 17 -6.33 3.41 -20.17
C VAL A 17 -6.69 3.13 -18.71
N ALA A 18 -7.25 1.94 -18.49
CA ALA A 18 -7.63 1.54 -17.15
C ALA A 18 -6.56 1.99 -16.15
N GLY A 19 -5.38 1.41 -16.30
CA GLY A 19 -4.27 1.75 -15.43
C GLY A 19 -4.09 3.26 -15.32
N LEU A 20 -3.95 3.89 -16.48
CA LEU A 20 -3.77 5.34 -16.51
C LEU A 20 -4.89 6.00 -15.70
N LEU A 21 -6.10 5.56 -15.94
CA LEU A 21 -7.25 6.10 -15.23
C LEU A 21 -7.03 5.97 -13.73
N LEU A 22 -6.46 4.83 -13.34
CA LEU A 22 -6.18 4.57 -11.93
C LEU A 22 -5.39 5.74 -11.35
N PHE A 23 -4.20 5.93 -11.89
CA PHE A 23 -3.34 7.01 -11.42
C PHE A 23 -4.04 8.37 -11.56
N ILE A 24 -4.75 8.53 -12.67
CA ILE A 24 -5.45 9.77 -12.92
C ILE A 24 -6.45 10.03 -11.78
N GLY A 25 -7.21 9.00 -11.45
CA GLY A 25 -8.18 9.10 -10.39
C GLY A 25 -7.51 9.23 -9.02
N LEU A 26 -6.46 8.44 -8.85
CA LEU A 26 -5.72 8.45 -7.59
C LEU A 26 -5.11 9.84 -7.39
N GLY A 27 -4.60 10.40 -8.47
CA GLY A 27 -4.00 11.72 -8.42
C GLY A 27 -4.95 12.73 -7.77
N ILE A 28 -6.19 12.72 -8.25
CA ILE A 28 -7.20 13.62 -7.73
C ILE A 28 -7.57 13.21 -6.31
N PHE A 29 -8.09 12.00 -6.19
CA PHE A 29 -8.49 11.47 -4.91
C PHE A 29 -7.51 11.91 -3.81
N PHE A 30 -6.24 11.89 -4.16
CA PHE A 30 -5.20 12.28 -3.22
C PHE A 30 -5.26 13.78 -2.92
N SER A 31 -6.30 14.16 -2.19
CA SER A 31 -6.49 15.56 -1.84
C SER A 31 -7.68 15.70 -0.89
N VAL A 32 -8.82 15.23 -1.36
CA VAL A 32 -10.05 15.29 -0.56
C VAL A 32 -9.93 14.32 0.61
N ARG A 33 -9.51 13.11 0.30
CA ARG A 33 -9.36 12.08 1.32
C ARG A 33 -8.69 12.67 2.56
N SER A 34 -7.51 13.20 2.37
CA SER A 34 -6.75 13.80 3.46
C SER A 34 -6.36 12.72 4.47
N ARG A 35 -5.12 12.79 4.92
CA ARG A 35 -4.61 11.84 5.89
C ARG A 35 -5.67 11.58 6.97
N HIS A 36 -5.48 10.46 7.67
CA HIS A 36 -6.40 10.08 8.73
C HIS A 36 -6.57 11.26 9.70
N ARG A 37 -7.49 11.09 10.64
CA ARG A 37 -7.77 12.12 11.62
C ARG A 37 -8.59 11.54 12.78
N ARG A 38 -9.89 11.67 12.65
CA ARG A 38 -10.80 11.17 13.67
C ARG A 38 -10.35 11.64 15.06
N ARG A 39 -9.55 10.80 15.70
CA ARG A 39 -9.04 11.12 17.02
C ARG A 39 -7.58 11.55 16.94
N GLN A 40 -7.12 12.15 18.03
CA GLN A 40 -5.74 12.62 18.10
C GLN A 40 -4.81 11.62 17.40
N ALA A 41 -4.50 11.93 16.15
CA ALA A 41 -3.62 11.07 15.37
C ALA A 41 -3.65 11.51 13.91
N GLU A 42 -2.92 12.58 13.63
CA GLU A 42 -2.85 13.11 12.28
C GLU A 42 -1.43 12.98 11.72
N ARG A 43 -0.48 13.45 12.51
CA ARG A 43 0.92 13.39 12.11
C ARG A 43 1.66 12.35 12.96
N MET A 44 1.23 12.22 14.20
CA MET A 44 1.84 11.28 15.11
C MET A 44 1.65 9.83 14.63
N SER A 45 0.68 9.67 13.74
CA SER A 45 0.38 8.36 13.20
C SER A 45 1.61 7.79 12.47
N GLN A 46 2.15 8.60 11.58
CA GLN A 46 3.32 8.20 10.82
C GLN A 46 4.55 8.12 11.74
N ILE A 47 4.78 9.21 12.47
CA ILE A 47 5.90 9.28 13.38
C ILE A 47 6.05 7.94 14.10
N LYS A 48 4.93 7.46 14.63
CA LYS A 48 4.92 6.20 15.35
C LYS A 48 5.87 5.21 14.66
N ARG A 49 5.50 4.85 13.45
CA ARG A 49 6.30 3.92 12.66
C ARG A 49 7.56 4.62 12.14
N LEU A 50 7.35 5.79 11.57
CA LEU A 50 8.45 6.56 11.03
C LEU A 50 9.63 6.52 12.00
N LEU A 51 9.30 6.39 13.27
CA LEU A 51 10.32 6.33 14.31
C LEU A 51 10.47 4.88 14.78
N SER A 52 9.34 4.26 15.06
CA SER A 52 9.33 2.88 15.52
C SER A 52 8.42 2.03 14.62
N GLU A 53 8.98 1.62 13.49
CA GLU A 53 8.23 0.80 12.55
C GLU A 53 7.86 -0.54 13.18
N LYS A 54 8.48 -0.81 14.33
CA LYS A 54 8.23 -2.06 15.04
C LYS A 54 8.15 -3.21 14.03
N LYS A 55 9.32 -3.58 13.51
CA LYS A 55 9.39 -4.65 12.54
C LYS A 55 10.58 -5.56 12.88
N THR A 56 11.72 -4.92 13.08
CA THR A 56 12.93 -5.65 13.41
C THR A 56 13.12 -5.72 14.92
N SER A 57 12.68 -4.67 15.60
CA SER A 57 12.78 -4.60 17.04
C SER A 57 11.40 -4.67 17.67
N GLN A 58 11.15 -5.76 18.39
CA GLN A 58 9.88 -5.96 19.04
C GLN A 58 9.94 -7.17 19.97
N SER A 59 9.12 -7.13 21.01
CA SER A 59 9.06 -8.22 21.97
C SER A 59 9.21 -9.56 21.25
N PRO A 60 10.45 -10.10 21.29
CA PRO A 60 10.73 -11.37 20.64
C PRO A 60 10.17 -12.54 21.46
N HIS A 61 10.32 -12.42 22.78
CA HIS A 61 9.82 -13.45 23.68
C HIS A 61 10.16 -14.83 23.12
N ARG A 62 11.34 -15.30 23.47
CA ARG A 62 11.80 -16.61 23.01
C ARG A 62 11.32 -17.71 23.97
N PHE A 63 11.35 -18.94 23.47
CA PHE A 63 10.92 -20.08 24.26
C PHE A 63 11.50 -21.37 23.70
N GLN A 64 12.23 -22.08 24.56
CA GLN A 64 12.84 -23.34 24.16
C GLN A 64 12.45 -24.45 25.14
N LYS A 65 13.11 -25.58 25.00
CA LYS A 65 12.85 -26.72 25.87
C LYS A 65 12.73 -26.23 27.31
N THR A 66 13.79 -25.60 27.79
CA THR A 66 13.82 -25.10 29.14
C THR A 66 13.65 -26.23 30.15
N HIS A 67 14.46 -26.18 31.20
CA HIS A 67 14.42 -27.20 32.24
C HIS A 67 14.80 -28.55 31.64
N SER A 68 15.52 -29.33 32.43
CA SER A 68 15.97 -30.65 31.99
C SER A 68 16.10 -31.58 33.20
N PRO A 69 15.95 -32.90 32.92
CA PRO A 69 16.05 -33.90 33.96
C PRO A 69 17.51 -34.12 34.36
N ILE A 70 18.31 -34.54 33.40
CA ILE A 70 19.72 -34.79 33.65
C ILE A 70 20.55 -34.02 32.62
N GLY A 1 -8.99 -13.34 -30.41
CA GLY A 1 -8.12 -12.90 -29.33
C GLY A 1 -8.74 -13.21 -27.96
N PRO A 2 -7.87 -13.20 -26.91
CA PRO A 2 -8.32 -13.47 -25.56
C PRO A 2 -9.07 -12.27 -24.98
N LEU A 3 -9.48 -12.43 -23.73
CA LEU A 3 -10.20 -11.37 -23.05
C LEU A 3 -9.22 -10.52 -22.23
N VAL A 4 -7.99 -10.98 -22.21
CA VAL A 4 -6.94 -10.28 -21.46
C VAL A 4 -6.54 -9.02 -22.23
N PRO A 5 -5.95 -8.06 -21.48
CA PRO A 5 -5.52 -6.80 -22.08
C PRO A 5 -4.24 -6.99 -22.88
N ARG A 6 -4.35 -6.75 -24.19
CA ARG A 6 -3.22 -6.89 -25.08
C ARG A 6 -3.38 -5.99 -26.30
N GLY A 7 -2.32 -5.26 -26.61
CA GLY A 7 -2.34 -4.36 -27.75
C GLY A 7 -3.38 -3.25 -27.56
N SER A 8 -4.00 -2.86 -28.66
CA SER A 8 -5.01 -1.82 -28.64
C SER A 8 -6.00 -2.08 -27.50
N MET A 9 -6.57 -3.28 -27.52
CA MET A 9 -7.53 -3.67 -26.49
C MET A 9 -7.03 -3.28 -25.10
N ALA A 10 -5.72 -3.19 -24.98
CA ALA A 10 -5.11 -2.84 -23.71
C ALA A 10 -4.98 -1.32 -23.62
N LEU A 11 -4.46 -0.73 -24.70
CA LEU A 11 -4.29 0.71 -24.76
C LEU A 11 -5.54 1.40 -24.21
N ILE A 12 -6.68 0.86 -24.60
CA ILE A 12 -7.95 1.41 -24.17
C ILE A 12 -8.10 1.22 -22.66
N VAL A 13 -7.80 0.01 -22.22
CA VAL A 13 -7.90 -0.32 -20.81
C VAL A 13 -6.93 0.57 -20.01
N LEU A 14 -5.66 0.51 -20.41
CA LEU A 14 -4.64 1.30 -19.76
C LEU A 14 -5.19 2.70 -19.46
N GLY A 15 -5.57 3.39 -20.52
CA GLY A 15 -6.12 4.73 -20.39
C GLY A 15 -7.22 4.76 -19.34
N GLY A 16 -8.09 3.76 -19.39
CA GLY A 16 -9.19 3.67 -18.46
C GLY A 16 -8.70 3.29 -17.06
N VAL A 17 -7.46 2.82 -17.01
CA VAL A 17 -6.86 2.42 -15.75
C VAL A 17 -6.04 3.58 -15.18
N ALA A 18 -5.31 4.24 -16.07
CA ALA A 18 -4.48 5.37 -15.68
C ALA A 18 -5.24 6.22 -14.66
N GLY A 19 -6.39 6.71 -15.09
CA GLY A 19 -7.22 7.54 -14.24
C GLY A 19 -7.48 6.86 -12.90
N LEU A 20 -7.96 5.62 -12.98
CA LEU A 20 -8.25 4.84 -11.79
C LEU A 20 -7.01 4.79 -10.90
N LEU A 21 -5.88 4.50 -11.54
CA LEU A 21 -4.62 4.41 -10.83
C LEU A 21 -4.38 5.71 -10.06
N LEU A 22 -4.82 6.80 -10.66
CA LEU A 22 -4.66 8.11 -10.04
C LEU A 22 -5.32 8.10 -8.66
N PHE A 23 -6.61 7.81 -8.65
CA PHE A 23 -7.37 7.76 -7.42
C PHE A 23 -6.79 6.72 -6.46
N ILE A 24 -6.39 5.59 -7.03
CA ILE A 24 -5.82 4.51 -6.25
C ILE A 24 -4.53 4.99 -5.59
N GLY A 25 -3.75 5.73 -6.36
CA GLY A 25 -2.49 6.26 -5.87
C GLY A 25 -2.71 7.47 -4.96
N LEU A 26 -3.82 8.16 -5.20
CA LEU A 26 -4.16 9.33 -4.41
C LEU A 26 -4.76 8.87 -3.08
N GLY A 27 -5.70 7.96 -3.17
CA GLY A 27 -6.35 7.44 -1.98
C GLY A 27 -5.33 6.88 -0.99
N ILE A 28 -4.37 6.15 -1.52
CA ILE A 28 -3.33 5.57 -0.70
C ILE A 28 -2.39 6.67 -0.21
N PHE A 29 -1.76 7.33 -1.17
CA PHE A 29 -0.84 8.41 -0.85
C PHE A 29 -1.42 9.34 0.22
N PHE A 30 -2.64 9.76 -0.02
CA PHE A 30 -3.31 10.65 0.92
C PHE A 30 -3.40 10.02 2.31
N SER A 31 -3.39 8.69 2.32
CA SER A 31 -3.46 7.96 3.57
C SER A 31 -2.05 7.74 4.13
N VAL A 32 -1.11 8.50 3.59
CA VAL A 32 0.28 8.39 4.02
C VAL A 32 0.93 9.78 3.95
N ARG A 33 1.41 10.11 2.76
CA ARG A 33 2.06 11.39 2.55
C ARG A 33 3.31 11.50 3.42
N SER A 34 4.46 11.54 2.75
CA SER A 34 5.73 11.64 3.43
C SER A 34 5.71 10.79 4.71
N ARG A 35 6.52 11.20 5.67
CA ARG A 35 6.60 10.50 6.94
C ARG A 35 6.65 11.49 8.10
N HIS A 36 6.82 10.94 9.30
CA HIS A 36 6.90 11.77 10.50
C HIS A 36 5.68 12.70 10.55
N ARG A 37 4.55 12.11 10.95
CA ARG A 37 3.31 12.87 11.05
C ARG A 37 2.90 13.41 9.67
N ARG A 38 3.48 14.54 9.32
CA ARG A 38 3.18 15.17 8.04
C ARG A 38 1.70 15.01 7.71
N ARG A 39 0.88 14.99 8.76
CA ARG A 39 -0.55 14.85 8.59
C ARG A 39 -0.88 13.51 7.94
N GLN A 40 -2.07 13.01 8.26
CA GLN A 40 -2.52 11.75 7.71
C GLN A 40 -1.62 10.60 8.21
N ALA A 41 -1.22 10.71 9.46
CA ALA A 41 -0.36 9.71 10.05
C ALA A 41 0.16 10.21 11.40
N GLU A 42 -0.76 10.51 12.29
CA GLU A 42 -0.41 11.02 13.61
C GLU A 42 -0.99 10.11 14.69
N ARG A 43 -2.30 9.91 14.62
CA ARG A 43 -2.98 9.08 15.59
C ARG A 43 -3.09 7.65 15.07
N MET A 44 -3.25 7.53 13.77
CA MET A 44 -3.37 6.23 13.13
C MET A 44 -2.10 5.40 13.36
N SER A 45 -0.98 5.98 12.96
CA SER A 45 0.31 5.31 13.11
C SER A 45 0.36 4.58 14.45
N GLN A 46 -0.06 5.29 15.49
CA GLN A 46 -0.06 4.72 16.84
C GLN A 46 -0.94 3.48 16.88
N ILE A 47 -2.15 3.62 16.34
CA ILE A 47 -3.09 2.51 16.31
C ILE A 47 -2.55 1.41 15.39
N LYS A 48 -1.89 1.85 14.33
CA LYS A 48 -1.32 0.91 13.37
C LYS A 48 -0.74 -0.29 14.12
N ARG A 49 0.36 -0.02 14.83
CA ARG A 49 1.03 -1.06 15.59
C ARG A 49 0.05 -1.74 16.53
N LEU A 50 -0.64 -0.93 17.31
CA LEU A 50 -1.62 -1.44 18.26
C LEU A 50 -2.40 -2.59 17.62
N LEU A 51 -2.91 -2.32 16.42
CA LEU A 51 -3.67 -3.32 15.69
C LEU A 51 -2.71 -4.33 15.08
N SER A 52 -1.98 -3.87 14.08
CA SER A 52 -1.01 -4.73 13.39
C SER A 52 -1.61 -6.13 13.21
N GLU A 53 -2.88 -6.16 12.83
CA GLU A 53 -3.57 -7.42 12.62
C GLU A 53 -3.69 -7.71 11.12
N LYS A 54 -3.30 -6.73 10.33
CA LYS A 54 -3.34 -6.87 8.88
C LYS A 54 -1.95 -7.25 8.37
N LYS A 55 -1.92 -7.66 7.11
CA LYS A 55 -0.67 -8.06 6.49
C LYS A 55 0.30 -6.86 6.49
N THR A 56 1.56 -7.17 6.71
CA THR A 56 2.58 -6.14 6.74
C THR A 56 3.43 -6.17 5.47
N SER A 57 3.46 -5.03 4.79
CA SER A 57 4.22 -4.93 3.55
C SER A 57 5.68 -5.27 3.81
N GLN A 58 6.40 -5.53 2.72
CA GLN A 58 7.81 -5.87 2.82
C GLN A 58 8.61 -4.66 3.29
N SER A 59 9.51 -4.91 4.23
CA SER A 59 10.34 -3.86 4.77
C SER A 59 11.41 -4.45 5.69
N PRO A 60 12.57 -3.74 5.76
CA PRO A 60 13.66 -4.19 6.60
C PRO A 60 13.37 -3.93 8.09
N HIS A 61 14.32 -4.33 8.92
CA HIS A 61 14.17 -4.15 10.35
C HIS A 61 12.86 -4.78 10.82
N ARG A 62 12.67 -4.76 12.13
CA ARG A 62 11.46 -5.32 12.71
C ARG A 62 11.41 -6.83 12.49
N PHE A 63 10.59 -7.49 13.28
CA PHE A 63 10.44 -8.94 13.18
C PHE A 63 11.78 -9.64 13.39
N GLN A 64 11.91 -10.22 14.58
CA GLN A 64 13.14 -10.92 14.93
C GLN A 64 12.97 -11.65 16.27
N LYS A 65 13.25 -10.92 17.33
CA LYS A 65 13.13 -11.47 18.67
C LYS A 65 13.82 -12.83 18.71
N THR A 66 13.62 -13.53 19.83
CA THR A 66 14.21 -14.84 20.00
C THR A 66 13.44 -15.63 21.06
N HIS A 67 13.67 -16.94 21.06
CA HIS A 67 13.02 -17.81 22.01
C HIS A 67 13.97 -18.92 22.44
N SER A 68 13.97 -19.20 23.74
CA SER A 68 14.83 -20.23 24.29
C SER A 68 14.38 -20.57 25.71
N PRO A 69 14.76 -21.81 26.15
CA PRO A 69 14.41 -22.27 27.48
C PRO A 69 15.27 -21.59 28.55
N ILE A 70 16.55 -21.96 28.56
CA ILE A 70 17.48 -21.39 29.52
C ILE A 70 18.51 -20.54 28.77
N GLY A 1 -12.79 7.72 -35.42
CA GLY A 1 -11.89 6.64 -35.79
C GLY A 1 -10.42 7.10 -35.76
N PRO A 2 -9.51 6.12 -35.62
CA PRO A 2 -8.09 6.41 -35.59
C PRO A 2 -7.56 6.75 -36.98
N LEU A 3 -6.35 7.27 -37.01
CA LEU A 3 -5.72 7.64 -38.26
C LEU A 3 -4.94 6.44 -38.82
N VAL A 4 -4.96 5.37 -38.05
CA VAL A 4 -4.27 4.15 -38.45
C VAL A 4 -5.29 3.06 -38.72
N PRO A 5 -4.83 2.02 -39.49
CA PRO A 5 -5.70 0.91 -39.83
C PRO A 5 -5.89 -0.03 -38.63
N ARG A 6 -6.74 -1.03 -38.83
CA ARG A 6 -7.02 -1.99 -37.77
C ARG A 6 -7.36 -1.26 -36.47
N GLY A 7 -7.68 -2.06 -35.45
CA GLY A 7 -8.03 -1.50 -34.16
C GLY A 7 -6.79 -1.07 -33.38
N SER A 8 -6.38 -1.93 -32.45
CA SER A 8 -5.22 -1.65 -31.63
C SER A 8 -5.33 -0.26 -31.00
N MET A 9 -6.35 -0.12 -30.15
CA MET A 9 -6.59 1.15 -29.49
C MET A 9 -7.06 0.92 -28.05
N ALA A 10 -8.00 0.00 -27.91
CA ALA A 10 -8.56 -0.32 -26.61
C ALA A 10 -7.64 -1.34 -25.90
N LEU A 11 -7.13 -2.26 -26.70
CA LEU A 11 -6.24 -3.29 -26.17
C LEU A 11 -5.07 -2.62 -25.45
N ILE A 12 -4.54 -1.58 -26.08
CA ILE A 12 -3.43 -0.85 -25.51
C ILE A 12 -3.83 -0.29 -24.14
N VAL A 13 -4.98 0.38 -24.13
CA VAL A 13 -5.49 0.97 -22.91
C VAL A 13 -5.40 -0.04 -21.77
N LEU A 14 -6.08 -1.16 -21.97
CA LEU A 14 -6.09 -2.22 -20.97
C LEU A 14 -4.67 -2.40 -20.42
N GLY A 15 -3.75 -2.73 -21.32
CA GLY A 15 -2.37 -2.93 -20.94
C GLY A 15 -1.82 -1.74 -20.16
N GLY A 16 -2.32 -0.56 -20.53
CA GLY A 16 -1.90 0.67 -19.87
C GLY A 16 -2.66 0.88 -18.56
N VAL A 17 -3.72 0.11 -18.41
CA VAL A 17 -4.55 0.19 -17.21
C VAL A 17 -4.14 -0.91 -16.23
N ALA A 18 -3.91 -2.09 -16.78
CA ALA A 18 -3.50 -3.22 -15.98
C ALA A 18 -2.51 -2.77 -14.91
N GLY A 19 -1.40 -2.21 -15.39
CA GLY A 19 -0.37 -1.72 -14.48
C GLY A 19 -0.95 -0.76 -13.44
N LEU A 20 -1.63 0.27 -13.94
CA LEU A 20 -2.24 1.25 -13.07
C LEU A 20 -3.10 0.55 -12.03
N LEU A 21 -3.93 -0.38 -12.51
CA LEU A 21 -4.82 -1.13 -11.64
C LEU A 21 -3.99 -1.78 -10.52
N LEU A 22 -2.80 -2.24 -10.90
CA LEU A 22 -1.91 -2.88 -9.96
C LEU A 22 -1.71 -1.97 -8.74
N PHE A 23 -1.20 -0.78 -9.03
CA PHE A 23 -0.96 0.19 -7.97
C PHE A 23 -2.25 0.53 -7.23
N ILE A 24 -3.33 0.62 -7.99
CA ILE A 24 -4.63 0.94 -7.42
C ILE A 24 -5.02 -0.15 -6.42
N GLY A 25 -4.90 -1.39 -6.87
CA GLY A 25 -5.24 -2.53 -6.03
C GLY A 25 -4.25 -2.67 -4.87
N LEU A 26 -3.01 -2.26 -5.14
CA LEU A 26 -1.97 -2.33 -4.15
C LEU A 26 -2.16 -1.22 -3.12
N GLY A 27 -2.61 -0.08 -3.60
CA GLY A 27 -2.86 1.07 -2.74
C GLY A 27 -3.94 0.76 -1.72
N ILE A 28 -4.95 0.02 -2.16
CA ILE A 28 -6.05 -0.35 -1.30
C ILE A 28 -5.64 -1.54 -0.42
N PHE A 29 -5.15 -2.58 -1.09
CA PHE A 29 -4.71 -3.77 -0.39
C PHE A 29 -3.77 -3.42 0.76
N PHE A 30 -2.84 -2.52 0.47
CA PHE A 30 -1.88 -2.09 1.46
C PHE A 30 -2.55 -1.29 2.58
N SER A 31 -3.63 -0.63 2.21
CA SER A 31 -4.39 0.18 3.17
C SER A 31 -5.29 -0.72 4.00
N VAL A 32 -6.25 -1.34 3.32
CA VAL A 32 -7.19 -2.22 3.99
C VAL A 32 -6.44 -3.07 5.02
N ARG A 33 -5.35 -3.67 4.57
CA ARG A 33 -4.54 -4.51 5.44
C ARG A 33 -4.18 -3.75 6.72
N SER A 34 -3.54 -2.61 6.53
CA SER A 34 -3.15 -1.78 7.66
C SER A 34 -4.37 -1.14 8.31
N ARG A 35 -4.13 -0.40 9.38
CA ARG A 35 -5.20 0.27 10.09
C ARG A 35 -5.62 1.54 9.34
N HIS A 36 -6.44 1.33 8.32
CA HIS A 36 -6.94 2.44 7.52
C HIS A 36 -5.79 3.45 7.29
N ARG A 37 -4.63 2.91 6.98
CA ARG A 37 -3.47 3.74 6.73
C ARG A 37 -3.64 4.53 5.43
N ARG A 38 -4.64 5.40 5.43
CA ARG A 38 -4.93 6.21 4.26
C ARG A 38 -6.16 7.10 4.51
N ARG A 39 -6.06 7.91 5.55
CA ARG A 39 -7.15 8.79 5.90
C ARG A 39 -6.73 9.73 7.04
N GLN A 40 -6.37 9.12 8.16
CA GLN A 40 -5.94 9.90 9.32
C GLN A 40 -5.30 8.97 10.36
N ALA A 41 -4.30 8.23 9.92
CA ALA A 41 -3.60 7.31 10.80
C ALA A 41 -2.54 6.56 10.00
N GLU A 42 -1.38 7.17 9.90
CA GLU A 42 -0.27 6.57 9.17
C GLU A 42 1.05 6.87 9.88
N ARG A 43 1.36 8.15 9.97
CA ARG A 43 2.59 8.58 10.62
C ARG A 43 2.38 8.68 12.14
N MET A 44 1.23 9.21 12.51
CA MET A 44 0.90 9.37 13.91
C MET A 44 1.09 8.06 14.68
N SER A 45 0.52 7.00 14.13
CA SER A 45 0.63 5.69 14.74
C SER A 45 2.10 5.36 15.04
N GLN A 46 2.98 6.05 14.32
CA GLN A 46 4.40 5.85 14.51
C GLN A 46 4.99 6.94 15.40
N ILE A 47 4.69 8.18 15.04
CA ILE A 47 5.18 9.32 15.81
C ILE A 47 4.87 9.09 17.30
N LYS A 48 3.61 8.78 17.57
CA LYS A 48 3.18 8.54 18.93
C LYS A 48 4.24 7.71 19.66
N ARG A 49 4.70 6.67 18.99
CA ARG A 49 5.71 5.79 19.56
C ARG A 49 7.10 6.42 19.40
N LEU A 50 7.37 6.88 18.19
CA LEU A 50 8.65 7.50 17.90
C LEU A 50 8.99 8.53 18.99
N LEU A 51 8.00 9.37 19.27
CA LEU A 51 8.16 10.40 20.28
C LEU A 51 7.96 9.79 21.66
N SER A 52 6.76 9.27 21.88
CA SER A 52 6.43 8.65 23.16
C SER A 52 7.04 9.46 24.30
N GLU A 53 6.83 10.77 24.25
CA GLU A 53 7.35 11.66 25.26
C GLU A 53 8.80 12.05 24.95
N LYS A 54 9.57 11.04 24.54
CA LYS A 54 10.96 11.27 24.21
C LYS A 54 11.36 10.33 23.06
N LYS A 55 11.48 9.06 23.39
CA LYS A 55 11.85 8.06 22.40
C LYS A 55 11.88 6.68 23.07
N THR A 56 12.52 6.63 24.22
CA THR A 56 12.64 5.38 24.96
C THR A 56 11.27 4.95 25.50
N SER A 57 11.16 3.66 25.77
CA SER A 57 9.91 3.11 26.28
C SER A 57 8.79 3.31 25.26
N GLN A 58 8.70 2.36 24.34
CA GLN A 58 7.68 2.43 23.31
C GLN A 58 7.47 1.04 22.69
N SER A 59 6.25 0.54 22.83
CA SER A 59 5.92 -0.76 22.29
C SER A 59 6.59 -0.97 20.94
N PRO A 60 7.73 -1.71 20.97
CA PRO A 60 8.49 -1.98 19.75
C PRO A 60 7.78 -3.04 18.90
N HIS A 61 6.58 -2.69 18.44
CA HIS A 61 5.81 -3.60 17.62
C HIS A 61 6.61 -3.97 16.36
N ARG A 62 6.89 -5.26 16.25
CA ARG A 62 7.64 -5.76 15.12
C ARG A 62 7.44 -7.27 14.96
N PHE A 63 6.44 -7.62 14.17
CA PHE A 63 6.12 -9.02 13.94
C PHE A 63 6.16 -9.34 12.44
N GLN A 64 6.09 -10.63 12.15
CA GLN A 64 6.11 -11.08 10.77
C GLN A 64 5.83 -12.60 10.70
N LYS A 65 6.71 -13.36 11.34
CA LYS A 65 6.56 -14.80 11.36
C LYS A 65 7.02 -15.34 12.72
N THR A 66 6.03 -15.64 13.56
CA THR A 66 6.31 -16.16 14.89
C THR A 66 6.16 -17.68 14.91
N HIS A 67 7.23 -18.34 15.32
CA HIS A 67 7.23 -19.79 15.39
C HIS A 67 8.43 -20.27 16.20
N SER A 68 8.21 -21.34 16.95
CA SER A 68 9.26 -21.91 17.79
C SER A 68 10.04 -22.96 17.00
N PRO A 69 11.33 -23.14 17.40
CA PRO A 69 12.19 -24.12 16.75
C PRO A 69 11.83 -25.54 17.16
N ILE A 70 11.94 -25.78 18.46
CA ILE A 70 11.63 -27.10 19.00
C ILE A 70 10.11 -27.24 19.15
N GLY A 1 6.75 -0.12 -17.66
CA GLY A 1 6.01 -1.31 -17.99
C GLY A 1 6.94 -2.51 -18.14
N PRO A 2 6.42 -3.57 -18.83
CA PRO A 2 7.20 -4.77 -19.05
C PRO A 2 8.26 -4.55 -20.13
N LEU A 3 9.20 -5.48 -20.19
CA LEU A 3 10.28 -5.40 -21.16
C LEU A 3 9.87 -6.17 -22.43
N VAL A 4 8.69 -6.79 -22.36
CA VAL A 4 8.19 -7.55 -23.48
C VAL A 4 6.95 -6.86 -24.05
N PRO A 5 6.68 -7.14 -25.35
CA PRO A 5 5.53 -6.56 -26.02
C PRO A 5 4.23 -7.21 -25.57
N ARG A 6 3.17 -6.42 -25.55
CA ARG A 6 1.87 -6.91 -25.14
C ARG A 6 0.85 -6.73 -26.27
N GLY A 7 0.10 -7.78 -26.53
CA GLY A 7 -0.91 -7.76 -27.57
C GLY A 7 -1.91 -6.62 -27.34
N SER A 8 -2.68 -6.33 -28.37
CA SER A 8 -3.68 -5.27 -28.30
C SER A 8 -4.91 -5.77 -27.53
N MET A 9 -5.36 -6.95 -27.92
CA MET A 9 -6.53 -7.55 -27.29
C MET A 9 -6.41 -7.48 -25.76
N ALA A 10 -5.17 -7.44 -25.30
CA ALA A 10 -4.91 -7.38 -23.86
C ALA A 10 -4.95 -5.93 -23.40
N LEU A 11 -4.53 -5.05 -24.30
CA LEU A 11 -4.52 -3.63 -23.99
C LEU A 11 -5.93 -3.17 -23.62
N ILE A 12 -6.88 -3.55 -24.46
CA ILE A 12 -8.27 -3.20 -24.21
C ILE A 12 -8.68 -3.67 -22.83
N VAL A 13 -8.41 -4.94 -22.57
CA VAL A 13 -8.76 -5.54 -21.28
C VAL A 13 -7.98 -4.83 -20.17
N LEU A 14 -6.67 -4.92 -20.26
CA LEU A 14 -5.80 -4.29 -19.29
C LEU A 14 -6.35 -2.91 -18.93
N GLY A 15 -6.49 -2.09 -19.95
CA GLY A 15 -7.01 -0.75 -19.77
C GLY A 15 -8.35 -0.77 -19.01
N GLY A 16 -9.16 -1.76 -19.36
CA GLY A 16 -10.46 -1.90 -18.73
C GLY A 16 -10.33 -2.55 -17.34
N VAL A 17 -9.14 -3.05 -17.07
CA VAL A 17 -8.87 -3.69 -15.79
C VAL A 17 -8.18 -2.70 -14.87
N ALA A 18 -7.25 -1.93 -15.44
CA ALA A 18 -6.52 -0.95 -14.68
C ALA A 18 -7.47 -0.24 -13.71
N GLY A 19 -8.43 0.46 -14.29
CA GLY A 19 -9.41 1.17 -13.49
C GLY A 19 -9.99 0.28 -12.38
N LEU A 20 -10.40 -0.91 -12.79
CA LEU A 20 -10.97 -1.87 -11.84
C LEU A 20 -9.94 -2.15 -10.74
N LEU A 21 -8.71 -2.34 -11.16
CA LEU A 21 -7.63 -2.62 -10.22
C LEU A 21 -7.45 -1.42 -9.29
N LEU A 22 -7.59 -0.25 -9.87
CA LEU A 22 -7.44 0.98 -9.09
C LEU A 22 -8.33 0.90 -7.84
N PHE A 23 -9.60 0.63 -8.08
CA PHE A 23 -10.55 0.53 -6.98
C PHE A 23 -10.19 -0.63 -6.05
N ILE A 24 -9.81 -1.74 -6.66
CA ILE A 24 -9.44 -2.92 -5.91
C ILE A 24 -8.27 -2.59 -4.98
N GLY A 25 -7.29 -1.90 -5.55
CA GLY A 25 -6.12 -1.51 -4.79
C GLY A 25 -6.46 -0.45 -3.74
N LEU A 26 -7.47 0.35 -4.07
CA LEU A 26 -7.91 1.40 -3.17
C LEU A 26 -8.74 0.79 -2.04
N GLY A 27 -9.49 -0.23 -2.40
CA GLY A 27 -10.34 -0.92 -1.43
C GLY A 27 -9.49 -1.61 -0.36
N ILE A 28 -8.39 -2.18 -0.81
CA ILE A 28 -7.48 -2.88 0.10
C ILE A 28 -6.60 -1.85 0.81
N PHE A 29 -5.85 -1.10 0.01
CA PHE A 29 -4.97 -0.09 0.55
C PHE A 29 -5.64 0.69 1.67
N PHE A 30 -6.82 1.21 1.36
CA PHE A 30 -7.57 1.99 2.33
C PHE A 30 -7.56 1.31 3.71
N SER A 31 -7.53 -0.01 3.69
CA SER A 31 -7.50 -0.78 4.92
C SER A 31 -6.10 -0.74 5.53
N VAL A 32 -5.10 -0.95 4.67
CA VAL A 32 -3.72 -0.94 5.11
C VAL A 32 -3.28 0.50 5.35
N ARG A 33 -2.72 1.10 4.31
CA ARG A 33 -2.25 2.48 4.40
C ARG A 33 -1.20 2.61 5.49
N SER A 34 0.02 2.92 5.06
CA SER A 34 1.12 3.07 5.99
C SER A 34 1.62 4.53 5.98
N ARG A 35 0.98 5.34 6.80
CA ARG A 35 1.35 6.75 6.89
C ARG A 35 2.88 6.90 6.89
N HIS A 36 3.32 8.02 6.32
CA HIS A 36 4.74 8.29 6.25
C HIS A 36 4.96 9.78 5.97
N ARG A 37 5.18 10.54 7.03
CA ARG A 37 5.40 11.97 6.91
C ARG A 37 6.73 12.24 6.20
N ARG A 38 7.81 12.07 6.95
CA ARG A 38 9.13 12.29 6.40
C ARG A 38 9.91 10.98 6.35
N ARG A 39 9.63 10.12 7.31
CA ARG A 39 10.29 8.83 7.40
C ARG A 39 9.32 7.76 7.89
N GLN A 40 8.58 8.11 8.93
CA GLN A 40 7.62 7.18 9.50
C GLN A 40 7.11 7.70 10.85
N ALA A 41 5.82 8.00 10.89
CA ALA A 41 5.21 8.51 12.10
C ALA A 41 3.88 9.17 11.76
N GLU A 42 3.98 10.39 11.23
CA GLU A 42 2.79 11.14 10.85
C GLU A 42 1.95 11.46 12.08
N ARG A 43 1.24 10.45 12.56
CA ARG A 43 0.39 10.60 13.72
C ARG A 43 1.08 10.02 14.97
N MET A 44 1.58 8.81 14.80
CA MET A 44 2.27 8.12 15.89
C MET A 44 3.11 9.11 16.71
N SER A 45 3.92 9.87 15.99
CA SER A 45 4.79 10.85 16.64
C SER A 45 3.97 11.68 17.65
N GLN A 46 2.81 12.12 17.20
CA GLN A 46 1.94 12.91 18.05
C GLN A 46 1.47 12.08 19.25
N ILE A 47 1.29 10.79 19.00
CA ILE A 47 0.84 9.88 20.06
C ILE A 47 2.04 9.49 20.91
N LYS A 48 3.22 9.82 20.42
CA LYS A 48 4.46 9.49 21.13
C LYS A 48 4.53 10.32 22.41
N ARG A 49 4.51 11.63 22.23
CA ARG A 49 4.58 12.55 23.36
C ARG A 49 3.32 12.42 24.22
N LEU A 50 2.20 12.19 23.54
CA LEU A 50 0.92 12.05 24.22
C LEU A 50 1.05 11.00 25.32
N LEU A 51 1.51 9.82 24.92
CA LEU A 51 1.69 8.72 25.86
C LEU A 51 2.99 8.92 26.64
N SER A 52 4.09 8.94 25.90
CA SER A 52 5.40 9.12 26.51
C SER A 52 5.48 8.34 27.82
N GLU A 53 4.77 7.22 27.85
CA GLU A 53 4.75 6.38 29.03
C GLU A 53 5.28 4.98 28.69
N LYS A 54 5.49 4.19 29.74
CA LYS A 54 5.98 2.83 29.57
C LYS A 54 4.84 1.95 29.08
N LYS A 55 5.02 1.41 27.88
CA LYS A 55 4.02 0.53 27.29
C LYS A 55 4.61 -0.17 26.07
N THR A 56 4.09 -1.36 25.80
CA THR A 56 4.57 -2.15 24.68
C THR A 56 3.76 -1.81 23.42
N SER A 57 4.43 -1.92 22.28
CA SER A 57 3.78 -1.64 21.00
C SER A 57 3.41 -2.94 20.31
N GLN A 58 2.24 -2.93 19.67
CA GLN A 58 1.75 -4.10 18.97
C GLN A 58 2.69 -4.43 17.79
N SER A 59 2.88 -3.45 16.93
CA SER A 59 3.74 -3.61 15.77
C SER A 59 3.86 -2.29 15.01
N PRO A 60 5.04 -2.13 14.35
CA PRO A 60 5.30 -0.92 13.58
C PRO A 60 4.53 -0.92 12.27
N HIS A 61 4.56 -2.06 11.60
CA HIS A 61 3.85 -2.21 10.34
C HIS A 61 4.49 -1.28 9.29
N ARG A 62 4.85 -1.89 8.16
CA ARG A 62 5.46 -1.13 7.08
C ARG A 62 4.92 -1.60 5.73
N PHE A 63 4.99 -2.90 5.52
CA PHE A 63 4.51 -3.49 4.28
C PHE A 63 4.30 -5.00 4.43
N GLN A 64 3.42 -5.52 3.60
CA GLN A 64 3.12 -6.94 3.62
C GLN A 64 2.84 -7.46 2.22
N LYS A 65 2.65 -8.77 2.12
CA LYS A 65 2.39 -9.40 0.84
C LYS A 65 3.62 -9.26 -0.06
N THR A 66 3.78 -10.23 -0.95
CA THR A 66 4.91 -10.23 -1.86
C THR A 66 4.42 -10.43 -3.31
N HIS A 67 3.64 -11.48 -3.50
CA HIS A 67 3.11 -11.80 -4.81
C HIS A 67 4.26 -12.14 -5.76
N SER A 68 3.97 -13.04 -6.68
CA SER A 68 4.96 -13.47 -7.65
C SER A 68 4.34 -13.56 -9.05
N PRO A 69 5.22 -13.61 -10.08
CA PRO A 69 4.77 -13.69 -11.45
C PRO A 69 4.26 -15.09 -11.77
N ILE A 70 5.10 -16.07 -11.50
CA ILE A 70 4.75 -17.46 -11.76
C ILE A 70 4.16 -18.07 -10.49
N GLY A 1 -14.95 0.52 -50.71
CA GLY A 1 -14.56 1.72 -51.43
C GLY A 1 -13.07 2.02 -51.23
N PRO A 2 -12.75 2.61 -50.04
CA PRO A 2 -11.38 2.95 -49.72
C PRO A 2 -10.58 1.70 -49.36
N LEU A 3 -9.30 1.92 -49.08
CA LEU A 3 -8.42 0.82 -48.72
C LEU A 3 -8.43 0.64 -47.20
N VAL A 4 -9.19 1.51 -46.54
CA VAL A 4 -9.30 1.46 -45.09
C VAL A 4 -10.78 1.44 -44.71
N PRO A 5 -11.11 0.55 -43.74
CA PRO A 5 -12.48 0.42 -43.27
C PRO A 5 -12.85 1.59 -42.36
N ARG A 6 -14.12 1.60 -41.95
CA ARG A 6 -14.61 2.66 -41.08
C ARG A 6 -13.58 2.98 -39.99
N GLY A 7 -13.66 4.20 -39.48
CA GLY A 7 -12.75 4.63 -38.44
C GLY A 7 -13.46 4.72 -37.09
N SER A 8 -13.04 5.70 -36.30
CA SER A 8 -13.63 5.90 -34.98
C SER A 8 -13.56 4.60 -34.18
N MET A 9 -12.34 4.23 -33.81
CA MET A 9 -12.13 3.02 -33.04
C MET A 9 -11.11 3.26 -31.92
N ALA A 10 -10.03 3.93 -32.28
CA ALA A 10 -8.98 4.22 -31.32
C ALA A 10 -9.35 5.49 -30.54
N LEU A 11 -9.95 6.43 -31.25
CA LEU A 11 -10.36 7.68 -30.64
C LEU A 11 -11.22 7.38 -29.41
N ILE A 12 -12.10 6.41 -29.56
CA ILE A 12 -12.98 6.02 -28.48
C ILE A 12 -12.15 5.43 -27.33
N VAL A 13 -11.26 4.53 -27.69
CA VAL A 13 -10.40 3.90 -26.70
C VAL A 13 -9.82 4.97 -25.77
N LEU A 14 -9.06 5.87 -26.37
CA LEU A 14 -8.45 6.95 -25.60
C LEU A 14 -9.46 7.49 -24.59
N GLY A 15 -10.57 7.99 -25.12
CA GLY A 15 -11.61 8.54 -24.27
C GLY A 15 -12.03 7.55 -23.19
N GLY A 16 -11.99 6.27 -23.55
CA GLY A 16 -12.36 5.22 -22.63
C GLY A 16 -11.19 4.87 -21.70
N VAL A 17 -10.02 5.38 -22.05
CA VAL A 17 -8.83 5.15 -21.26
C VAL A 17 -8.59 6.35 -20.34
N ALA A 18 -8.78 7.53 -20.90
CA ALA A 18 -8.58 8.75 -20.16
C ALA A 18 -9.13 8.58 -18.74
N GLY A 19 -10.44 8.38 -18.67
CA GLY A 19 -11.10 8.19 -17.39
C GLY A 19 -10.39 7.13 -16.55
N LEU A 20 -10.27 5.95 -17.14
CA LEU A 20 -9.62 4.84 -16.46
C LEU A 20 -8.27 5.32 -15.92
N LEU A 21 -7.51 5.96 -16.79
CA LEU A 21 -6.19 6.46 -16.41
C LEU A 21 -6.32 7.31 -15.15
N LEU A 22 -7.41 8.07 -15.09
CA LEU A 22 -7.66 8.93 -13.95
C LEU A 22 -7.59 8.10 -12.67
N PHE A 23 -8.45 7.09 -12.61
CA PHE A 23 -8.51 6.21 -11.46
C PHE A 23 -7.16 5.51 -11.23
N ILE A 24 -6.60 5.03 -12.33
CA ILE A 24 -5.32 4.35 -12.27
C ILE A 24 -4.26 5.28 -11.67
N GLY A 25 -4.38 6.55 -12.03
CA GLY A 25 -3.46 7.56 -11.55
C GLY A 25 -3.84 8.02 -10.14
N LEU A 26 -5.14 8.06 -9.90
CA LEU A 26 -5.65 8.48 -8.61
C LEU A 26 -5.32 7.42 -7.56
N GLY A 27 -5.48 6.17 -7.96
CA GLY A 27 -5.20 5.05 -7.07
C GLY A 27 -3.78 5.13 -6.52
N ILE A 28 -2.85 5.48 -7.41
CA ILE A 28 -1.46 5.59 -7.03
C ILE A 28 -1.25 6.91 -6.28
N PHE A 29 -1.66 8.00 -6.91
CA PHE A 29 -1.53 9.31 -6.32
C PHE A 29 -2.06 9.32 -4.88
N PHE A 30 -3.10 8.52 -4.66
CA PHE A 30 -3.71 8.43 -3.35
C PHE A 30 -2.92 7.50 -2.44
N SER A 31 -1.75 7.97 -2.03
CA SER A 31 -0.89 7.20 -1.16
C SER A 31 0.32 8.04 -0.73
N VAL A 32 1.13 8.39 -1.72
CA VAL A 32 2.31 9.19 -1.47
C VAL A 32 1.96 10.34 -0.53
N ARG A 33 1.01 11.15 -0.98
CA ARG A 33 0.57 12.29 -0.20
C ARG A 33 0.50 11.93 1.28
N SER A 34 -0.35 10.96 1.58
CA SER A 34 -0.53 10.50 2.95
C SER A 34 -0.63 8.98 2.99
N ARG A 35 0.44 8.35 3.44
CA ARG A 35 0.48 6.90 3.53
C ARG A 35 -0.63 6.39 4.47
N HIS A 36 -0.63 5.09 4.66
CA HIS A 36 -1.62 4.47 5.54
C HIS A 36 -1.05 4.32 6.95
N ARG A 37 -0.38 5.37 7.39
CA ARG A 37 0.22 5.37 8.72
C ARG A 37 -0.69 4.65 9.71
N ARG A 38 -1.97 5.00 9.66
CA ARG A 38 -2.95 4.40 10.55
C ARG A 38 -2.49 4.49 12.00
N ARG A 39 -1.59 5.44 12.23
CA ARG A 39 -1.05 5.64 13.57
C ARG A 39 -0.05 4.54 13.92
N GLN A 40 -0.57 3.35 14.11
CA GLN A 40 0.27 2.21 14.45
C GLN A 40 0.21 1.15 13.34
N ALA A 41 1.14 1.27 12.41
CA ALA A 41 1.21 0.34 11.29
C ALA A 41 2.08 0.94 10.18
N GLU A 42 3.36 1.11 10.51
CA GLU A 42 4.30 1.67 9.56
C GLU A 42 5.65 0.95 9.67
N ARG A 43 6.16 0.89 10.88
CA ARG A 43 7.43 0.24 11.13
C ARG A 43 7.22 -1.26 11.39
N MET A 44 6.02 -1.59 11.85
CA MET A 44 5.67 -2.97 12.13
C MET A 44 5.85 -3.84 10.89
N SER A 45 5.35 -3.33 9.77
CA SER A 45 5.44 -4.06 8.52
C SER A 45 6.81 -4.71 8.38
N GLN A 46 7.85 -3.91 8.65
CA GLN A 46 9.21 -4.40 8.57
C GLN A 46 9.46 -5.45 9.65
N ILE A 47 9.20 -5.05 10.89
CA ILE A 47 9.39 -5.94 12.01
C ILE A 47 8.67 -7.26 11.76
N LYS A 48 7.56 -7.16 11.04
CA LYS A 48 6.77 -8.33 10.71
C LYS A 48 7.69 -9.43 10.16
N ARG A 49 8.29 -9.13 9.01
CA ARG A 49 9.19 -10.07 8.37
C ARG A 49 10.34 -10.42 9.31
N LEU A 50 10.82 -9.42 10.02
CA LEU A 50 11.91 -9.60 10.97
C LEU A 50 11.55 -10.74 11.93
N LEU A 51 10.40 -10.58 12.57
CA LEU A 51 9.94 -11.58 13.53
C LEU A 51 9.45 -12.81 12.76
N SER A 52 8.42 -12.60 11.95
CA SER A 52 7.85 -13.68 11.17
C SER A 52 7.19 -14.70 12.10
N GLU A 53 8.02 -15.40 12.86
CA GLU A 53 7.53 -16.41 13.78
C GLU A 53 7.89 -16.02 15.22
N LYS A 54 7.29 -16.74 16.16
CA LYS A 54 7.54 -16.50 17.57
C LYS A 54 7.21 -15.04 17.88
N LYS A 55 7.06 -14.77 19.17
CA LYS A 55 6.75 -13.43 19.63
C LYS A 55 5.49 -12.93 18.92
N THR A 56 5.00 -11.80 19.39
CA THR A 56 3.80 -11.21 18.81
C THR A 56 3.75 -9.71 19.09
N SER A 57 4.02 -9.37 20.34
CA SER A 57 4.01 -7.98 20.75
C SER A 57 5.14 -7.72 21.76
N GLN A 58 5.36 -6.44 22.03
CA GLN A 58 6.40 -6.05 22.98
C GLN A 58 6.33 -6.92 24.23
N SER A 59 7.41 -6.88 25.00
CA SER A 59 7.48 -7.66 26.23
C SER A 59 6.83 -6.88 27.38
N PRO A 60 6.31 -7.65 28.37
CA PRO A 60 5.67 -7.05 29.52
C PRO A 60 6.71 -6.46 30.48
N HIS A 61 7.62 -7.32 30.93
CA HIS A 61 8.65 -6.90 31.84
C HIS A 61 9.76 -7.95 31.88
N ARG A 62 9.53 -8.97 32.69
CA ARG A 62 10.49 -10.05 32.83
C ARG A 62 11.91 -9.50 32.92
N PHE A 63 12.00 -8.30 33.47
CA PHE A 63 13.29 -7.64 33.64
C PHE A 63 14.24 -8.51 34.44
N GLN A 64 14.89 -9.44 33.74
CA GLN A 64 15.83 -10.35 34.38
C GLN A 64 15.34 -10.72 35.77
N LYS A 65 16.30 -10.98 36.65
CA LYS A 65 15.99 -11.36 38.02
C LYS A 65 15.51 -10.12 38.78
N THR A 66 16.35 -9.09 38.77
CA THR A 66 16.03 -7.86 39.46
C THR A 66 15.90 -8.10 40.96
N HIS A 67 16.96 -7.72 41.68
CA HIS A 67 16.98 -7.89 43.12
C HIS A 67 16.70 -6.55 43.80
N SER A 68 15.86 -6.58 44.82
CA SER A 68 15.51 -5.38 45.56
C SER A 68 14.44 -5.70 46.60
N PRO A 69 14.47 -4.93 47.72
CA PRO A 69 13.51 -5.12 48.79
C PRO A 69 12.14 -4.56 48.39
N ILE A 70 12.15 -3.36 47.85
CA ILE A 70 10.91 -2.71 47.43
C ILE A 70 10.04 -3.72 46.68
N GLY A 1 3.57 -11.84 -21.09
CA GLY A 1 3.11 -11.02 -22.19
C GLY A 1 4.30 -10.45 -22.98
N PRO A 2 4.00 -10.03 -24.23
CA PRO A 2 5.03 -9.46 -25.09
C PRO A 2 5.38 -8.04 -24.65
N LEU A 3 6.44 -7.52 -25.26
CA LEU A 3 6.89 -6.17 -24.94
C LEU A 3 6.43 -5.21 -26.04
N VAL A 4 5.84 -5.79 -27.08
CA VAL A 4 5.35 -5.01 -28.20
C VAL A 4 4.07 -4.28 -27.78
N PRO A 5 3.77 -3.18 -28.51
CA PRO A 5 2.58 -2.39 -28.22
C PRO A 5 1.32 -3.10 -28.72
N ARG A 6 0.28 -3.03 -27.91
CA ARG A 6 -0.99 -3.65 -28.25
C ARG A 6 -2.14 -2.96 -27.52
N GLY A 7 -3.24 -2.80 -28.23
CA GLY A 7 -4.41 -2.17 -27.66
C GLY A 7 -5.37 -3.20 -27.06
N SER A 8 -4.86 -3.92 -26.08
CA SER A 8 -5.66 -4.94 -25.42
C SER A 8 -5.19 -5.13 -23.98
N MET A 9 -3.98 -5.67 -23.86
CA MET A 9 -3.40 -5.92 -22.54
C MET A 9 -3.49 -4.66 -21.67
N ALA A 10 -3.62 -3.52 -22.34
CA ALA A 10 -3.71 -2.25 -21.64
C ALA A 10 -5.17 -1.98 -21.27
N LEU A 11 -6.05 -2.23 -22.23
CA LEU A 11 -7.47 -2.01 -22.02
C LEU A 11 -7.86 -2.58 -20.65
N ILE A 12 -7.37 -3.78 -20.38
CA ILE A 12 -7.66 -4.44 -19.11
C ILE A 12 -7.05 -3.63 -17.98
N VAL A 13 -5.80 -3.24 -18.17
CA VAL A 13 -5.08 -2.47 -17.17
C VAL A 13 -5.86 -1.20 -16.86
N LEU A 14 -6.12 -0.42 -17.92
CA LEU A 14 -6.85 0.82 -17.78
C LEU A 14 -8.02 0.61 -16.80
N GLY A 15 -8.89 -0.31 -17.17
CA GLY A 15 -10.05 -0.61 -16.34
C GLY A 15 -9.63 -0.88 -14.89
N GLY A 16 -8.51 -1.58 -14.75
CA GLY A 16 -8.00 -1.92 -13.43
C GLY A 16 -7.32 -0.70 -12.79
N VAL A 17 -7.07 0.30 -13.61
CA VAL A 17 -6.43 1.52 -13.14
C VAL A 17 -7.50 2.56 -12.83
N ALA A 18 -8.49 2.65 -13.71
CA ALA A 18 -9.57 3.59 -13.53
C ALA A 18 -9.98 3.63 -12.06
N GLY A 19 -10.36 2.47 -11.56
CA GLY A 19 -10.78 2.35 -10.17
C GLY A 19 -9.70 2.90 -9.23
N LEU A 20 -8.49 2.41 -9.41
CA LEU A 20 -7.37 2.85 -8.59
C LEU A 20 -7.25 4.37 -8.67
N LEU A 21 -7.33 4.88 -9.89
CA LEU A 21 -7.23 6.32 -10.11
C LEU A 21 -8.29 7.03 -9.26
N LEU A 22 -9.43 6.36 -9.12
CA LEU A 22 -10.53 6.92 -8.34
C LEU A 22 -10.03 7.27 -6.94
N PHE A 23 -9.52 6.25 -6.26
CA PHE A 23 -9.01 6.43 -4.91
C PHE A 23 -7.84 7.41 -4.90
N ILE A 24 -7.00 7.30 -5.92
CA ILE A 24 -5.84 8.17 -6.04
C ILE A 24 -6.30 9.62 -6.14
N GLY A 25 -7.38 9.82 -6.90
CA GLY A 25 -7.93 11.15 -7.09
C GLY A 25 -8.71 11.60 -5.85
N LEU A 26 -9.28 10.62 -5.16
CA LEU A 26 -10.05 10.90 -3.96
C LEU A 26 -9.10 11.18 -2.81
N GLY A 27 -8.14 10.29 -2.63
CA GLY A 27 -7.16 10.44 -1.56
C GLY A 27 -6.55 11.84 -1.57
N ILE A 28 -6.57 12.46 -2.74
CA ILE A 28 -6.02 13.80 -2.90
C ILE A 28 -7.16 14.82 -2.77
N PHE A 29 -8.20 14.58 -3.56
CA PHE A 29 -9.35 15.48 -3.55
C PHE A 29 -9.94 15.61 -2.15
N PHE A 30 -9.94 14.49 -1.44
CA PHE A 30 -10.46 14.47 -0.09
C PHE A 30 -9.46 15.04 0.92
N SER A 31 -8.20 15.06 0.48
CA SER A 31 -7.13 15.58 1.32
C SER A 31 -7.24 17.10 1.42
N VAL A 32 -7.54 17.72 0.29
CA VAL A 32 -7.67 19.16 0.24
C VAL A 32 -8.93 19.59 0.99
N ARG A 33 -10.04 18.96 0.63
CA ARG A 33 -11.32 19.25 1.27
C ARG A 33 -11.12 19.42 2.78
N SER A 34 -10.47 18.44 3.38
CA SER A 34 -10.22 18.47 4.80
C SER A 34 -8.71 18.50 5.08
N ARG A 35 -8.28 19.61 5.68
CA ARG A 35 -6.86 19.78 5.98
C ARG A 35 -6.46 18.85 7.14
N HIS A 36 -7.19 18.95 8.22
CA HIS A 36 -6.92 18.13 9.40
C HIS A 36 -6.58 16.71 8.95
N ARG A 37 -5.68 16.08 9.70
CA ARG A 37 -5.26 14.73 9.39
C ARG A 37 -6.48 13.81 9.28
N ARG A 38 -7.59 14.27 9.85
CA ARG A 38 -8.82 13.50 9.83
C ARG A 38 -8.75 12.35 10.83
N ARG A 39 -7.90 11.39 10.53
CA ARG A 39 -7.74 10.23 11.39
C ARG A 39 -7.01 9.11 10.65
N GLN A 40 -5.86 8.73 11.19
CA GLN A 40 -5.07 7.68 10.58
C GLN A 40 -5.18 7.72 9.06
N ALA A 41 -4.53 8.72 8.48
CA ALA A 41 -4.55 8.89 7.03
C ALA A 41 -3.35 9.73 6.60
N GLU A 42 -3.63 10.98 6.25
CA GLU A 42 -2.59 11.88 5.81
C GLU A 42 -1.56 11.15 4.96
N ARG A 43 -0.48 10.74 5.60
CA ARG A 43 0.58 10.02 4.91
C ARG A 43 1.04 8.83 5.74
N MET A 44 0.06 8.06 6.20
CA MET A 44 0.36 6.88 7.01
C MET A 44 -0.05 5.60 6.27
N SER A 45 0.82 4.60 6.37
CA SER A 45 0.55 3.32 5.74
C SER A 45 1.03 3.38 4.28
N GLN A 46 1.39 4.57 3.84
CA GLN A 46 1.86 4.77 2.48
C GLN A 46 3.38 4.93 2.46
N ILE A 47 3.86 5.77 3.37
CA ILE A 47 5.29 6.03 3.46
C ILE A 47 5.94 4.94 4.33
N LYS A 48 5.20 4.50 5.33
CA LYS A 48 5.68 3.47 6.23
C LYS A 48 6.42 2.40 5.42
N ARG A 49 5.64 1.68 4.62
CA ARG A 49 6.20 0.62 3.80
C ARG A 49 7.32 1.17 2.91
N LEU A 50 6.99 2.24 2.20
CA LEU A 50 7.95 2.87 1.30
C LEU A 50 9.32 2.89 1.97
N LEU A 51 9.34 3.33 3.22
CA LEU A 51 10.57 3.39 3.99
C LEU A 51 10.94 1.99 4.48
N SER A 52 10.11 1.49 5.38
CA SER A 52 10.33 0.16 5.93
C SER A 52 11.55 0.18 6.85
N GLU A 53 11.32 -0.20 8.10
CA GLU A 53 12.38 -0.23 9.09
C GLU A 53 13.08 -1.59 9.09
N LYS A 54 14.34 -1.57 9.46
CA LYS A 54 15.13 -2.79 9.49
C LYS A 54 15.65 -3.02 10.92
N LYS A 55 16.54 -2.13 11.34
CA LYS A 55 17.11 -2.22 12.68
C LYS A 55 15.99 -2.16 13.71
N THR A 56 16.28 -2.73 14.88
CA THR A 56 15.31 -2.74 15.96
C THR A 56 13.90 -2.96 15.41
N SER A 57 12.92 -2.50 16.18
CA SER A 57 11.54 -2.64 15.77
C SER A 57 11.19 -4.12 15.60
N GLN A 58 10.83 -4.75 16.70
CA GLN A 58 10.48 -6.16 16.69
C GLN A 58 10.10 -6.63 18.09
N SER A 59 9.53 -7.82 18.15
CA SER A 59 9.11 -8.40 19.42
C SER A 59 9.30 -9.92 19.40
N PRO A 60 9.65 -10.47 20.59
CA PRO A 60 9.87 -11.90 20.72
C PRO A 60 8.55 -12.66 20.70
N HIS A 61 8.56 -13.80 20.03
CA HIS A 61 7.37 -14.63 19.93
C HIS A 61 7.70 -16.06 20.36
N ARG A 62 8.50 -16.72 19.52
CA ARG A 62 8.90 -18.09 19.80
C ARG A 62 9.77 -18.63 18.66
N PHE A 63 10.59 -19.61 19.00
CA PHE A 63 11.48 -20.22 18.02
C PHE A 63 11.66 -21.71 18.31
N GLN A 64 10.57 -22.45 18.17
CA GLN A 64 10.59 -23.88 18.39
C GLN A 64 10.78 -24.17 19.89
N LYS A 65 11.96 -23.80 20.39
CA LYS A 65 12.26 -24.02 21.79
C LYS A 65 11.39 -23.10 22.65
N THR A 66 11.58 -23.21 23.96
CA THR A 66 10.83 -22.40 24.90
C THR A 66 9.34 -22.75 24.83
N HIS A 67 8.70 -22.27 23.77
CA HIS A 67 7.28 -22.53 23.57
C HIS A 67 6.96 -23.98 23.96
N SER A 68 7.60 -24.89 23.24
CA SER A 68 7.39 -26.31 23.50
C SER A 68 8.23 -27.15 22.53
N PRO A 69 8.63 -28.36 23.00
CA PRO A 69 9.42 -29.25 22.19
C PRO A 69 8.58 -29.93 21.12
N ILE A 70 7.51 -30.57 21.57
CA ILE A 70 6.60 -31.25 20.66
C ILE A 70 6.08 -30.25 19.61
N GLY A 1 -20.34 -2.07 -14.69
CA GLY A 1 -19.47 -2.63 -15.72
C GLY A 1 -18.72 -1.53 -16.46
N PRO A 2 -17.81 -1.96 -17.38
CA PRO A 2 -17.03 -1.03 -18.16
C PRO A 2 -17.87 -0.40 -19.26
N LEU A 3 -17.37 0.71 -19.79
CA LEU A 3 -18.07 1.41 -20.86
C LEU A 3 -17.48 1.00 -22.21
N VAL A 4 -16.47 0.15 -22.14
CA VAL A 4 -15.82 -0.34 -23.35
C VAL A 4 -16.09 -1.84 -23.50
N PRO A 5 -15.94 -2.31 -24.78
CA PRO A 5 -16.18 -3.72 -25.07
C PRO A 5 -15.01 -4.58 -24.58
N ARG A 6 -15.01 -5.83 -25.02
CA ARG A 6 -13.96 -6.76 -24.63
C ARG A 6 -12.92 -6.88 -25.75
N GLY A 7 -11.91 -7.71 -25.49
CA GLY A 7 -10.86 -7.92 -26.46
C GLY A 7 -9.69 -6.96 -26.22
N SER A 8 -8.94 -6.72 -27.28
CA SER A 8 -7.79 -5.83 -27.20
C SER A 8 -8.24 -4.38 -27.37
N MET A 9 -8.86 -3.86 -26.31
CA MET A 9 -9.33 -2.49 -26.32
C MET A 9 -9.03 -1.79 -25.00
N ALA A 10 -9.30 -2.48 -23.91
CA ALA A 10 -9.06 -1.95 -22.59
C ALA A 10 -7.59 -2.15 -22.22
N LEU A 11 -7.06 -3.27 -22.67
CA LEU A 11 -5.66 -3.61 -22.39
C LEU A 11 -4.77 -2.46 -22.87
N ILE A 12 -5.07 -1.97 -24.06
CA ILE A 12 -4.30 -0.88 -24.65
C ILE A 12 -4.43 0.35 -23.76
N VAL A 13 -5.67 0.67 -23.40
CA VAL A 13 -5.94 1.82 -22.56
C VAL A 13 -5.25 1.62 -21.20
N LEU A 14 -5.70 0.58 -20.51
CA LEU A 14 -5.14 0.28 -19.20
C LEU A 14 -3.61 0.39 -19.25
N GLY A 15 -3.04 -0.27 -20.25
CA GLY A 15 -1.61 -0.26 -20.43
C GLY A 15 -1.02 1.13 -20.10
N GLY A 16 -1.52 2.12 -20.80
CA GLY A 16 -1.07 3.49 -20.60
C GLY A 16 -1.43 3.98 -19.19
N VAL A 17 -2.72 3.97 -18.92
CA VAL A 17 -3.21 4.40 -17.61
C VAL A 17 -2.32 3.82 -16.51
N ALA A 18 -1.90 2.58 -16.73
CA ALA A 18 -1.04 1.90 -15.78
C ALA A 18 0.13 2.82 -15.41
N GLY A 19 0.67 3.49 -16.42
CA GLY A 19 1.78 4.40 -16.22
C GLY A 19 1.34 5.64 -15.43
N LEU A 20 0.25 6.23 -15.89
CA LEU A 20 -0.27 7.42 -15.24
C LEU A 20 -0.64 7.10 -13.80
N LEU A 21 -1.30 5.95 -13.63
CA LEU A 21 -1.70 5.51 -12.31
C LEU A 21 -0.47 5.41 -11.40
N LEU A 22 0.65 5.10 -12.03
CA LEU A 22 1.90 4.98 -11.28
C LEU A 22 2.26 6.33 -10.67
N PHE A 23 2.39 7.32 -11.55
CA PHE A 23 2.74 8.67 -11.11
C PHE A 23 1.68 9.22 -10.16
N ILE A 24 0.43 8.95 -10.50
CA ILE A 24 -0.69 9.42 -9.69
C ILE A 24 -0.58 8.79 -8.29
N GLY A 25 -0.23 7.51 -8.27
CA GLY A 25 -0.11 6.79 -7.03
C GLY A 25 1.19 7.17 -6.30
N LEU A 26 2.18 7.53 -7.09
CA LEU A 26 3.47 7.92 -6.55
C LEU A 26 3.38 9.34 -5.98
N GLY A 27 2.75 10.21 -6.76
CA GLY A 27 2.58 11.59 -6.35
C GLY A 27 1.85 11.69 -5.01
N ILE A 28 0.82 10.86 -4.88
CA ILE A 28 0.03 10.85 -3.67
C ILE A 28 0.82 10.15 -2.56
N PHE A 29 1.17 8.90 -2.80
CA PHE A 29 1.92 8.13 -1.83
C PHE A 29 3.07 8.95 -1.25
N PHE A 30 3.77 9.65 -2.15
CA PHE A 30 4.88 10.48 -1.74
C PHE A 30 4.43 11.60 -0.80
N SER A 31 3.28 12.19 -1.14
CA SER A 31 2.73 13.26 -0.34
C SER A 31 1.97 12.68 0.86
N VAL A 32 2.68 11.84 1.61
CA VAL A 32 2.08 11.21 2.79
C VAL A 32 3.17 10.98 3.83
N ARG A 33 4.17 10.20 3.42
CA ARG A 33 5.28 9.88 4.31
C ARG A 33 5.88 11.16 4.90
N SER A 34 6.24 12.07 4.01
CA SER A 34 6.81 13.34 4.42
C SER A 34 6.11 13.85 5.67
N ARG A 35 6.88 14.50 6.53
CA ARG A 35 6.34 15.05 7.76
C ARG A 35 5.01 15.76 7.49
N HIS A 36 3.94 15.12 7.93
CA HIS A 36 2.61 15.67 7.74
C HIS A 36 1.58 14.78 8.45
N ARG A 37 0.32 15.21 8.37
CA ARG A 37 -0.75 14.47 8.99
C ARG A 37 -1.85 14.17 7.96
N ARG A 38 -2.40 15.22 7.40
CA ARG A 38 -3.45 15.08 6.41
C ARG A 38 -4.76 14.68 7.08
N ARG A 39 -4.78 13.45 7.59
CA ARG A 39 -5.96 12.93 8.25
C ARG A 39 -5.85 11.42 8.43
N GLN A 40 -6.26 10.97 9.61
CA GLN A 40 -6.21 9.55 9.92
C GLN A 40 -4.93 8.92 9.35
N ALA A 41 -3.81 9.47 9.79
CA ALA A 41 -2.51 8.97 9.35
C ALA A 41 -1.46 9.32 10.39
N GLU A 42 -0.68 10.35 10.09
CA GLU A 42 0.37 10.79 10.98
C GLU A 42 1.35 9.64 11.26
N ARG A 43 0.93 8.75 12.15
CA ARG A 43 1.75 7.61 12.50
C ARG A 43 0.90 6.35 12.60
N MET A 44 0.17 6.08 11.52
CA MET A 44 -0.68 4.91 11.46
C MET A 44 -0.58 4.22 10.10
N SER A 45 -1.05 4.92 9.09
CA SER A 45 -1.02 4.39 7.73
C SER A 45 0.33 3.71 7.47
N GLN A 46 1.38 4.34 7.98
CA GLN A 46 2.72 3.81 7.80
C GLN A 46 2.86 2.48 8.55
N ILE A 47 2.41 2.47 9.79
CA ILE A 47 2.48 1.27 10.61
C ILE A 47 1.76 0.12 9.89
N LYS A 48 0.72 0.49 9.15
CA LYS A 48 -0.04 -0.51 8.41
C LYS A 48 0.91 -1.40 7.63
N ARG A 49 1.67 -0.78 6.73
CA ARG A 49 2.61 -1.51 5.92
C ARG A 49 3.66 -2.18 6.80
N LEU A 50 4.13 -1.44 7.79
CA LEU A 50 5.13 -1.94 8.71
C LEU A 50 4.69 -3.33 9.22
N LEU A 51 3.48 -3.37 9.75
CA LEU A 51 2.93 -4.60 10.28
C LEU A 51 2.48 -5.49 9.11
N SER A 52 1.49 -4.99 8.38
CA SER A 52 0.96 -5.73 7.25
C SER A 52 0.40 -7.08 7.71
N GLU A 53 -0.89 -7.24 7.52
CA GLU A 53 -1.56 -8.48 7.91
C GLU A 53 -2.14 -9.18 6.68
N LYS A 54 -2.06 -10.50 6.70
CA LYS A 54 -2.58 -11.30 5.60
C LYS A 54 -3.86 -11.99 6.03
N LYS A 55 -4.97 -11.53 5.47
CA LYS A 55 -6.27 -12.09 5.80
C LYS A 55 -6.39 -12.26 7.32
N THR A 56 -7.40 -13.01 7.72
CA THR A 56 -7.64 -13.24 9.13
C THR A 56 -6.34 -13.67 9.83
N SER A 57 -5.70 -14.68 9.24
CA SER A 57 -4.46 -15.18 9.79
C SER A 57 -4.69 -15.71 11.21
N GLN A 58 -3.71 -16.45 11.70
CA GLN A 58 -3.78 -17.02 13.04
C GLN A 58 -2.43 -17.56 13.48
N SER A 59 -2.31 -17.82 14.76
CA SER A 59 -1.07 -18.33 15.32
C SER A 59 0.08 -17.37 15.00
N PRO A 60 0.35 -16.45 15.95
CA PRO A 60 1.42 -15.48 15.79
C PRO A 60 2.79 -16.13 15.99
N HIS A 61 3.80 -15.45 15.49
CA HIS A 61 5.17 -15.95 15.61
C HIS A 61 5.59 -15.95 17.07
N ARG A 62 6.57 -16.78 17.37
CA ARG A 62 7.08 -16.88 18.74
C ARG A 62 8.57 -16.53 18.78
N PHE A 63 8.97 -15.93 19.89
CA PHE A 63 10.36 -15.54 20.07
C PHE A 63 10.61 -15.05 21.50
N GLN A 64 11.63 -15.63 22.13
CA GLN A 64 11.97 -15.25 23.49
C GLN A 64 13.41 -15.71 23.80
N LYS A 65 14.35 -15.00 23.22
CA LYS A 65 15.76 -15.32 23.42
C LYS A 65 16.56 -14.02 23.54
N THR A 66 17.74 -14.14 24.14
CA THR A 66 18.61 -12.99 24.31
C THR A 66 17.93 -11.93 25.19
N HIS A 67 18.67 -11.44 26.16
CA HIS A 67 18.16 -10.43 27.06
C HIS A 67 19.26 -9.97 28.02
N SER A 68 19.14 -8.72 28.44
CA SER A 68 20.12 -8.15 29.34
C SER A 68 19.80 -6.67 29.61
N PRO A 69 20.24 -6.19 30.80
CA PRO A 69 19.99 -4.81 31.18
C PRO A 69 20.93 -3.86 30.42
N ILE A 70 22.21 -4.08 30.61
CA ILE A 70 23.22 -3.27 29.96
C ILE A 70 24.06 -4.13 29.03
N GLY A 1 -3.70 -2.99 -24.56
CA GLY A 1 -3.05 -4.02 -25.35
C GLY A 1 -3.78 -4.24 -26.68
N PRO A 2 -3.37 -3.45 -27.71
CA PRO A 2 -3.97 -3.55 -29.03
C PRO A 2 -3.49 -4.81 -29.75
N LEU A 3 -4.24 -5.17 -30.78
CA LEU A 3 -3.89 -6.35 -31.57
C LEU A 3 -3.07 -5.92 -32.79
N VAL A 4 -2.88 -4.61 -32.90
CA VAL A 4 -2.12 -4.06 -34.01
C VAL A 4 -1.41 -2.79 -33.55
N PRO A 5 -0.16 -2.61 -34.07
CA PRO A 5 0.63 -1.44 -33.72
C PRO A 5 0.11 -0.19 -34.44
N ARG A 6 -0.48 0.69 -33.65
CA ARG A 6 -1.02 1.93 -34.19
C ARG A 6 -0.98 3.04 -33.13
N GLY A 7 -1.11 4.27 -33.61
CA GLY A 7 -1.08 5.42 -32.72
C GLY A 7 -2.47 6.06 -32.62
N SER A 8 -3.41 5.27 -32.11
CA SER A 8 -4.78 5.75 -31.96
C SER A 8 -5.60 4.72 -31.19
N MET A 9 -5.52 3.48 -31.65
CA MET A 9 -6.26 2.40 -31.00
C MET A 9 -6.11 2.46 -29.48
N ALA A 10 -5.01 3.05 -29.06
CA ALA A 10 -4.73 3.18 -27.63
C ALA A 10 -5.38 4.47 -27.10
N LEU A 11 -5.33 5.50 -27.94
CA LEU A 11 -5.90 6.77 -27.57
C LEU A 11 -7.35 6.58 -27.15
N ILE A 12 -8.08 5.83 -27.96
CA ILE A 12 -9.48 5.55 -27.69
C ILE A 12 -9.61 4.89 -26.30
N VAL A 13 -8.81 3.86 -26.10
CA VAL A 13 -8.81 3.14 -24.85
C VAL A 13 -8.40 4.09 -23.72
N LEU A 14 -7.21 4.65 -23.87
CA LEU A 14 -6.68 5.57 -22.87
C LEU A 14 -7.78 6.55 -22.48
N GLY A 15 -8.36 7.19 -23.48
CA GLY A 15 -9.42 8.16 -23.24
C GLY A 15 -10.58 7.52 -22.47
N GLY A 16 -10.80 6.24 -22.73
CA GLY A 16 -11.87 5.51 -22.06
C GLY A 16 -11.41 5.02 -20.69
N VAL A 17 -10.11 5.08 -20.48
CA VAL A 17 -9.54 4.64 -19.21
C VAL A 17 -9.33 5.86 -18.31
N ALA A 18 -8.85 6.94 -18.91
CA ALA A 18 -8.60 8.16 -18.18
C ALA A 18 -9.73 8.39 -17.17
N GLY A 19 -10.93 8.59 -17.70
CA GLY A 19 -12.09 8.82 -16.86
C GLY A 19 -12.21 7.74 -15.80
N LEU A 20 -12.09 6.49 -16.24
CA LEU A 20 -12.19 5.36 -15.34
C LEU A 20 -11.14 5.50 -14.23
N LEU A 21 -9.93 5.87 -14.65
CA LEU A 21 -8.84 6.04 -13.71
C LEU A 21 -9.24 7.08 -12.66
N LEU A 22 -9.97 8.09 -13.12
CA LEU A 22 -10.42 9.15 -12.24
C LEU A 22 -11.16 8.54 -11.04
N PHE A 23 -12.18 7.76 -11.35
CA PHE A 23 -12.98 7.12 -10.32
C PHE A 23 -12.11 6.18 -9.47
N ILE A 24 -11.17 5.53 -10.13
CA ILE A 24 -10.28 4.61 -9.45
C ILE A 24 -9.48 5.37 -8.40
N GLY A 25 -8.87 6.47 -8.84
CA GLY A 25 -8.08 7.29 -7.94
C GLY A 25 -8.96 7.97 -6.89
N LEU A 26 -10.15 8.36 -7.33
CA LEU A 26 -11.09 9.02 -6.44
C LEU A 26 -11.59 8.01 -5.39
N GLY A 27 -11.74 6.77 -5.83
CA GLY A 27 -12.20 5.72 -4.94
C GLY A 27 -11.25 5.54 -3.76
N ILE A 28 -9.96 5.60 -4.07
CA ILE A 28 -8.94 5.44 -3.05
C ILE A 28 -8.80 6.76 -2.27
N PHE A 29 -8.46 7.81 -3.00
CA PHE A 29 -8.28 9.12 -2.40
C PHE A 29 -9.38 9.39 -1.36
N PHE A 30 -10.61 9.10 -1.76
CA PHE A 30 -11.75 9.31 -0.87
C PHE A 30 -11.54 8.59 0.45
N SER A 31 -11.17 7.32 0.35
CA SER A 31 -10.94 6.52 1.54
C SER A 31 -9.48 6.61 1.97
N VAL A 32 -9.09 7.81 2.38
CA VAL A 32 -7.73 8.05 2.82
C VAL A 32 -7.67 9.36 3.61
N ARG A 33 -8.33 10.37 3.06
CA ARG A 33 -8.36 11.67 3.71
C ARG A 33 -8.71 11.52 5.19
N SER A 34 -9.82 10.84 5.43
CA SER A 34 -10.27 10.62 6.79
C SER A 34 -9.12 10.11 7.66
N ARG A 35 -9.01 10.69 8.84
CA ARG A 35 -7.96 10.31 9.77
C ARG A 35 -7.85 8.80 9.85
N HIS A 36 -6.62 8.31 9.78
CA HIS A 36 -6.36 6.88 9.83
C HIS A 36 -7.09 6.17 8.69
N ARG A 37 -6.51 5.07 8.27
CA ARG A 37 -7.09 4.30 7.17
C ARG A 37 -8.07 3.26 7.72
N ARG A 38 -8.56 2.41 6.82
CA ARG A 38 -9.51 1.38 7.20
C ARG A 38 -8.99 0.61 8.42
N ARG A 39 -7.68 0.67 8.61
CA ARG A 39 -7.05 -0.01 9.73
C ARG A 39 -5.72 0.65 10.07
N GLN A 40 -5.47 0.79 11.37
CA GLN A 40 -4.25 1.40 11.84
C GLN A 40 -3.07 1.00 10.94
N ALA A 41 -2.77 1.86 10.00
CA ALA A 41 -1.67 1.62 9.07
C ALA A 41 -1.81 2.53 7.85
N GLU A 42 -1.22 3.71 7.97
CA GLU A 42 -1.29 4.69 6.89
C GLU A 42 0.13 5.10 6.47
N ARG A 43 0.82 5.72 7.41
CA ARG A 43 2.19 6.18 7.16
C ARG A 43 3.17 5.01 7.27
N MET A 44 2.97 4.21 8.31
CA MET A 44 3.82 3.06 8.55
C MET A 44 3.84 2.13 7.33
N SER A 45 2.84 2.30 6.49
CA SER A 45 2.72 1.49 5.28
C SER A 45 3.92 1.74 4.37
N GLN A 46 4.24 3.02 4.20
CA GLN A 46 5.36 3.40 3.36
C GLN A 46 6.68 3.08 4.05
N ILE A 47 6.74 3.40 5.33
CA ILE A 47 7.93 3.15 6.12
C ILE A 47 8.28 1.66 6.05
N LYS A 48 7.24 0.84 6.03
CA LYS A 48 7.42 -0.59 5.96
C LYS A 48 8.58 -0.92 5.02
N ARG A 49 8.34 -0.66 3.74
CA ARG A 49 9.36 -0.92 2.72
C ARG A 49 10.66 -0.19 3.09
N LEU A 50 10.54 1.10 3.32
CA LEU A 50 11.70 1.91 3.67
C LEU A 50 12.60 1.11 4.61
N LEU A 51 11.98 0.52 5.62
CA LEU A 51 12.71 -0.27 6.60
C LEU A 51 13.10 -1.62 5.97
N SER A 52 12.10 -2.48 5.85
CA SER A 52 12.33 -3.79 5.27
C SER A 52 13.66 -4.35 5.73
N GLU A 53 13.80 -4.46 7.05
CA GLU A 53 15.02 -4.98 7.63
C GLU A 53 14.98 -4.86 9.15
N LYS A 54 14.33 -3.81 9.61
CA LYS A 54 14.21 -3.57 11.05
C LYS A 54 15.59 -3.52 11.67
N LYS A 55 16.12 -2.31 11.77
CA LYS A 55 17.44 -2.11 12.35
C LYS A 55 17.59 -3.01 13.58
N THR A 56 18.63 -3.83 13.56
CA THR A 56 18.90 -4.73 14.67
C THR A 56 18.67 -4.02 16.00
N SER A 57 18.19 -4.79 16.96
CA SER A 57 17.92 -4.25 18.29
C SER A 57 18.10 -5.35 19.35
N GLN A 58 19.10 -5.15 20.19
CA GLN A 58 19.38 -6.11 21.25
C GLN A 58 18.08 -6.64 21.85
N SER A 59 18.10 -7.94 22.16
CA SER A 59 16.93 -8.57 22.73
C SER A 59 16.27 -7.64 23.75
N PRO A 60 14.91 -7.74 23.83
CA PRO A 60 14.15 -6.92 24.74
C PRO A 60 14.30 -7.42 26.18
N HIS A 61 15.42 -7.03 26.79
CA HIS A 61 15.69 -7.42 28.16
C HIS A 61 14.40 -7.35 28.99
N ARG A 62 14.29 -8.28 29.93
CA ARG A 62 13.13 -8.34 30.79
C ARG A 62 11.89 -8.75 29.99
N PHE A 63 11.43 -9.96 30.27
CA PHE A 63 10.26 -10.49 29.59
C PHE A 63 9.25 -11.05 30.58
N GLN A 64 9.53 -10.83 31.86
CA GLN A 64 8.65 -11.30 32.92
C GLN A 64 8.39 -12.80 32.75
N LYS A 65 7.71 -13.37 33.74
CA LYS A 65 7.39 -14.78 33.72
C LYS A 65 8.68 -15.59 33.82
N THR A 66 8.51 -16.89 34.00
CA THR A 66 9.65 -17.80 34.12
C THR A 66 9.26 -19.22 33.71
N HIS A 67 8.29 -19.76 34.43
CA HIS A 67 7.81 -21.11 34.16
C HIS A 67 8.94 -22.11 34.42
N SER A 68 8.56 -23.37 34.40
CA SER A 68 9.53 -24.44 34.63
C SER A 68 9.19 -25.65 33.77
N PRO A 69 10.21 -26.51 33.54
CA PRO A 69 10.04 -27.71 32.73
C PRO A 69 9.27 -28.78 33.51
N ILE A 70 9.80 -29.12 34.67
CA ILE A 70 9.19 -30.13 35.51
C ILE A 70 8.20 -29.45 36.48
N GLY A 1 3.89 -7.48 -20.85
CA GLY A 1 2.72 -7.09 -21.63
C GLY A 1 1.84 -8.30 -21.94
N PRO A 2 1.00 -8.14 -22.99
CA PRO A 2 0.11 -9.21 -23.41
C PRO A 2 0.87 -10.31 -24.14
N LEU A 3 0.23 -11.46 -24.24
CA LEU A 3 0.84 -12.60 -24.91
C LEU A 3 0.34 -12.66 -26.36
N VAL A 4 -0.54 -11.72 -26.69
CA VAL A 4 -1.09 -11.66 -28.03
C VAL A 4 -0.61 -10.37 -28.71
N PRO A 5 -0.60 -10.42 -30.06
CA PRO A 5 -0.16 -9.27 -30.85
C PRO A 5 -1.23 -8.17 -30.86
N ARG A 6 -0.97 -7.14 -31.65
CA ARG A 6 -1.90 -6.04 -31.76
C ARG A 6 -2.63 -6.08 -33.11
N GLY A 7 -3.70 -5.30 -33.20
CA GLY A 7 -4.48 -5.25 -34.42
C GLY A 7 -5.98 -5.19 -34.11
N SER A 8 -6.40 -6.08 -33.24
CA SER A 8 -7.80 -6.15 -32.84
C SER A 8 -7.93 -6.79 -31.46
N MET A 9 -9.09 -6.58 -30.85
CA MET A 9 -9.36 -7.13 -29.53
C MET A 9 -8.74 -6.25 -28.44
N ALA A 10 -7.46 -5.93 -28.63
CA ALA A 10 -6.75 -5.11 -27.68
C ALA A 10 -7.06 -3.64 -27.94
N LEU A 11 -7.16 -3.31 -29.23
CA LEU A 11 -7.46 -1.94 -29.63
C LEU A 11 -8.72 -1.47 -28.92
N ILE A 12 -9.68 -2.38 -28.80
CA ILE A 12 -10.94 -2.07 -28.15
C ILE A 12 -10.73 -2.04 -26.63
N VAL A 13 -9.79 -2.87 -26.19
CA VAL A 13 -9.48 -2.95 -24.77
C VAL A 13 -8.89 -1.62 -24.31
N LEU A 14 -7.79 -1.24 -24.96
CA LEU A 14 -7.12 0.00 -24.62
C LEU A 14 -8.17 1.09 -24.36
N GLY A 15 -8.96 1.37 -25.38
CA GLY A 15 -10.00 2.38 -25.28
C GLY A 15 -10.87 2.15 -24.05
N GLY A 16 -11.17 0.88 -23.81
CA GLY A 16 -11.99 0.51 -22.67
C GLY A 16 -11.20 0.60 -21.37
N VAL A 17 -9.88 0.72 -21.52
CA VAL A 17 -9.00 0.81 -20.37
C VAL A 17 -8.68 2.29 -20.09
N ALA A 18 -8.38 3.00 -21.16
CA ALA A 18 -8.05 4.41 -21.05
C ALA A 18 -8.99 5.06 -20.03
N GLY A 19 -10.28 4.88 -20.25
CA GLY A 19 -11.28 5.44 -19.37
C GLY A 19 -11.04 5.00 -17.92
N LEU A 20 -10.89 3.70 -17.75
CA LEU A 20 -10.66 3.14 -16.43
C LEU A 20 -9.42 3.79 -15.81
N LEU A 21 -8.38 3.89 -16.63
CA LEU A 21 -7.14 4.49 -16.17
C LEU A 21 -7.41 5.91 -15.66
N LEU A 22 -8.35 6.57 -16.33
CA LEU A 22 -8.72 7.93 -15.95
C LEU A 22 -9.12 7.95 -14.47
N PHE A 23 -10.13 7.17 -14.15
CA PHE A 23 -10.61 7.09 -12.78
C PHE A 23 -9.49 6.63 -11.83
N ILE A 24 -8.68 5.73 -12.33
CA ILE A 24 -7.57 5.21 -11.54
C ILE A 24 -6.61 6.35 -11.20
N GLY A 25 -6.13 7.02 -12.24
CA GLY A 25 -5.22 8.13 -12.06
C GLY A 25 -5.86 9.25 -11.23
N LEU A 26 -7.19 9.31 -11.29
CA LEU A 26 -7.93 10.31 -10.57
C LEU A 26 -8.09 9.86 -9.12
N GLY A 27 -8.27 8.56 -8.95
CA GLY A 27 -8.43 7.99 -7.62
C GLY A 27 -7.15 8.12 -6.80
N ILE A 28 -6.03 8.21 -7.51
CA ILE A 28 -4.74 8.33 -6.86
C ILE A 28 -4.39 9.82 -6.72
N PHE A 29 -4.33 10.49 -7.86
CA PHE A 29 -4.01 11.91 -7.87
C PHE A 29 -4.84 12.67 -6.84
N PHE A 30 -6.12 12.33 -6.80
CA PHE A 30 -7.03 12.97 -5.86
C PHE A 30 -6.37 13.17 -4.50
N SER A 31 -5.66 12.14 -4.06
CA SER A 31 -4.98 12.18 -2.78
C SER A 31 -3.63 12.88 -2.93
N VAL A 32 -2.80 12.72 -1.91
CA VAL A 32 -1.49 13.33 -1.92
C VAL A 32 -1.63 14.86 -1.87
N ARG A 33 -2.26 15.39 -2.91
CA ARG A 33 -2.48 16.82 -2.99
C ARG A 33 -2.79 17.40 -1.60
N SER A 34 -3.54 16.62 -0.83
CA SER A 34 -3.92 17.05 0.50
C SER A 34 -2.68 17.51 1.28
N ARG A 35 -2.92 18.01 2.48
CA ARG A 35 -1.83 18.49 3.32
C ARG A 35 -0.96 17.33 3.77
N HIS A 36 0.12 17.68 4.47
CA HIS A 36 1.05 16.68 4.97
C HIS A 36 0.34 15.77 5.96
N ARG A 37 1.09 15.34 6.97
CA ARG A 37 0.55 14.48 7.99
C ARG A 37 -0.13 13.25 7.36
N ARG A 38 0.26 12.99 6.12
CA ARG A 38 -0.29 11.86 5.39
C ARG A 38 0.31 10.55 5.91
N ARG A 39 1.22 10.68 6.85
CA ARG A 39 1.87 9.53 7.44
C ARG A 39 2.94 9.96 8.44
N GLN A 40 3.94 9.11 8.61
CA GLN A 40 5.03 9.40 9.52
C GLN A 40 4.51 9.42 10.96
N ALA A 41 4.29 10.64 11.45
CA ALA A 41 3.80 10.81 12.81
C ALA A 41 3.07 12.16 12.92
N GLU A 42 3.87 13.21 13.08
CA GLU A 42 3.33 14.55 13.21
C GLU A 42 2.49 14.67 14.48
N ARG A 43 1.25 14.21 14.37
CA ARG A 43 0.34 14.27 15.51
C ARG A 43 0.56 13.06 16.43
N MET A 44 0.38 11.88 15.85
CA MET A 44 0.56 10.65 16.61
C MET A 44 1.75 10.78 17.58
N SER A 45 2.75 11.53 17.15
CA SER A 45 3.93 11.72 17.96
C SER A 45 3.53 12.15 19.38
N GLN A 46 2.88 13.30 19.45
CA GLN A 46 2.44 13.83 20.73
C GLN A 46 1.57 12.80 21.46
N ILE A 47 0.71 12.15 20.69
CA ILE A 47 -0.18 11.13 21.25
C ILE A 47 0.67 10.03 21.91
N LYS A 48 1.74 9.68 21.24
CA LYS A 48 2.63 8.65 21.74
C LYS A 48 2.79 8.82 23.25
N ARG A 49 2.91 10.07 23.68
CA ARG A 49 3.07 10.38 25.08
C ARG A 49 1.72 10.31 25.79
N LEU A 50 0.72 10.91 25.16
CA LEU A 50 -0.62 10.93 25.72
C LEU A 50 -1.03 9.51 26.11
N LEU A 51 -0.66 8.57 25.25
CA LEU A 51 -0.97 7.17 25.50
C LEU A 51 0.03 6.60 26.50
N SER A 52 1.24 6.37 26.02
CA SER A 52 2.29 5.83 26.86
C SER A 52 1.73 4.72 27.75
N GLU A 53 1.46 3.59 27.13
CA GLU A 53 0.93 2.45 27.85
C GLU A 53 2.05 1.50 28.27
N LYS A 54 1.71 0.57 29.15
CA LYS A 54 2.68 -0.39 29.64
C LYS A 54 2.30 -1.78 29.14
N LYS A 55 1.00 -2.01 29.06
CA LYS A 55 0.49 -3.30 28.59
C LYS A 55 1.35 -3.79 27.43
N THR A 56 1.00 -3.33 26.24
CA THR A 56 1.73 -3.71 25.03
C THR A 56 1.95 -5.22 25.01
N SER A 57 0.97 -5.94 24.46
CA SER A 57 1.04 -7.38 24.37
C SER A 57 2.45 -7.81 23.93
N GLN A 58 2.92 -7.16 22.86
CA GLN A 58 4.23 -7.46 22.34
C GLN A 58 4.36 -8.95 22.02
N SER A 59 5.51 -9.32 21.49
CA SER A 59 5.76 -10.71 21.13
C SER A 59 4.73 -11.19 20.12
N PRO A 60 4.97 -10.84 18.83
CA PRO A 60 4.08 -11.23 17.76
C PRO A 60 4.24 -12.71 17.42
N HIS A 61 5.49 -13.11 17.23
CA HIS A 61 5.80 -14.50 16.90
C HIS A 61 7.31 -14.69 16.87
N ARG A 62 7.71 -15.93 17.13
CA ARG A 62 9.13 -16.26 17.14
C ARG A 62 9.31 -17.78 17.09
N PHE A 63 10.56 -18.19 16.83
CA PHE A 63 10.86 -19.61 16.76
C PHE A 63 12.35 -19.85 17.05
N GLN A 64 12.61 -20.91 17.81
CA GLN A 64 13.98 -21.26 18.16
C GLN A 64 14.11 -22.76 18.36
N LYS A 65 15.35 -23.21 18.53
CA LYS A 65 15.61 -24.63 18.72
C LYS A 65 15.30 -25.39 17.44
N THR A 66 15.56 -26.68 17.48
CA THR A 66 15.32 -27.54 16.33
C THR A 66 16.15 -27.07 15.12
N HIS A 67 17.29 -27.70 14.97
CA HIS A 67 18.19 -27.36 13.88
C HIS A 67 18.96 -28.62 13.44
N SER A 68 19.73 -28.45 12.37
CA SER A 68 20.51 -29.56 11.84
C SER A 68 22.01 -29.22 11.92
N PRO A 69 22.74 -30.03 12.74
CA PRO A 69 24.16 -29.84 12.91
C PRO A 69 24.93 -30.32 11.67
N ILE A 70 25.24 -31.60 11.68
CA ILE A 70 25.97 -32.20 10.57
C ILE A 70 27.10 -31.25 10.15
N GLY A 1 8.56 -10.76 -14.20
CA GLY A 1 7.76 -9.80 -14.95
C GLY A 1 7.68 -10.20 -16.43
N PRO A 2 6.96 -9.35 -17.21
CA PRO A 2 6.80 -9.59 -18.62
C PRO A 2 8.07 -9.26 -19.39
N LEU A 3 8.12 -9.72 -20.64
CA LEU A 3 9.27 -9.48 -21.48
C LEU A 3 9.08 -8.17 -22.25
N VAL A 4 7.92 -7.56 -22.03
CA VAL A 4 7.59 -6.31 -22.69
C VAL A 4 6.74 -5.45 -21.76
N PRO A 5 7.00 -4.11 -21.82
CA PRO A 5 6.27 -3.18 -20.98
C PRO A 5 4.85 -2.97 -21.52
N ARG A 6 3.91 -2.91 -20.58
CA ARG A 6 2.51 -2.70 -20.95
C ARG A 6 2.19 -3.43 -22.26
N GLY A 7 1.80 -4.69 -22.10
CA GLY A 7 1.46 -5.50 -23.26
C GLY A 7 0.63 -6.72 -22.85
N SER A 8 0.61 -7.72 -23.73
CA SER A 8 -0.14 -8.93 -23.46
C SER A 8 0.22 -9.48 -22.09
N MET A 9 -0.80 -10.03 -21.42
CA MET A 9 -0.60 -10.60 -20.10
C MET A 9 -0.74 -9.52 -19.03
N ALA A 10 -0.24 -8.34 -19.35
CA ALA A 10 -0.30 -7.22 -18.42
C ALA A 10 -1.70 -6.59 -18.48
N LEU A 11 -2.21 -6.46 -19.70
CA LEU A 11 -3.52 -5.87 -19.91
C LEU A 11 -4.52 -6.53 -18.96
N ILE A 12 -4.37 -7.84 -18.79
CA ILE A 12 -5.25 -8.59 -17.91
C ILE A 12 -4.97 -8.21 -16.46
N VAL A 13 -3.68 -8.17 -16.14
CA VAL A 13 -3.27 -7.81 -14.78
C VAL A 13 -3.74 -6.39 -14.46
N LEU A 14 -3.42 -5.48 -15.36
CA LEU A 14 -3.81 -4.09 -15.19
C LEU A 14 -5.22 -4.02 -14.64
N GLY A 15 -6.15 -4.57 -15.41
CA GLY A 15 -7.55 -4.59 -15.01
C GLY A 15 -7.69 -4.81 -13.51
N GLY A 16 -6.98 -5.82 -13.02
CA GLY A 16 -7.02 -6.14 -11.61
C GLY A 16 -6.29 -5.08 -10.78
N VAL A 17 -5.03 -4.89 -11.12
CA VAL A 17 -4.21 -3.90 -10.42
C VAL A 17 -4.97 -2.59 -10.31
N ALA A 18 -5.68 -2.26 -11.39
CA ALA A 18 -6.45 -1.03 -11.43
C ALA A 18 -7.37 -0.98 -10.21
N GLY A 19 -7.85 -2.14 -9.81
CA GLY A 19 -8.73 -2.24 -8.66
C GLY A 19 -7.95 -2.04 -7.36
N LEU A 20 -6.94 -2.87 -7.19
CA LEU A 20 -6.11 -2.80 -6.00
C LEU A 20 -5.54 -1.38 -5.85
N LEU A 21 -5.19 -0.81 -6.99
CA LEU A 21 -4.63 0.54 -7.00
C LEU A 21 -5.69 1.52 -6.51
N LEU A 22 -6.92 1.28 -6.93
CA LEU A 22 -8.03 2.14 -6.53
C LEU A 22 -8.02 2.30 -5.02
N PHE A 23 -8.21 1.19 -4.33
CA PHE A 23 -8.24 1.18 -2.88
C PHE A 23 -6.97 1.82 -2.31
N ILE A 24 -5.85 1.53 -2.97
CA ILE A 24 -4.57 2.07 -2.54
C ILE A 24 -4.60 3.59 -2.65
N GLY A 25 -4.73 4.07 -3.88
CA GLY A 25 -4.77 5.50 -4.12
C GLY A 25 -5.81 6.18 -3.23
N LEU A 26 -6.91 5.47 -3.01
CA LEU A 26 -7.99 5.99 -2.17
C LEU A 26 -7.54 5.98 -0.71
N GLY A 27 -7.06 4.82 -0.27
CA GLY A 27 -6.59 4.67 1.09
C GLY A 27 -5.71 5.84 1.50
N ILE A 28 -5.11 6.48 0.51
CA ILE A 28 -4.24 7.60 0.75
C ILE A 28 -4.99 8.90 0.46
N PHE A 29 -5.98 8.79 -0.42
CA PHE A 29 -6.79 9.94 -0.79
C PHE A 29 -7.60 10.46 0.40
N PHE A 30 -8.08 9.51 1.20
CA PHE A 30 -8.87 9.85 2.37
C PHE A 30 -8.36 11.13 3.02
N SER A 31 -7.04 11.24 3.11
CA SER A 31 -6.41 12.40 3.70
C SER A 31 -6.64 13.63 2.81
N VAL A 32 -6.34 13.45 1.53
CA VAL A 32 -6.50 14.53 0.57
C VAL A 32 -7.97 14.96 0.53
N ARG A 33 -8.84 13.96 0.44
CA ARG A 33 -10.27 14.21 0.39
C ARG A 33 -10.79 14.52 1.79
N SER A 34 -10.21 15.55 2.40
CA SER A 34 -10.61 15.97 3.73
C SER A 34 -10.37 14.83 4.72
N ARG A 35 -9.89 15.21 5.90
CA ARG A 35 -9.61 14.24 6.95
C ARG A 35 -8.65 14.83 7.98
N HIS A 36 -8.95 14.57 9.24
CA HIS A 36 -8.13 15.07 10.32
C HIS A 36 -7.67 13.91 11.20
N ARG A 37 -6.85 13.04 10.61
CA ARG A 37 -6.33 11.89 11.32
C ARG A 37 -7.48 11.15 12.02
N ARG A 38 -8.12 10.27 11.27
CA ARG A 38 -9.23 9.49 11.80
C ARG A 38 -8.72 8.53 12.89
N ARG A 39 -7.81 7.66 12.49
CA ARG A 39 -7.24 6.69 13.40
C ARG A 39 -5.82 7.10 13.80
N GLN A 40 -5.29 6.38 14.79
CA GLN A 40 -3.95 6.66 15.26
C GLN A 40 -2.91 6.03 14.34
N ALA A 41 -2.82 6.57 13.13
CA ALA A 41 -1.88 6.06 12.15
C ALA A 41 -1.68 7.12 11.05
N GLU A 42 -0.98 8.18 11.41
CA GLU A 42 -0.72 9.25 10.46
C GLU A 42 0.72 9.75 10.62
N ARG A 43 1.04 10.17 11.83
CA ARG A 43 2.38 10.66 12.12
C ARG A 43 3.33 9.50 12.39
N MET A 44 2.78 8.45 13.00
CA MET A 44 3.57 7.27 13.32
C MET A 44 4.33 6.77 12.09
N SER A 45 3.57 6.22 11.15
CA SER A 45 4.16 5.70 9.93
C SER A 45 5.30 6.61 9.47
N GLN A 46 5.16 7.89 9.78
CA GLN A 46 6.16 8.86 9.40
C GLN A 46 7.31 8.88 10.42
N ILE A 47 6.96 9.26 11.65
CA ILE A 47 7.94 9.32 12.72
C ILE A 47 8.70 7.99 12.77
N LYS A 48 7.94 6.90 12.72
CA LYS A 48 8.53 5.58 12.77
C LYS A 48 9.82 5.57 11.94
N ARG A 49 9.68 5.99 10.69
CA ARG A 49 10.82 6.02 9.79
C ARG A 49 11.84 7.07 10.26
N LEU A 50 11.31 8.20 10.71
CA LEU A 50 12.15 9.27 11.20
C LEU A 50 13.11 8.73 12.27
N LEU A 51 12.53 8.00 13.20
CA LEU A 51 13.31 7.41 14.28
C LEU A 51 13.98 6.14 13.79
N SER A 52 13.17 5.16 13.45
CA SER A 52 13.67 3.89 12.95
C SER A 52 14.55 3.23 14.02
N GLU A 53 14.11 2.06 14.47
CA GLU A 53 14.84 1.33 15.48
C GLU A 53 15.18 -0.08 14.98
N LYS A 54 16.21 -0.66 15.58
CA LYS A 54 16.63 -2.00 15.20
C LYS A 54 17.34 -1.93 13.85
N LYS A 55 17.86 -3.08 13.43
CA LYS A 55 18.56 -3.17 12.16
C LYS A 55 17.74 -2.47 11.08
N THR A 56 16.43 -2.49 11.28
CA THR A 56 15.52 -1.86 10.33
C THR A 56 14.09 -1.86 10.89
N SER A 57 13.72 -2.99 11.49
CA SER A 57 12.40 -3.14 12.05
C SER A 57 12.25 -4.51 12.70
N GLN A 58 12.23 -5.53 11.84
CA GLN A 58 12.10 -6.90 12.30
C GLN A 58 10.80 -7.07 13.09
N SER A 59 9.78 -7.55 12.39
CA SER A 59 8.48 -7.76 13.00
C SER A 59 7.48 -8.26 11.96
N PRO A 60 6.51 -9.10 12.43
CA PRO A 60 5.50 -9.64 11.54
C PRO A 60 4.46 -8.58 11.19
N HIS A 61 3.61 -8.93 10.24
CA HIS A 61 2.56 -8.02 9.80
C HIS A 61 1.28 -8.29 10.59
N ARG A 62 0.42 -7.29 10.63
CA ARG A 62 -0.84 -7.39 11.34
C ARG A 62 -1.98 -7.64 10.37
N PHE A 63 -1.83 -7.08 9.17
CA PHE A 63 -2.84 -7.23 8.14
C PHE A 63 -2.34 -6.70 6.80
N GLN A 64 -2.88 -7.26 5.73
CA GLN A 64 -2.50 -6.85 4.39
C GLN A 64 -3.32 -7.61 3.35
N LYS A 65 -3.88 -6.86 2.42
CA LYS A 65 -4.69 -7.45 1.36
C LYS A 65 -5.63 -8.49 1.97
N THR A 66 -6.24 -9.28 1.09
CA THR A 66 -7.15 -10.31 1.52
C THR A 66 -6.59 -11.06 2.74
N HIS A 67 -5.68 -11.99 2.46
CA HIS A 67 -5.06 -12.76 3.51
C HIS A 67 -3.91 -13.59 2.94
N SER A 68 -4.29 -14.54 2.08
CA SER A 68 -3.31 -15.40 1.45
C SER A 68 -2.55 -14.63 0.36
N PRO A 69 -1.27 -15.01 0.17
CA PRO A 69 -0.43 -14.37 -0.83
C PRO A 69 -0.82 -14.84 -2.24
N ILE A 70 -1.15 -16.12 -2.33
CA ILE A 70 -1.54 -16.70 -3.60
C ILE A 70 -2.88 -17.42 -3.45
N GLY A 1 -9.09 -19.18 -38.64
CA GLY A 1 -9.53 -17.81 -38.40
C GLY A 1 -8.34 -16.93 -38.01
N PRO A 2 -8.67 -15.69 -37.54
CA PRO A 2 -7.65 -14.74 -37.12
C PRO A 2 -7.06 -15.14 -35.76
N LEU A 3 -5.91 -14.56 -35.47
CA LEU A 3 -5.23 -14.84 -34.22
C LEU A 3 -5.86 -13.99 -33.10
N VAL A 4 -6.81 -13.16 -33.51
CA VAL A 4 -7.49 -12.30 -32.55
C VAL A 4 -8.94 -12.08 -33.02
N PRO A 5 -9.85 -12.01 -32.02
CA PRO A 5 -11.27 -11.81 -32.32
C PRO A 5 -11.54 -10.36 -32.71
N ARG A 6 -12.80 -10.09 -33.03
CA ARG A 6 -13.20 -8.76 -33.42
C ARG A 6 -12.70 -7.73 -32.40
N GLY A 7 -11.63 -7.05 -32.77
CA GLY A 7 -11.05 -6.04 -31.90
C GLY A 7 -10.33 -4.96 -32.71
N SER A 8 -9.13 -4.62 -32.26
CA SER A 8 -8.34 -3.61 -32.94
C SER A 8 -9.00 -2.24 -32.80
N MET A 9 -8.21 -1.27 -32.37
CA MET A 9 -8.71 0.08 -32.19
C MET A 9 -9.61 0.17 -30.95
N ALA A 10 -9.30 1.13 -30.10
CA ALA A 10 -10.07 1.34 -28.89
C ALA A 10 -9.44 0.53 -27.75
N LEU A 11 -8.72 -0.51 -28.14
CA LEU A 11 -8.06 -1.37 -27.16
C LEU A 11 -6.66 -0.84 -26.88
N ILE A 12 -6.10 -0.19 -27.88
CA ILE A 12 -4.77 0.38 -27.76
C ILE A 12 -4.85 1.68 -26.96
N VAL A 13 -5.82 2.50 -27.32
CA VAL A 13 -6.01 3.78 -26.64
C VAL A 13 -6.25 3.52 -25.16
N LEU A 14 -7.27 2.73 -24.87
CA LEU A 14 -7.61 2.40 -23.49
C LEU A 14 -6.35 1.94 -22.76
N GLY A 15 -5.75 0.89 -23.28
CA GLY A 15 -4.54 0.34 -22.70
C GLY A 15 -3.48 1.43 -22.51
N GLY A 16 -3.42 2.32 -23.48
CA GLY A 16 -2.46 3.41 -23.43
C GLY A 16 -2.94 4.54 -22.52
N VAL A 17 -4.21 4.44 -22.14
CA VAL A 17 -4.81 5.44 -21.26
C VAL A 17 -4.79 4.93 -19.83
N ALA A 18 -5.10 3.65 -19.68
CA ALA A 18 -5.13 3.03 -18.37
C ALA A 18 -3.95 3.55 -17.55
N GLY A 19 -2.76 3.22 -18.01
CA GLY A 19 -1.54 3.64 -17.32
C GLY A 19 -1.56 5.14 -17.05
N LEU A 20 -1.91 5.89 -18.09
CA LEU A 20 -1.97 7.35 -17.98
C LEU A 20 -2.95 7.73 -16.86
N LEU A 21 -4.09 7.04 -16.87
CA LEU A 21 -5.12 7.30 -15.88
C LEU A 21 -4.52 7.07 -14.47
N LEU A 22 -3.66 6.08 -14.39
CA LEU A 22 -3.01 5.76 -13.12
C LEU A 22 -2.35 7.01 -12.56
N PHE A 23 -1.50 7.62 -13.37
CA PHE A 23 -0.79 8.82 -12.96
C PHE A 23 -1.77 9.95 -12.66
N ILE A 24 -2.83 10.00 -13.45
CA ILE A 24 -3.85 11.03 -13.28
C ILE A 24 -4.50 10.87 -11.91
N GLY A 25 -4.71 9.61 -11.53
CA GLY A 25 -5.32 9.31 -10.25
C GLY A 25 -4.29 9.40 -9.11
N LEU A 26 -3.08 9.00 -9.43
CA LEU A 26 -1.99 9.03 -8.46
C LEU A 26 -1.63 10.48 -8.15
N GLY A 27 -1.50 11.26 -9.22
CA GLY A 27 -1.15 12.66 -9.09
C GLY A 27 -2.12 13.38 -8.15
N ILE A 28 -3.40 13.06 -8.30
CA ILE A 28 -4.43 13.66 -7.48
C ILE A 28 -4.33 13.10 -6.06
N PHE A 29 -4.50 11.80 -5.96
CA PHE A 29 -4.44 11.12 -4.67
C PHE A 29 -3.22 11.59 -3.87
N PHE A 30 -2.09 11.68 -4.56
CA PHE A 30 -0.87 12.11 -3.92
C PHE A 30 -0.98 13.54 -3.40
N SER A 31 -1.66 14.37 -4.19
CA SER A 31 -1.85 15.76 -3.82
C SER A 31 -2.75 15.85 -2.58
N VAL A 32 -3.95 15.31 -2.72
CA VAL A 32 -4.91 15.32 -1.62
C VAL A 32 -4.21 14.89 -0.33
N ARG A 33 -3.62 13.71 -0.38
CA ARG A 33 -2.91 13.17 0.76
C ARG A 33 -1.86 14.17 1.26
N SER A 34 -0.92 14.46 0.38
CA SER A 34 0.14 15.40 0.71
C SER A 34 1.12 14.76 1.69
N ARG A 35 0.64 14.55 2.91
CA ARG A 35 1.47 13.94 3.95
C ARG A 35 0.61 13.57 5.16
N HIS A 36 0.78 12.34 5.61
CA HIS A 36 0.03 11.85 6.75
C HIS A 36 0.80 12.16 8.04
N ARG A 37 1.30 11.10 8.66
CA ARG A 37 2.05 11.24 9.90
C ARG A 37 2.94 12.48 9.83
N ARG A 38 2.74 13.37 10.79
CA ARG A 38 3.53 14.59 10.85
C ARG A 38 5.00 14.30 10.55
N ARG A 39 5.40 13.08 10.88
CA ARG A 39 6.78 12.66 10.64
C ARG A 39 6.84 11.15 10.41
N GLN A 40 6.60 10.41 11.49
CA GLN A 40 6.63 8.95 11.41
C GLN A 40 6.26 8.35 12.77
N ALA A 41 5.01 8.57 13.16
CA ALA A 41 4.52 8.04 14.42
C ALA A 41 3.14 8.63 14.71
N GLU A 42 3.14 9.85 15.24
CA GLU A 42 1.90 10.52 15.56
C GLU A 42 1.10 9.72 16.60
N ARG A 43 0.41 8.71 16.10
CA ARG A 43 -0.40 7.86 16.96
C ARG A 43 -0.86 6.61 16.20
N MET A 44 0.11 5.89 15.64
CA MET A 44 -0.18 4.69 14.89
C MET A 44 0.31 3.45 15.63
N SER A 45 1.63 3.34 15.72
CA SER A 45 2.23 2.20 16.40
C SER A 45 1.60 2.03 17.79
N GLN A 46 1.15 3.15 18.35
CA GLN A 46 0.53 3.13 19.66
C GLN A 46 -0.67 2.20 19.67
N ILE A 47 -1.68 2.58 18.92
CA ILE A 47 -2.90 1.78 18.83
C ILE A 47 -2.53 0.32 18.61
N LYS A 48 -1.70 0.10 17.59
CA LYS A 48 -1.26 -1.25 17.27
C LYS A 48 -0.98 -2.02 18.55
N ARG A 49 -0.13 -1.44 19.38
CA ARG A 49 0.24 -2.05 20.65
C ARG A 49 -0.96 -2.04 21.60
N LEU A 50 -1.53 -0.86 21.78
CA LEU A 50 -2.67 -0.70 22.65
C LEU A 50 -3.62 -1.90 22.48
N LEU A 51 -3.89 -2.21 21.22
CA LEU A 51 -4.77 -3.33 20.90
C LEU A 51 -3.98 -4.64 21.02
N SER A 52 -2.76 -4.61 20.53
CA SER A 52 -1.91 -5.78 20.57
C SER A 52 -2.09 -6.52 21.90
N GLU A 53 -2.40 -5.73 22.93
CA GLU A 53 -2.61 -6.30 24.26
C GLU A 53 -3.81 -5.63 24.94
N LYS A 54 -4.10 -6.10 26.14
CA LYS A 54 -5.21 -5.55 26.89
C LYS A 54 -4.68 -4.82 28.13
N LYS A 55 -3.97 -5.56 28.96
CA LYS A 55 -3.41 -4.99 30.17
C LYS A 55 -1.88 -5.04 30.09
N THR A 56 -1.35 -6.25 30.13
CA THR A 56 0.09 -6.45 30.06
C THR A 56 0.41 -7.94 29.90
N SER A 57 1.66 -8.21 29.52
CA SER A 57 2.10 -9.57 29.34
C SER A 57 3.55 -9.58 28.80
N GLN A 58 4.48 -9.39 29.72
CA GLN A 58 5.89 -9.38 29.36
C GLN A 58 6.14 -8.38 28.22
N SER A 59 7.40 -8.18 27.93
CA SER A 59 7.79 -7.26 26.87
C SER A 59 9.31 -7.15 26.79
N PRO A 60 9.93 -8.21 26.21
CA PRO A 60 11.38 -8.24 26.07
C PRO A 60 11.85 -7.31 24.95
N HIS A 61 11.31 -7.55 23.76
CA HIS A 61 11.66 -6.74 22.60
C HIS A 61 10.76 -7.11 21.42
N ARG A 62 10.88 -8.37 21.00
CA ARG A 62 10.07 -8.86 19.89
C ARG A 62 10.43 -8.10 18.61
N PHE A 63 10.81 -8.86 17.59
CA PHE A 63 11.16 -8.26 16.31
C PHE A 63 11.45 -9.36 15.27
N GLN A 64 11.04 -9.07 14.04
CA GLN A 64 11.24 -10.01 12.95
C GLN A 64 12.60 -10.68 13.08
N LYS A 65 12.67 -11.90 12.59
CA LYS A 65 13.91 -12.67 12.64
C LYS A 65 14.29 -12.93 14.10
N THR A 66 14.99 -14.03 14.30
CA THR A 66 15.42 -14.41 15.64
C THR A 66 16.92 -14.68 15.67
N HIS A 67 17.39 -15.10 16.84
CA HIS A 67 18.80 -15.40 17.00
C HIS A 67 18.99 -16.91 17.14
N SER A 68 18.38 -17.47 18.17
CA SER A 68 18.47 -18.90 18.41
C SER A 68 18.22 -19.67 17.12
N PRO A 69 19.32 -20.29 16.59
CA PRO A 69 19.23 -21.05 15.36
C PRO A 69 18.55 -22.41 15.61
N ILE A 70 19.10 -23.15 16.55
CA ILE A 70 18.55 -24.45 16.89
C ILE A 70 17.26 -24.27 17.68
N GLY A 1 -2.82 -17.47 -24.80
CA GLY A 1 -1.57 -17.10 -24.16
C GLY A 1 -1.30 -17.99 -22.94
N PRO A 2 -0.01 -17.96 -22.49
CA PRO A 2 0.40 -18.76 -21.36
C PRO A 2 -0.11 -18.14 -20.05
N LEU A 3 0.03 -18.91 -18.97
CA LEU A 3 -0.41 -18.46 -17.67
C LEU A 3 0.82 -18.18 -16.79
N VAL A 4 1.99 -18.53 -17.33
CA VAL A 4 3.23 -18.33 -16.61
C VAL A 4 3.58 -16.84 -16.61
N PRO A 5 4.36 -16.43 -15.58
CA PRO A 5 4.77 -15.04 -15.45
C PRO A 5 5.86 -14.69 -16.46
N ARG A 6 5.83 -13.45 -16.92
CA ARG A 6 6.80 -12.97 -17.88
C ARG A 6 6.93 -11.45 -17.80
N GLY A 7 8.16 -10.99 -18.03
CA GLY A 7 8.43 -9.56 -17.98
C GLY A 7 7.27 -8.76 -18.58
N SER A 8 7.31 -8.60 -19.89
CA SER A 8 6.27 -7.86 -20.59
C SER A 8 4.89 -8.43 -20.24
N MET A 9 3.89 -7.94 -20.94
CA MET A 9 2.53 -8.39 -20.71
C MET A 9 1.93 -7.73 -19.47
N ALA A 10 2.66 -7.87 -18.37
CA ALA A 10 2.22 -7.31 -17.10
C ALA A 10 2.49 -5.80 -17.10
N LEU A 11 3.44 -5.41 -17.95
CA LEU A 11 3.80 -4.01 -18.05
C LEU A 11 2.59 -3.20 -18.54
N ILE A 12 1.84 -3.82 -19.45
CA ILE A 12 0.67 -3.17 -20.01
C ILE A 12 -0.47 -3.23 -18.99
N VAL A 13 -0.61 -4.40 -18.38
CA VAL A 13 -1.65 -4.60 -17.38
C VAL A 13 -1.39 -3.70 -16.17
N LEU A 14 -0.17 -3.80 -15.66
CA LEU A 14 0.22 -3.00 -14.52
C LEU A 14 -0.19 -1.54 -14.76
N GLY A 15 0.24 -1.02 -15.90
CA GLY A 15 -0.07 0.36 -16.26
C GLY A 15 -1.58 0.61 -16.23
N GLY A 16 -2.32 -0.39 -16.73
CA GLY A 16 -3.77 -0.28 -16.77
C GLY A 16 -4.37 -0.50 -15.38
N VAL A 17 -3.54 -1.02 -14.48
CA VAL A 17 -3.98 -1.28 -13.12
C VAL A 17 -3.60 -0.10 -12.23
N ALA A 18 -2.38 0.38 -12.41
CA ALA A 18 -1.88 1.50 -11.64
C ALA A 18 -3.00 2.54 -11.48
N GLY A 19 -3.50 2.99 -12.62
CA GLY A 19 -4.57 3.98 -12.62
C GLY A 19 -5.74 3.52 -11.77
N LEU A 20 -6.16 2.28 -12.01
CA LEU A 20 -7.28 1.72 -11.27
C LEU A 20 -6.95 1.73 -9.78
N LEU A 21 -5.73 1.31 -9.46
CA LEU A 21 -5.30 1.27 -8.07
C LEU A 21 -5.45 2.66 -7.46
N LEU A 22 -5.29 3.68 -8.31
CA LEU A 22 -5.40 5.05 -7.86
C LEU A 22 -6.80 5.28 -7.28
N PHE A 23 -7.80 5.03 -8.11
CA PHE A 23 -9.19 5.20 -7.69
C PHE A 23 -9.53 4.25 -6.54
N ILE A 24 -9.03 3.04 -6.65
CA ILE A 24 -9.27 2.03 -5.63
C ILE A 24 -8.70 2.50 -4.30
N GLY A 25 -7.55 3.15 -4.39
CA GLY A 25 -6.88 3.66 -3.20
C GLY A 25 -7.53 4.98 -2.74
N LEU A 26 -7.99 5.74 -3.72
CA LEU A 26 -8.62 7.02 -3.42
C LEU A 26 -10.00 6.77 -2.82
N GLY A 27 -10.69 5.78 -3.37
CA GLY A 27 -12.02 5.44 -2.88
C GLY A 27 -11.98 5.07 -1.40
N ILE A 28 -10.96 4.31 -1.03
CA ILE A 28 -10.80 3.89 0.35
C ILE A 28 -10.28 5.06 1.18
N PHE A 29 -9.22 5.67 0.69
CA PHE A 29 -8.62 6.81 1.37
C PHE A 29 -9.67 7.85 1.73
N PHE A 30 -10.36 8.33 0.70
CA PHE A 30 -11.39 9.34 0.89
C PHE A 30 -12.35 8.94 2.01
N SER A 31 -12.62 7.63 2.07
CA SER A 31 -13.52 7.10 3.09
C SER A 31 -12.94 7.35 4.48
N VAL A 32 -11.70 6.93 4.65
CA VAL A 32 -11.01 7.10 5.93
C VAL A 32 -10.73 8.58 6.16
N ARG A 33 -9.54 8.99 5.76
CA ARG A 33 -9.12 10.37 5.91
C ARG A 33 -9.66 10.95 7.23
N SER A 34 -8.85 10.81 8.27
CA SER A 34 -9.23 11.30 9.58
C SER A 34 -9.91 12.67 9.45
N ARG A 35 -9.14 13.63 8.95
CA ARG A 35 -9.65 14.98 8.76
C ARG A 35 -8.61 15.85 8.05
N HIS A 36 -7.50 16.06 8.73
CA HIS A 36 -6.42 16.87 8.19
C HIS A 36 -5.21 16.81 9.12
N ARG A 37 -4.04 16.97 8.53
CA ARG A 37 -2.81 16.94 9.29
C ARG A 37 -2.92 17.83 10.53
N ARG A 38 -3.70 18.89 10.38
CA ARG A 38 -3.91 19.83 11.48
C ARG A 38 -2.59 20.45 11.90
N ARG A 39 -1.85 19.71 12.72
CA ARG A 39 -0.56 20.18 13.21
C ARG A 39 0.53 19.17 12.86
N GLN A 40 1.72 19.44 13.39
CA GLN A 40 2.86 18.56 13.14
C GLN A 40 2.73 17.29 13.98
N ALA A 41 2.43 16.19 13.31
CA ALA A 41 2.29 14.91 13.97
C ALA A 41 1.94 13.84 12.94
N GLU A 42 0.65 13.54 12.85
CA GLU A 42 0.19 12.54 11.91
C GLU A 42 1.08 11.31 11.95
N ARG A 43 2.04 11.28 11.04
CA ARG A 43 2.97 10.16 10.96
C ARG A 43 3.97 10.22 12.13
N MET A 44 4.55 11.39 12.31
CA MET A 44 5.51 11.58 13.38
C MET A 44 4.87 11.37 14.75
N SER A 45 5.69 11.42 15.78
CA SER A 45 5.22 11.23 17.14
C SER A 45 4.79 9.78 17.35
N GLN A 46 3.82 9.36 16.53
CA GLN A 46 3.32 8.00 16.62
C GLN A 46 4.38 7.00 16.16
N ILE A 47 4.64 7.03 14.85
CA ILE A 47 5.63 6.14 14.27
C ILE A 47 6.82 6.02 15.23
N LYS A 48 7.32 7.17 15.65
CA LYS A 48 8.46 7.21 16.54
C LYS A 48 8.34 6.07 17.56
N ARG A 49 7.31 6.17 18.39
CA ARG A 49 7.08 5.15 19.41
C ARG A 49 6.55 3.86 18.76
N LEU A 50 5.56 4.04 17.89
CA LEU A 50 4.96 2.92 17.20
C LEU A 50 6.06 1.91 16.83
N LEU A 51 7.06 2.41 16.12
CA LEU A 51 8.16 1.58 15.69
C LEU A 51 9.03 1.23 16.90
N SER A 52 9.26 2.23 17.74
CA SER A 52 10.06 2.04 18.93
C SER A 52 9.78 0.68 19.55
N GLU A 53 8.60 0.57 20.15
CA GLU A 53 8.19 -0.68 20.78
C GLU A 53 7.34 -1.50 19.81
N LYS A 54 7.49 -1.20 18.53
CA LYS A 54 6.74 -1.91 17.50
C LYS A 54 5.32 -2.15 17.99
N LYS A 55 4.46 -1.19 17.70
CA LYS A 55 3.06 -1.29 18.10
C LYS A 55 2.40 -2.46 17.36
N THR A 56 1.64 -3.24 18.11
CA THR A 56 0.95 -4.39 17.54
C THR A 56 0.23 -3.99 16.25
N SER A 57 0.76 -4.49 15.14
CA SER A 57 0.17 -4.19 13.84
C SER A 57 0.93 -4.94 12.75
N GLN A 58 0.67 -6.24 12.67
CA GLN A 58 1.32 -7.07 11.67
C GLN A 58 2.80 -6.71 11.56
N SER A 59 3.38 -7.12 10.44
CA SER A 59 4.79 -6.84 10.20
C SER A 59 5.04 -5.34 10.21
N PRO A 60 6.29 -4.97 10.62
CA PRO A 60 6.66 -3.57 10.69
C PRO A 60 6.91 -2.99 9.29
N HIS A 61 7.83 -3.64 8.59
CA HIS A 61 8.17 -3.20 7.23
C HIS A 61 9.26 -4.13 6.67
N ARG A 62 8.80 -5.26 6.13
CA ARG A 62 9.71 -6.23 5.56
C ARG A 62 8.96 -7.49 5.13
N PHE A 63 8.42 -7.43 3.92
CA PHE A 63 7.66 -8.55 3.39
C PHE A 63 7.23 -8.29 1.95
N GLN A 64 7.61 -9.21 1.07
CA GLN A 64 7.26 -9.10 -0.34
C GLN A 64 6.74 -10.42 -0.87
N LYS A 65 7.64 -11.18 -1.49
CA LYS A 65 7.28 -12.47 -2.05
C LYS A 65 6.02 -12.32 -2.89
N THR A 66 6.21 -11.95 -4.14
CA THR A 66 5.08 -11.77 -5.04
C THR A 66 4.09 -12.92 -4.89
N HIS A 67 4.50 -14.09 -5.35
CA HIS A 67 3.66 -15.27 -5.27
C HIS A 67 2.22 -14.89 -5.61
N SER A 68 1.93 -14.90 -6.90
CA SER A 68 0.59 -14.56 -7.38
C SER A 68 -0.45 -15.19 -6.46
N PRO A 69 -1.63 -14.49 -6.38
CA PRO A 69 -2.72 -14.97 -5.54
C PRO A 69 -3.43 -16.16 -6.20
N ILE A 70 -3.71 -16.01 -7.49
CA ILE A 70 -4.38 -17.06 -8.24
C ILE A 70 -3.82 -18.42 -7.82
N GLY A 1 -6.85 7.16 -40.99
CA GLY A 1 -7.90 6.30 -40.49
C GLY A 1 -9.18 6.44 -41.32
N PRO A 2 -10.18 5.60 -40.98
CA PRO A 2 -11.45 5.61 -41.68
C PRO A 2 -12.29 6.83 -41.28
N LEU A 3 -13.46 6.94 -41.88
CA LEU A 3 -14.36 8.05 -41.59
C LEU A 3 -15.34 7.62 -40.49
N VAL A 4 -15.21 6.37 -40.07
CA VAL A 4 -16.07 5.83 -39.04
C VAL A 4 -15.23 5.53 -37.79
N PRO A 5 -15.93 5.52 -36.62
CA PRO A 5 -15.27 5.25 -35.35
C PRO A 5 -14.93 3.76 -35.22
N ARG A 6 -14.12 3.47 -34.22
CA ARG A 6 -13.72 2.09 -33.97
C ARG A 6 -13.50 1.35 -35.29
N GLY A 7 -12.26 1.40 -35.76
CA GLY A 7 -11.91 0.74 -37.01
C GLY A 7 -10.53 1.19 -37.49
N SER A 8 -9.54 0.38 -37.21
CA SER A 8 -8.16 0.68 -37.61
C SER A 8 -7.72 1.99 -36.96
N MET A 9 -6.43 2.03 -36.62
CA MET A 9 -5.86 3.21 -36.01
C MET A 9 -6.15 3.24 -34.49
N ALA A 10 -7.42 3.03 -34.17
CA ALA A 10 -7.84 3.02 -32.78
C ALA A 10 -7.54 1.65 -32.17
N LEU A 11 -7.74 0.62 -32.97
CA LEU A 11 -7.49 -0.74 -32.52
C LEU A 11 -6.07 -0.83 -31.94
N ILE A 12 -5.16 -0.12 -32.58
CA ILE A 12 -3.78 -0.11 -32.13
C ILE A 12 -3.64 0.81 -30.91
N VAL A 13 -4.46 1.85 -30.91
CA VAL A 13 -4.45 2.80 -29.82
C VAL A 13 -4.92 2.11 -28.53
N LEU A 14 -6.11 1.54 -28.60
CA LEU A 14 -6.67 0.84 -27.46
C LEU A 14 -5.58 0.03 -26.76
N GLY A 15 -5.01 -0.91 -27.51
CA GLY A 15 -3.96 -1.75 -26.97
C GLY A 15 -2.88 -0.91 -26.29
N GLY A 16 -2.59 0.23 -26.90
CA GLY A 16 -1.58 1.13 -26.38
C GLY A 16 -2.11 1.91 -25.17
N VAL A 17 -3.43 1.90 -25.04
CA VAL A 17 -4.06 2.59 -23.93
C VAL A 17 -4.30 1.60 -22.78
N ALA A 18 -4.75 0.41 -23.15
CA ALA A 18 -5.01 -0.63 -22.17
C ALA A 18 -3.92 -0.61 -21.11
N GLY A 19 -2.69 -0.84 -21.55
CA GLY A 19 -1.55 -0.85 -20.65
C GLY A 19 -1.53 0.40 -19.79
N LEU A 20 -1.61 1.55 -20.45
CA LEU A 20 -1.61 2.82 -19.76
C LEU A 20 -2.72 2.84 -18.71
N LEU A 21 -3.90 2.42 -19.15
CA LEU A 21 -5.05 2.38 -18.26
C LEU A 21 -4.70 1.56 -17.01
N LEU A 22 -3.87 0.56 -17.22
CA LEU A 22 -3.45 -0.30 -16.12
C LEU A 22 -2.77 0.55 -15.04
N PHE A 23 -1.66 1.16 -15.43
CA PHE A 23 -0.91 1.99 -14.52
C PHE A 23 -1.78 3.13 -13.98
N ILE A 24 -2.56 3.72 -14.88
CA ILE A 24 -3.44 4.81 -14.51
C ILE A 24 -4.46 4.32 -13.49
N GLY A 25 -4.98 3.13 -13.73
CA GLY A 25 -5.96 2.53 -12.84
C GLY A 25 -5.30 2.04 -11.56
N LEU A 26 -4.04 1.62 -11.69
CA LEU A 26 -3.30 1.12 -10.54
C LEU A 26 -2.91 2.30 -9.65
N GLY A 27 -2.49 3.37 -10.29
CA GLY A 27 -2.09 4.57 -9.55
C GLY A 27 -3.23 5.08 -8.67
N ILE A 28 -4.42 5.12 -9.26
CA ILE A 28 -5.59 5.59 -8.54
C ILE A 28 -6.03 4.52 -7.53
N PHE A 29 -6.41 3.37 -8.06
CA PHE A 29 -6.86 2.27 -7.23
C PHE A 29 -6.01 2.19 -5.95
N PHE A 30 -4.71 2.07 -6.15
CA PHE A 30 -3.79 1.99 -5.03
C PHE A 30 -4.04 3.11 -4.02
N SER A 31 -4.16 4.32 -4.55
CA SER A 31 -4.39 5.48 -3.71
C SER A 31 -5.70 5.30 -2.93
N VAL A 32 -6.77 5.06 -3.66
CA VAL A 32 -8.06 4.87 -3.05
C VAL A 32 -7.95 3.82 -1.94
N ARG A 33 -7.27 2.73 -2.25
CA ARG A 33 -7.08 1.66 -1.29
C ARG A 33 -6.34 2.17 -0.06
N SER A 34 -7.12 2.65 0.91
CA SER A 34 -6.56 3.18 2.14
C SER A 34 -5.84 2.06 2.90
N ARG A 35 -4.61 2.34 3.28
CA ARG A 35 -3.80 1.37 4.02
C ARG A 35 -4.36 1.20 5.44
N HIS A 36 -4.84 -0.01 5.72
CA HIS A 36 -5.38 -0.31 7.02
C HIS A 36 -4.28 -0.88 7.93
N ARG A 37 -4.15 -0.28 9.09
CA ARG A 37 -3.15 -0.71 10.05
C ARG A 37 -3.05 -2.24 10.06
N ARG A 38 -1.82 -2.73 10.06
CA ARG A 38 -1.59 -4.16 10.08
C ARG A 38 -0.32 -4.48 10.86
N ARG A 39 -0.51 -4.72 12.16
CA ARG A 39 0.60 -5.03 13.04
C ARG A 39 0.22 -4.74 14.49
N GLN A 40 -0.73 -3.84 14.66
CA GLN A 40 -1.19 -3.47 15.98
C GLN A 40 -0.49 -2.20 16.45
N ALA A 41 0.32 -1.65 15.56
CA ALA A 41 1.07 -0.44 15.87
C ALA A 41 0.77 0.62 14.80
N GLU A 42 1.61 0.63 13.78
CA GLU A 42 1.46 1.58 12.69
C GLU A 42 1.63 3.01 13.20
N ARG A 43 0.58 3.50 13.85
CA ARG A 43 0.60 4.85 14.39
C ARG A 43 1.01 4.82 15.87
N MET A 44 0.52 3.80 16.57
CA MET A 44 0.83 3.65 17.97
C MET A 44 2.35 3.66 18.21
N SER A 45 3.03 2.83 17.43
CA SER A 45 4.48 2.73 17.54
C SER A 45 5.11 4.13 17.46
N GLN A 46 4.35 5.06 16.91
CA GLN A 46 4.82 6.43 16.76
C GLN A 46 4.24 7.30 17.88
N ILE A 47 2.93 7.22 18.03
CA ILE A 47 2.25 7.99 19.05
C ILE A 47 2.97 7.82 20.38
N LYS A 48 3.23 6.57 20.72
CA LYS A 48 3.91 6.25 21.96
C LYS A 48 4.98 7.31 22.23
N ARG A 49 5.59 7.78 21.15
CA ARG A 49 6.63 8.79 21.27
C ARG A 49 6.01 10.19 21.29
N LEU A 50 5.11 10.42 20.34
CA LEU A 50 4.44 11.71 20.25
C LEU A 50 4.03 12.16 21.65
N LEU A 51 3.73 11.19 22.49
CA LEU A 51 3.33 11.47 23.86
C LEU A 51 4.50 11.22 24.81
N SER A 52 5.12 10.05 24.64
CA SER A 52 6.25 9.68 25.47
C SER A 52 7.45 9.32 24.59
N GLU A 53 8.16 10.36 24.19
CA GLU A 53 9.35 10.18 23.35
C GLU A 53 10.47 9.55 24.15
N LYS A 54 10.40 9.71 25.46
CA LYS A 54 11.41 9.17 26.35
C LYS A 54 11.40 7.64 26.25
N LYS A 55 12.59 7.07 26.31
CA LYS A 55 12.72 5.62 26.24
C LYS A 55 12.18 4.99 27.52
N THR A 56 11.75 3.74 27.39
CA THR A 56 11.22 3.01 28.53
C THR A 56 10.38 3.94 29.41
N SER A 57 9.16 4.21 28.94
CA SER A 57 8.25 5.08 29.67
C SER A 57 7.26 4.23 30.46
N GLN A 58 6.41 3.51 29.73
CA GLN A 58 5.42 2.66 30.36
C GLN A 58 5.97 1.25 30.58
N SER A 59 6.29 0.60 29.48
CA SER A 59 6.83 -0.75 29.54
C SER A 59 8.07 -0.85 28.64
N PRO A 60 8.95 -1.83 29.00
CA PRO A 60 10.17 -2.05 28.24
C PRO A 60 9.87 -2.75 26.91
N HIS A 61 9.38 -3.98 27.02
CA HIS A 61 9.05 -4.77 25.85
C HIS A 61 8.26 -6.01 26.27
N ARG A 62 7.84 -6.77 25.27
CA ARG A 62 7.07 -7.97 25.52
C ARG A 62 7.95 -9.21 25.31
N PHE A 63 8.46 -9.33 24.09
CA PHE A 63 9.32 -10.45 23.74
C PHE A 63 8.64 -11.78 24.08
N GLN A 64 9.28 -12.86 23.67
CA GLN A 64 8.76 -14.20 23.92
C GLN A 64 9.78 -15.03 24.70
N LYS A 65 9.40 -16.27 24.95
CA LYS A 65 10.27 -17.18 25.68
C LYS A 65 10.86 -18.21 24.71
N THR A 66 12.10 -18.60 25.00
CA THR A 66 12.79 -19.57 24.17
C THR A 66 13.63 -20.51 25.04
N HIS A 67 13.54 -21.80 24.72
CA HIS A 67 14.28 -22.81 25.46
C HIS A 67 14.07 -24.17 24.82
N SER A 68 14.82 -25.15 25.31
CA SER A 68 14.72 -26.50 24.79
C SER A 68 15.45 -27.47 25.71
N PRO A 69 14.66 -28.44 26.27
CA PRO A 69 15.23 -29.43 27.17
C PRO A 69 16.05 -30.47 26.41
N ILE A 70 15.38 -31.10 25.44
CA ILE A 70 16.04 -32.11 24.63
C ILE A 70 16.61 -31.47 23.36
#